data_8YAR
#
_entry.id   8YAR
#
_cell.length_a   1.00
_cell.length_b   1.00
_cell.length_c   1.00
_cell.angle_alpha   90.00
_cell.angle_beta   90.00
_cell.angle_gamma   90.00
#
_symmetry.space_group_name_H-M   'P 1'
#
loop_
_entity.id
_entity.type
_entity.pdbx_description
1 polymer 'Tubulin alpha-3 chain'
2 polymer 'Alpha-tubulin N-acetyltransferase 2'
3 polymer 'Tubulin beta-1 chain'
4 non-polymer "GUANOSINE-5'-TRIPHOSPHATE"
5 non-polymer 'ACETYL COENZYME *A'
6 non-polymer 'PHOSPHOMETHYLPHOSPHONIC ACID GUANYLATE ESTER'
#
loop_
_entity_poly.entity_id
_entity_poly.type
_entity_poly.pdbx_seq_one_letter_code
_entity_poly.pdbx_strand_id
1 'polypeptide(L)'
;MREVISIHIGQAGVQIGNACWELYCLEHGIQPDGQMPSDRSLGGSDDSFSTFFSETGSGRHVPRAVMVDLEPTVIDEIRT
GTYRSLFHPEQLITGKEDAANNYARGHYTIGKEIIDLTLDRIRRLADNCTGLQGFLVFHSFGGGTGSGFTSLLMERLSVD
YGKKAKLEFSIYPAPQVSTAVVEPYNSILTTHTTLEHSDCSFMVDNEAIYDICRRNLDIERPSYTNLNRLIGQIVSSITA
SLRFDGALNVDLTEFQTNLVPYPRIHFPLATFSPVISAEKAYHEQLSVAEITNMCFEPHNQMVKCDPRHGKYMAVCLLFR
GDVVPKDVNAAIATIKTKRSIQFVDWCPTGFKVGINYQPPTVVPGGDLAKVPRAVCMLSNTTAIAEAWARLDHKFDLMYA
KRAFVHWYVGEGMEEGEFSEAREDLAALEKDYEEVGVDSMEDNGEEGDEY
;
B,E
2 'polypeptide(L)'
;MEIAFDLSTIFTDNIQRLTRTDLLKYGPKRYWAVAQSIDCLGEMSSKFHGWKRVITMYDKIVDHDEEQTTYIMWEKVNGS
KSILKGLLRVGYKTLYLTDNEQNQYMEKAMCILDFFVVPTEQRSGNGFKMFDEMLKAENVTVDQCAFDKPSAALQQFLEK
YYDRKDLVWQSNKYALCSNFFIGRHPTVPFTPRQTKRASRASSAVSSHASSRNTSPIGRNRPRHDSVADLMRQDMLAGVR
AEVDPNSPTGLKNARDFGHRRIW
;
C,I
3 'polypeptide(L)'
;MREIVHIQAGQCGNQIGSKFWEVISDEHGIDPSGQYVGDSDLQLERINVYYNEAGSNKYVPRAVLVDLEPGTMDSVRSGP
FGQLFRPDNYVFGQSGAGNNWAKGHYTEGAELVDNVLDVVRKEAESTDCLQGFQLTHSLGGGTGSGMGTLLISKIREEYP
DRIMNTFSVVPSPKVSDTVVEPYNATLSVHQLVENTDSTFCIDNEALYDICFRTLKLTTPTYGDLNHLVSATMSGVTTCL
RFPGQLNADLRKLAVNMVPFPRLHFFMPGFAPLTSRSNQQYRAITVPELTQQCFDAKNMMAACDPRHGRYLTAAAIFRGR
MSMKEVDEQMLNIQNKNSSYFVDWIPNNVKTAVCDIPPRGLKMSATFIGNSTAIQELFKRISEQFTAMFRRKAFLHWYTG
EGMDEMEFTEAESNMNDLVSEYQQYQEAAADEDAAEAFDGE
;
D,F
#
loop_
_chem_comp.id
_chem_comp.type
_chem_comp.name
_chem_comp.formula
ACO non-polymer 'ACETYL COENZYME *A' 'C23 H38 N7 O17 P3 S'
G2P non-polymer 'PHOSPHOMETHYLPHOSPHONIC ACID GUANYLATE ESTER' 'C11 H18 N5 O13 P3'
GTP non-polymer GUANOSINE-5'-TRIPHOSPHATE 'C10 H16 N5 O14 P3'
#
# COMPACT_ATOMS: atom_id res chain seq x y z
N MET A 1 -5.19 -3.79 7.57
CA MET A 1 -4.00 -4.08 8.35
C MET A 1 -4.15 -3.57 9.78
N ARG A 2 -3.69 -4.37 10.74
CA ARG A 2 -3.79 -4.04 12.16
C ARG A 2 -2.40 -3.95 12.76
N GLU A 3 -2.23 -3.03 13.70
CA GLU A 3 -0.94 -2.82 14.35
C GLU A 3 -1.17 -2.32 15.77
N VAL A 4 -0.15 -2.52 16.61
CA VAL A 4 -0.20 -2.15 18.02
C VAL A 4 1.08 -1.43 18.37
N ILE A 5 1.02 -0.60 19.41
CA ILE A 5 2.15 0.19 19.88
C ILE A 5 2.50 -0.27 21.29
N SER A 6 3.78 -0.55 21.50
CA SER A 6 4.28 -1.01 22.80
C SER A 6 5.12 0.09 23.44
N ILE A 7 4.85 0.38 24.70
CA ILE A 7 5.57 1.39 25.46
C ILE A 7 6.16 0.73 26.70
N HIS A 8 7.44 0.97 26.95
CA HIS A 8 8.14 0.37 28.09
C HIS A 8 8.76 1.48 28.92
N ILE A 9 8.54 1.43 30.23
CA ILE A 9 8.93 2.49 31.15
C ILE A 9 9.66 1.88 32.33
N GLY A 10 10.77 2.51 32.73
CA GLY A 10 11.53 2.05 33.87
C GLY A 10 12.44 0.88 33.51
N GLN A 11 13.31 0.47 34.43
CA GLN A 11 14.22 -0.64 34.14
C GLN A 11 13.44 -1.92 33.89
N ALA A 12 12.42 -2.20 34.71
CA ALA A 12 11.61 -3.40 34.52
C ALA A 12 10.91 -3.37 33.18
N GLY A 13 10.28 -2.24 32.84
CA GLY A 13 9.61 -2.14 31.57
C GLY A 13 10.55 -2.31 30.40
N VAL A 14 11.74 -1.72 30.48
CA VAL A 14 12.71 -1.82 29.40
C VAL A 14 13.18 -3.26 29.22
N GLN A 15 13.46 -3.95 30.32
CA GLN A 15 13.92 -5.33 30.21
C GLN A 15 12.82 -6.25 29.68
N ILE A 16 11.58 -6.05 30.16
CA ILE A 16 10.46 -6.83 29.61
C ILE A 16 10.30 -6.55 28.13
N GLY A 17 10.46 -5.28 27.73
CA GLY A 17 10.38 -4.95 26.32
C GLY A 17 11.45 -5.64 25.50
N ASN A 18 12.68 -5.65 26.01
CA ASN A 18 13.76 -6.34 25.31
C ASN A 18 13.43 -7.81 25.12
N ALA A 19 12.97 -8.47 26.18
CA ALA A 19 12.65 -9.89 26.09
C ALA A 19 11.51 -10.16 25.11
N CYS A 20 10.42 -9.39 25.23
CA CYS A 20 9.26 -9.65 24.38
C CYS A 20 9.57 -9.32 22.93
N TRP A 21 10.40 -8.30 22.68
CA TRP A 21 10.75 -7.99 21.30
C TRP A 21 11.70 -9.04 20.72
N GLU A 22 12.57 -9.61 21.55
CA GLU A 22 13.34 -10.76 21.08
C GLU A 22 12.41 -11.90 20.70
N LEU A 23 11.40 -12.16 21.52
CA LEU A 23 10.46 -13.23 21.21
C LEU A 23 9.70 -12.95 19.92
N TYR A 24 9.27 -11.69 19.72
CA TYR A 24 8.58 -11.33 18.49
C TYR A 24 9.47 -11.49 17.27
N CYS A 25 10.73 -11.06 17.38
CA CYS A 25 11.65 -11.21 16.25
C CYS A 25 11.85 -12.67 15.91
N LEU A 26 11.96 -13.52 16.93
CA LEU A 26 12.08 -14.95 16.66
C LEU A 26 10.81 -15.51 16.04
N GLU A 27 9.65 -15.06 16.50
CA GLU A 27 8.38 -15.58 15.97
C GLU A 27 8.19 -15.19 14.51
N HIS A 28 8.50 -13.95 14.16
CA HIS A 28 8.32 -13.46 12.80
C HIS A 28 9.54 -13.67 11.92
N GLY A 29 10.58 -14.34 12.43
CA GLY A 29 11.78 -14.59 11.65
C GLY A 29 12.52 -13.32 11.27
N ILE A 30 12.73 -12.45 12.25
CA ILE A 30 13.39 -11.17 12.04
C ILE A 30 14.76 -11.22 12.71
N GLN A 31 15.80 -10.82 11.96
CA GLN A 31 17.15 -10.81 12.48
C GLN A 31 17.28 -9.78 13.60
N PRO A 32 18.26 -9.97 14.49
CA PRO A 32 18.47 -8.99 15.57
C PRO A 32 18.81 -7.60 15.07
N ASP A 33 19.33 -7.46 13.85
CA ASP A 33 19.64 -6.14 13.31
C ASP A 33 18.47 -5.53 12.55
N GLY A 34 17.31 -6.20 12.54
CA GLY A 34 16.14 -5.69 11.86
C GLY A 34 15.88 -6.29 10.49
N GLN A 35 16.83 -7.03 9.94
CA GLN A 35 16.66 -7.67 8.65
C GLN A 35 15.65 -8.80 8.74
N MET A 36 14.93 -9.02 7.64
CA MET A 36 14.04 -10.18 7.47
C MET A 36 14.58 -11.01 6.31
N PRO A 37 15.36 -12.06 6.60
CA PRO A 37 15.95 -12.85 5.51
C PRO A 37 14.92 -13.60 4.69
N SER A 38 13.73 -13.85 5.23
CA SER A 38 12.71 -14.62 4.53
C SER A 38 12.03 -13.73 3.50
N ASP A 39 12.64 -13.67 2.31
CA ASP A 39 12.11 -12.84 1.24
C ASP A 39 10.74 -13.33 0.79
N ARG A 40 10.56 -14.64 0.74
CA ARG A 40 9.27 -15.16 0.24
C ARG A 40 8.17 -14.80 1.25
N SER A 41 8.46 -14.89 2.56
CA SER A 41 7.44 -14.58 3.56
C SER A 41 7.01 -13.12 3.52
N LEU A 42 7.82 -12.24 2.90
CA LEU A 42 7.44 -10.84 2.80
C LEU A 42 6.19 -10.64 1.97
N GLY A 43 5.95 -11.49 0.97
CA GLY A 43 4.76 -11.43 0.16
C GLY A 43 3.63 -12.32 0.59
N GLY A 44 3.80 -13.09 1.66
CA GLY A 44 2.75 -13.98 2.13
C GLY A 44 2.00 -13.44 3.33
N SER A 45 2.33 -13.95 4.52
CA SER A 45 1.69 -13.51 5.75
C SER A 45 2.27 -12.16 6.17
N ASP A 46 1.91 -11.14 5.39
CA ASP A 46 2.44 -9.79 5.62
C ASP A 46 1.92 -9.22 6.93
N ASP A 47 0.63 -9.43 7.23
CA ASP A 47 0.03 -8.82 8.40
C ASP A 47 0.66 -9.32 9.69
N SER A 48 1.21 -10.54 9.69
CA SER A 48 1.79 -11.12 10.90
C SER A 48 2.87 -10.22 11.48
N PHE A 49 3.93 -9.98 10.71
CA PHE A 49 5.01 -9.13 11.19
C PHE A 49 4.63 -7.65 11.13
N SER A 50 3.73 -7.28 10.22
CA SER A 50 3.31 -5.88 10.14
C SER A 50 2.51 -5.46 11.36
N THR A 51 1.98 -6.41 12.13
CA THR A 51 1.26 -6.06 13.34
C THR A 51 2.18 -5.38 14.35
N PHE A 52 3.41 -5.88 14.48
CA PHE A 52 4.35 -5.36 15.46
C PHE A 52 5.48 -4.54 14.86
N PHE A 53 5.85 -4.80 13.60
CA PHE A 53 7.00 -4.17 12.98
C PHE A 53 6.55 -3.32 11.80
N SER A 54 7.03 -2.07 11.77
CA SER A 54 6.79 -1.19 10.65
C SER A 54 7.77 -1.52 9.52
N GLU A 55 7.36 -1.21 8.30
CA GLU A 55 8.15 -1.49 7.11
C GLU A 55 8.87 -0.24 6.64
N THR A 56 10.17 -0.37 6.38
CA THR A 56 10.97 0.74 5.90
C THR A 56 11.13 0.66 4.38
N GLY A 57 11.68 1.73 3.81
CA GLY A 57 11.92 1.76 2.38
C GLY A 57 13.10 0.91 1.93
N SER A 58 13.93 0.47 2.87
CA SER A 58 15.10 -0.34 2.57
C SER A 58 14.84 -1.83 2.76
N GLY A 59 13.61 -2.22 3.06
CA GLY A 59 13.29 -3.60 3.36
C GLY A 59 13.53 -4.01 4.79
N ARG A 60 14.04 -3.11 5.63
CA ARG A 60 14.24 -3.38 7.04
C ARG A 60 12.92 -3.28 7.80
N HIS A 61 12.93 -3.76 9.03
CA HIS A 61 11.76 -3.72 9.90
C HIS A 61 12.09 -3.00 11.19
N VAL A 62 11.29 -1.99 11.52
CA VAL A 62 11.47 -1.17 12.70
C VAL A 62 10.35 -1.51 13.70
N PRO A 63 10.67 -2.02 14.88
CA PRO A 63 9.61 -2.30 15.86
C PRO A 63 8.87 -1.04 16.26
N ARG A 64 7.57 -1.18 16.46
CA ARG A 64 6.73 -0.07 16.92
C ARG A 64 6.78 0.04 18.44
N ALA A 65 7.98 0.33 18.94
CA ALA A 65 8.24 0.35 20.37
C ALA A 65 8.87 1.68 20.78
N VAL A 66 8.65 2.05 22.03
CA VAL A 66 9.22 3.26 22.61
C VAL A 66 10.05 2.87 23.82
N MET A 67 11.35 3.12 23.77
CA MET A 67 12.25 2.89 24.89
C MET A 67 12.46 4.22 25.60
N VAL A 68 11.81 4.39 26.75
CA VAL A 68 11.88 5.63 27.51
C VAL A 68 12.30 5.32 28.94
N ASP A 69 13.23 6.10 29.46
CA ASP A 69 13.68 5.98 30.84
C ASP A 69 14.35 7.29 31.24
N LEU A 70 14.27 7.62 32.53
CA LEU A 70 14.87 8.86 33.01
C LEU A 70 16.39 8.79 33.07
N GLU A 71 16.98 7.61 32.97
CA GLU A 71 18.42 7.46 32.97
C GLU A 71 18.86 6.60 31.79
N PRO A 72 20.07 6.79 31.28
CA PRO A 72 20.44 6.17 30.01
C PRO A 72 21.05 4.79 30.11
N THR A 73 21.53 4.38 31.28
CA THR A 73 22.32 3.17 31.39
C THR A 73 21.53 1.94 30.94
N VAL A 74 20.27 1.83 31.37
CA VAL A 74 19.45 0.69 30.96
C VAL A 74 19.20 0.75 29.46
N ILE A 75 19.09 1.95 28.90
CA ILE A 75 18.96 2.09 27.45
C ILE A 75 20.32 2.00 26.78
N ASP A 76 21.38 2.46 27.46
CA ASP A 76 22.73 2.29 26.92
C ASP A 76 23.06 0.83 26.72
N GLU A 77 22.49 -0.05 27.54
CA GLU A 77 22.68 -1.48 27.33
C GLU A 77 22.11 -1.91 25.99
N ILE A 78 20.92 -1.40 25.63
CA ILE A 78 20.35 -1.71 24.33
C ILE A 78 21.21 -1.12 23.21
N ARG A 79 21.64 0.13 23.38
CA ARG A 79 22.47 0.76 22.35
C ARG A 79 23.82 0.05 22.20
N THR A 80 24.23 -0.72 23.21
CA THR A 80 25.47 -1.47 23.15
C THR A 80 25.23 -2.98 22.95
N GLY A 81 24.01 -3.45 23.18
CA GLY A 81 23.72 -4.87 23.10
C GLY A 81 23.53 -5.35 21.67
N THR A 82 22.99 -6.56 21.57
CA THR A 82 22.80 -7.18 20.26
C THR A 82 21.79 -6.41 19.42
N TYR A 83 20.74 -5.89 20.06
CA TYR A 83 19.64 -5.25 19.34
C TYR A 83 19.84 -3.74 19.19
N ARG A 84 21.09 -3.28 19.10
CA ARG A 84 21.33 -1.85 18.97
C ARG A 84 20.75 -1.30 17.67
N SER A 85 20.87 -2.04 16.57
CA SER A 85 20.35 -1.59 15.29
C SER A 85 18.90 -1.99 15.06
N LEU A 86 18.33 -2.81 15.94
CA LEU A 86 16.94 -3.24 15.76
C LEU A 86 15.98 -2.07 15.90
N PHE A 87 16.12 -1.30 16.97
CA PHE A 87 15.18 -0.23 17.28
C PHE A 87 15.59 1.06 16.59
N HIS A 88 14.60 1.86 16.22
CA HIS A 88 14.86 3.16 15.63
C HIS A 88 15.51 4.06 16.67
N PRO A 89 16.58 4.78 16.33
CA PRO A 89 17.33 5.51 17.37
C PRO A 89 16.51 6.56 18.12
N GLU A 90 15.56 7.21 17.45
CA GLU A 90 14.82 8.28 18.11
C GLU A 90 13.87 7.74 19.17
N GLN A 91 13.36 6.52 18.99
CA GLN A 91 12.48 5.91 19.99
C GLN A 91 13.23 5.53 21.27
N LEU A 92 14.56 5.55 21.25
CA LEU A 92 15.37 5.24 22.43
C LEU A 92 15.52 6.53 23.24
N ILE A 93 14.45 6.91 23.92
CA ILE A 93 14.41 8.15 24.68
C ILE A 93 15.09 7.94 26.02
N THR A 94 16.07 8.79 26.33
CA THR A 94 16.84 8.69 27.56
C THR A 94 16.84 10.02 28.27
N GLY A 95 16.54 10.01 29.57
CA GLY A 95 16.69 11.19 30.37
C GLY A 95 18.12 11.39 30.84
N LYS A 96 18.31 12.42 31.67
CA LYS A 96 19.66 12.70 32.16
C LYS A 96 20.00 11.81 33.35
N GLU A 97 19.16 11.83 34.39
CA GLU A 97 19.40 11.01 35.57
C GLU A 97 18.09 10.38 36.02
N ASP A 98 18.20 9.25 36.72
CA ASP A 98 17.06 8.46 37.12
C ASP A 98 16.19 9.22 38.12
N ALA A 99 15.04 8.61 38.45
CA ALA A 99 14.11 9.19 39.41
C ALA A 99 14.42 8.79 40.85
N ALA A 100 15.44 7.95 41.07
CA ALA A 100 15.85 7.53 42.40
C ALA A 100 14.70 6.90 43.18
N ASN A 101 13.87 6.13 42.46
CA ASN A 101 12.75 5.41 43.05
C ASN A 101 11.80 6.35 43.80
N ASN A 102 11.52 7.50 43.19
CA ASN A 102 10.59 8.48 43.74
C ASN A 102 9.51 8.76 42.71
N TYR A 103 8.25 8.59 43.12
CA TYR A 103 7.14 8.84 42.21
C TYR A 103 7.02 10.32 41.87
N ALA A 104 7.24 11.18 42.86
CA ALA A 104 7.10 12.62 42.63
C ALA A 104 8.12 13.11 41.61
N ARG A 105 9.35 12.60 41.67
CA ARG A 105 10.37 13.00 40.71
C ARG A 105 9.97 12.62 39.29
N GLY A 106 9.40 11.42 39.12
CA GLY A 106 8.97 10.99 37.81
C GLY A 106 7.62 11.50 37.37
N HIS A 107 6.89 12.19 38.25
CA HIS A 107 5.57 12.70 37.92
C HIS A 107 5.51 14.21 37.75
N TYR A 108 6.30 14.97 38.51
CA TYR A 108 6.24 16.42 38.48
C TYR A 108 7.52 17.04 37.95
N THR A 109 8.67 16.73 38.54
CA THR A 109 9.89 17.46 38.25
C THR A 109 10.57 16.95 36.98
N ILE A 110 11.00 15.69 36.99
CA ILE A 110 11.82 15.17 35.89
C ILE A 110 10.99 14.63 34.74
N GLY A 111 9.77 14.15 35.00
CA GLY A 111 8.96 13.59 33.93
C GLY A 111 8.64 14.61 32.85
N LYS A 112 8.26 15.82 33.26
CA LYS A 112 7.86 16.85 32.31
C LYS A 112 8.99 17.25 31.38
N GLU A 113 10.23 16.97 31.73
CA GLU A 113 11.36 17.33 30.88
C GLU A 113 11.39 16.54 29.58
N ILE A 114 10.88 15.31 29.58
CA ILE A 114 10.89 14.47 28.39
C ILE A 114 9.51 13.95 28.02
N ILE A 115 8.46 14.32 28.75
CA ILE A 115 7.12 13.86 28.40
C ILE A 115 6.71 14.41 27.03
N ASP A 116 7.11 15.64 26.72
CA ASP A 116 6.78 16.22 25.42
C ASP A 116 7.47 15.47 24.29
N LEU A 117 8.76 15.14 24.48
CA LEU A 117 9.47 14.37 23.46
C LEU A 117 8.86 12.98 23.30
N THR A 118 8.49 12.34 24.40
CA THR A 118 7.87 11.02 24.33
C THR A 118 6.54 11.08 23.58
N LEU A 119 5.72 12.09 23.88
CA LEU A 119 4.44 12.23 23.19
C LEU A 119 4.66 12.51 21.71
N ASP A 120 5.68 13.32 21.38
CA ASP A 120 5.97 13.58 19.97
C ASP A 120 6.38 12.31 19.24
N ARG A 121 7.22 11.48 19.87
CA ARG A 121 7.64 10.23 19.23
C ARG A 121 6.45 9.29 19.07
N ILE A 122 5.58 9.23 20.07
CA ILE A 122 4.39 8.39 19.97
C ILE A 122 3.49 8.87 18.84
N ARG A 123 3.31 10.19 18.72
CA ARG A 123 2.49 10.74 17.66
C ARG A 123 3.09 10.43 16.29
N ARG A 124 4.41 10.56 16.16
CA ARG A 124 5.05 10.23 14.88
C ARG A 124 4.86 8.76 14.53
N LEU A 125 5.00 7.88 15.52
CA LEU A 125 4.80 6.46 15.28
C LEU A 125 3.35 6.15 14.89
N ALA A 126 2.40 6.80 15.56
CA ALA A 126 0.99 6.54 15.29
C ALA A 126 0.56 7.09 13.93
N ASP A 127 1.18 8.19 13.50
CA ASP A 127 0.85 8.74 12.19
C ASP A 127 1.17 7.75 11.07
N ASN A 128 2.30 7.06 11.19
CA ASN A 128 2.61 6.01 10.23
C ASN A 128 1.64 4.84 10.34
N CYS A 129 1.04 4.65 11.51
CA CYS A 129 0.09 3.56 11.69
C CYS A 129 -1.24 3.89 11.03
N THR A 130 -1.92 2.83 10.58
CA THR A 130 -3.21 2.96 9.90
C THR A 130 -4.34 2.25 10.63
N GLY A 131 -4.09 1.04 11.13
CA GLY A 131 -5.12 0.27 11.81
C GLY A 131 -4.79 0.03 13.27
N LEU A 132 -4.32 1.07 13.96
CA LEU A 132 -3.90 0.97 15.35
C LEU A 132 -5.00 0.33 16.20
N GLN A 133 -4.63 -0.72 16.93
CA GLN A 133 -5.58 -1.46 17.73
C GLN A 133 -5.53 -1.10 19.21
N GLY A 134 -4.38 -0.69 19.71
CA GLY A 134 -4.27 -0.35 21.11
C GLY A 134 -2.83 -0.04 21.48
N PHE A 135 -2.60 0.08 22.79
CA PHE A 135 -1.30 0.40 23.34
C PHE A 135 -0.92 -0.61 24.41
N LEU A 136 0.35 -1.01 24.42
CA LEU A 136 0.89 -1.90 25.43
C LEU A 136 1.89 -1.13 26.29
N VAL A 137 1.65 -1.12 27.60
CA VAL A 137 2.47 -0.37 28.55
C VAL A 137 3.17 -1.37 29.46
N PHE A 138 4.45 -1.12 29.73
CA PHE A 138 5.26 -2.01 30.55
C PHE A 138 6.00 -1.18 31.59
N HIS A 139 5.69 -1.41 32.86
CA HIS A 139 6.28 -0.63 33.94
C HIS A 139 6.13 -1.40 35.24
N SER A 140 6.76 -0.87 36.29
CA SER A 140 6.71 -1.47 37.62
C SER A 140 6.02 -0.52 38.59
N PHE A 141 5.07 -1.04 39.37
CA PHE A 141 4.36 -0.21 40.33
C PHE A 141 5.29 0.31 41.42
N GLY A 142 6.15 -0.57 41.95
CA GLY A 142 6.94 -0.21 43.13
C GLY A 142 8.04 0.78 42.87
N GLY A 143 8.51 0.89 41.63
CA GLY A 143 9.58 1.81 41.33
C GLY A 143 9.12 3.25 41.27
N GLY A 144 10.09 4.15 41.18
CA GLY A 144 9.79 5.56 41.07
C GLY A 144 9.67 6.03 39.64
N THR A 145 10.67 5.69 38.82
CA THR A 145 10.65 6.08 37.42
C THR A 145 9.40 5.56 36.71
N GLY A 146 9.15 4.27 36.83
CA GLY A 146 8.00 3.67 36.19
C GLY A 146 6.68 4.24 36.68
N SER A 147 6.49 4.25 38.00
CA SER A 147 5.22 4.71 38.55
C SER A 147 4.96 6.17 38.25
N GLY A 148 6.01 6.99 38.20
CA GLY A 148 5.83 8.40 37.91
C GLY A 148 5.59 8.67 36.44
N PHE A 149 6.45 8.11 35.59
CA PHE A 149 6.32 8.37 34.16
C PHE A 149 5.05 7.78 33.58
N THR A 150 4.67 6.57 34.04
CA THR A 150 3.42 5.99 33.58
C THR A 150 2.23 6.83 34.01
N SER A 151 2.25 7.31 35.25
CA SER A 151 1.16 8.18 35.72
C SER A 151 1.07 9.44 34.89
N LEU A 152 2.22 10.04 34.58
CA LEU A 152 2.22 11.27 33.79
C LEU A 152 1.79 11.02 32.35
N LEU A 153 2.15 9.87 31.78
CA LEU A 153 1.96 9.61 30.36
C LEU A 153 0.60 9.01 30.04
N MET A 154 0.00 8.26 30.97
CA MET A 154 -1.27 7.61 30.67
C MET A 154 -2.38 8.63 30.42
N GLU A 155 -2.43 9.68 31.23
CA GLU A 155 -3.45 10.71 31.03
C GLU A 155 -3.26 11.43 29.70
N ARG A 156 -2.01 11.71 29.33
CA ARG A 156 -1.74 12.36 28.06
C ARG A 156 -2.16 11.46 26.90
N LEU A 157 -1.85 10.17 26.97
CA LEU A 157 -2.28 9.25 25.93
C LEU A 157 -3.80 9.17 25.85
N SER A 158 -4.46 9.16 27.01
CA SER A 158 -5.92 9.08 27.02
C SER A 158 -6.55 10.32 26.39
N VAL A 159 -6.04 11.50 26.73
CA VAL A 159 -6.62 12.72 26.18
C VAL A 159 -6.28 12.86 24.71
N ASP A 160 -5.14 12.29 24.28
CA ASP A 160 -4.77 12.35 22.88
C ASP A 160 -5.62 11.42 22.03
N TYR A 161 -5.85 10.19 22.50
CA TYR A 161 -6.48 9.17 21.69
C TYR A 161 -7.86 8.72 22.19
N GLY A 162 -8.04 8.57 23.49
CA GLY A 162 -9.36 8.22 24.00
C GLY A 162 -9.75 6.77 23.80
N LYS A 163 -10.65 6.54 22.84
CA LYS A 163 -11.26 5.22 22.66
C LYS A 163 -10.24 4.12 22.37
N LYS A 164 -9.04 4.48 21.90
CA LYS A 164 -8.01 3.46 21.67
C LYS A 164 -7.68 2.72 22.96
N ALA A 165 -7.58 1.40 22.86
CA ALA A 165 -7.35 0.57 24.03
C ALA A 165 -5.96 0.82 24.61
N LYS A 166 -5.87 0.75 25.94
CA LYS A 166 -4.60 0.93 26.65
C LYS A 166 -4.44 -0.24 27.61
N LEU A 167 -3.49 -1.12 27.31
CA LEU A 167 -3.23 -2.33 28.08
C LEU A 167 -1.86 -2.25 28.71
N GLU A 168 -1.77 -2.56 30.01
CA GLU A 168 -0.48 -2.53 30.70
C GLU A 168 -0.25 -3.82 31.46
N PHE A 169 0.97 -4.36 31.32
CA PHE A 169 1.44 -5.49 32.10
C PHE A 169 2.46 -4.97 33.09
N SER A 170 2.09 -4.92 34.37
CA SER A 170 2.91 -4.29 35.40
C SER A 170 3.28 -5.32 36.45
N ILE A 171 4.44 -5.11 37.07
CA ILE A 171 4.94 -5.99 38.13
C ILE A 171 4.38 -5.47 39.44
N TYR A 172 3.39 -6.18 39.98
CA TYR A 172 2.81 -5.80 41.26
C TYR A 172 3.77 -6.16 42.39
N PRO A 173 3.88 -5.32 43.41
CA PRO A 173 4.84 -5.59 44.50
C PRO A 173 4.53 -6.89 45.23
N ALA A 174 5.58 -7.57 45.66
CA ALA A 174 5.43 -8.84 46.34
C ALA A 174 4.97 -8.64 47.78
N PRO A 175 4.16 -9.57 48.30
CA PRO A 175 3.76 -9.49 49.71
C PRO A 175 4.93 -9.59 50.67
N GLN A 176 5.97 -10.35 50.33
CA GLN A 176 7.10 -10.57 51.21
C GLN A 176 8.43 -10.12 50.62
N VAL A 177 8.62 -10.23 49.31
CA VAL A 177 9.88 -9.86 48.68
C VAL A 177 9.87 -8.35 48.42
N SER A 178 10.53 -7.58 49.28
CA SER A 178 10.61 -6.14 49.15
C SER A 178 11.97 -5.74 48.61
N THR A 179 11.97 -4.95 47.54
CA THR A 179 13.20 -4.45 46.93
C THR A 179 13.47 -3.00 47.26
N ALA A 180 12.45 -2.16 47.29
CA ALA A 180 12.58 -0.76 47.66
C ALA A 180 11.81 -0.53 48.95
N VAL A 181 12.43 0.20 49.89
CA VAL A 181 11.80 0.43 51.17
C VAL A 181 10.60 1.36 51.05
N VAL A 182 10.49 2.10 49.94
CA VAL A 182 9.44 3.09 49.76
C VAL A 182 8.54 2.73 48.58
N GLU A 183 8.51 1.46 48.18
CA GLU A 183 7.67 1.06 47.05
C GLU A 183 6.16 1.10 47.33
N PRO A 184 5.68 0.83 48.56
CA PRO A 184 4.21 0.89 48.75
C PRO A 184 3.64 2.27 48.47
N TYR A 185 4.40 3.34 48.77
CA TYR A 185 3.91 4.68 48.48
C TYR A 185 3.67 4.85 46.98
N ASN A 186 4.65 4.47 46.16
CA ASN A 186 4.50 4.59 44.72
C ASN A 186 3.38 3.70 44.21
N SER A 187 3.25 2.49 44.77
CA SER A 187 2.18 1.60 44.33
C SER A 187 0.81 2.19 44.60
N ILE A 188 0.62 2.73 45.81
CA ILE A 188 -0.67 3.33 46.15
C ILE A 188 -0.93 4.55 45.28
N LEU A 189 0.10 5.35 45.02
CA LEU A 189 -0.08 6.54 44.20
C LEU A 189 -0.46 6.17 42.77
N THR A 190 0.19 5.16 42.19
CA THR A 190 -0.09 4.78 40.81
C THR A 190 -1.38 3.97 40.69
N THR A 191 -1.88 3.41 41.78
CA THR A 191 -3.17 2.72 41.72
C THR A 191 -4.28 3.66 41.28
N HIS A 192 -4.23 4.92 41.72
CA HIS A 192 -5.25 5.89 41.33
C HIS A 192 -5.23 6.13 39.82
N THR A 193 -4.04 6.36 39.26
CA THR A 193 -3.97 6.72 37.84
C THR A 193 -4.19 5.51 36.94
N THR A 194 -3.80 4.32 37.39
CA THR A 194 -3.98 3.14 36.56
C THR A 194 -5.44 2.71 36.51
N LEU A 195 -6.21 3.07 37.54
CA LEU A 195 -7.62 2.73 37.55
C LEU A 195 -8.42 3.61 36.60
N GLU A 196 -8.13 4.91 36.59
CA GLU A 196 -8.96 5.87 35.86
C GLU A 196 -8.73 5.78 34.35
N HIS A 197 -7.47 5.65 33.93
CA HIS A 197 -7.10 5.88 32.55
C HIS A 197 -6.69 4.60 31.82
N SER A 198 -7.14 3.43 32.26
CA SER A 198 -6.78 2.18 31.62
C SER A 198 -8.01 1.41 31.15
N ASP A 199 -7.75 0.33 30.43
CA ASP A 199 -8.78 -0.61 30.00
C ASP A 199 -8.66 -1.96 30.68
N CYS A 200 -7.45 -2.44 30.94
CA CYS A 200 -7.23 -3.64 31.74
C CYS A 200 -5.77 -3.73 32.17
N SER A 201 -5.53 -3.96 33.45
CA SER A 201 -4.19 -4.05 34.01
C SER A 201 -3.91 -5.45 34.51
N PHE A 202 -2.75 -5.99 34.12
CA PHE A 202 -2.37 -7.37 34.44
C PHE A 202 -1.34 -7.33 35.56
N MET A 203 -1.68 -7.93 36.69
CA MET A 203 -0.77 -7.96 37.84
C MET A 203 0.30 -9.03 37.64
N VAL A 204 1.51 -8.74 38.10
CA VAL A 204 2.63 -9.68 38.07
C VAL A 204 3.37 -9.60 39.39
N ASP A 205 3.68 -10.78 39.95
CA ASP A 205 4.42 -10.88 41.20
C ASP A 205 5.73 -11.61 40.99
N ASN A 206 6.83 -10.97 41.35
CA ASN A 206 8.14 -11.58 41.14
C ASN A 206 8.29 -12.88 41.92
N GLU A 207 7.81 -12.90 43.17
CA GLU A 207 7.95 -14.12 43.98
C GLU A 207 7.14 -15.27 43.39
N ALA A 208 6.04 -14.96 42.71
CA ALA A 208 5.23 -16.00 42.10
C ALA A 208 5.99 -16.72 40.99
N ILE A 209 6.61 -15.95 40.09
CA ILE A 209 7.42 -16.58 39.05
C ILE A 209 8.66 -17.24 39.66
N TYR A 210 9.18 -16.67 40.75
CA TYR A 210 10.27 -17.35 41.46
C TYR A 210 9.89 -18.76 41.86
N ASP A 211 8.76 -18.90 42.55
CA ASP A 211 8.37 -20.24 43.01
C ASP A 211 7.93 -21.12 41.85
N ILE A 212 7.34 -20.54 40.80
CA ILE A 212 6.97 -21.32 39.63
C ILE A 212 8.20 -21.91 38.97
N CYS A 213 9.26 -21.11 38.82
CA CYS A 213 10.50 -21.61 38.24
C CYS A 213 11.16 -22.62 39.16
N ARG A 214 11.04 -22.41 40.48
CA ARG A 214 11.60 -23.37 41.42
C ARG A 214 10.93 -24.74 41.29
N ARG A 215 9.60 -24.75 41.17
CA ARG A 215 8.87 -26.01 41.15
C ARG A 215 8.86 -26.64 39.76
N ASN A 216 8.25 -25.96 38.79
CA ASN A 216 8.06 -26.55 37.47
C ASN A 216 9.37 -26.63 36.69
N LEU A 217 10.15 -25.55 36.70
CA LEU A 217 11.37 -25.50 35.91
C LEU A 217 12.59 -26.06 36.64
N ASP A 218 12.45 -26.39 37.93
CA ASP A 218 13.47 -27.01 38.76
C ASP A 218 14.70 -26.13 38.97
N ILE A 219 14.73 -24.92 38.45
CA ILE A 219 15.85 -24.02 38.66
C ILE A 219 15.71 -23.35 40.01
N GLU A 220 16.73 -23.51 40.86
CA GLU A 220 16.62 -23.05 42.24
C GLU A 220 16.78 -21.54 42.38
N ARG A 221 17.67 -20.93 41.59
CA ARG A 221 18.02 -19.51 41.71
C ARG A 221 17.85 -18.84 40.37
N PRO A 222 16.61 -18.54 39.98
CA PRO A 222 16.39 -17.83 38.72
C PRO A 222 16.78 -16.37 38.82
N SER A 223 17.06 -15.78 37.66
CA SER A 223 17.34 -14.36 37.53
C SER A 223 16.16 -13.65 36.90
N TYR A 224 16.30 -12.34 36.70
CA TYR A 224 15.23 -11.57 36.08
C TYR A 224 15.00 -11.95 34.63
N THR A 225 15.99 -12.55 33.97
CA THR A 225 15.84 -12.92 32.56
C THR A 225 14.73 -13.96 32.38
N ASN A 226 14.64 -14.92 33.30
CA ASN A 226 13.59 -15.93 33.20
C ASN A 226 12.21 -15.29 33.35
N LEU A 227 12.07 -14.37 34.30
CA LEU A 227 10.81 -13.65 34.47
C LEU A 227 10.46 -12.87 33.20
N ASN A 228 11.46 -12.21 32.61
CA ASN A 228 11.21 -11.44 31.39
C ASN A 228 10.76 -12.36 30.26
N ARG A 229 11.39 -13.53 30.14
CA ARG A 229 11.00 -14.47 29.10
C ARG A 229 9.57 -14.96 29.30
N LEU A 230 9.20 -15.26 30.55
CA LEU A 230 7.84 -15.73 30.81
C LEU A 230 6.80 -14.64 30.52
N ILE A 231 7.10 -13.39 30.91
CA ILE A 231 6.16 -12.31 30.63
C ILE A 231 6.06 -12.06 29.13
N GLY A 232 7.18 -12.18 28.42
CA GLY A 232 7.14 -12.09 26.97
C GLY A 232 6.28 -13.18 26.35
N GLN A 233 6.36 -14.39 26.91
CA GLN A 233 5.48 -15.47 26.45
C GLN A 233 4.01 -15.11 26.71
N ILE A 234 3.72 -14.54 27.87
CA ILE A 234 2.35 -14.11 28.17
C ILE A 234 1.86 -13.14 27.11
N VAL A 235 2.63 -12.08 26.85
CA VAL A 235 2.16 -11.03 25.96
C VAL A 235 2.07 -11.55 24.53
N SER A 236 3.01 -12.39 24.11
CA SER A 236 2.95 -12.97 22.77
C SER A 236 1.73 -13.87 22.61
N SER A 237 1.42 -14.67 23.62
CA SER A 237 0.24 -15.52 23.55
C SER A 237 -1.02 -14.68 23.49
N ILE A 238 -1.07 -13.57 24.24
CA ILE A 238 -2.25 -12.71 24.19
C ILE A 238 -2.40 -12.08 22.81
N THR A 239 -1.30 -11.61 22.23
CA THR A 239 -1.38 -10.88 20.96
C THR A 239 -1.35 -11.78 19.74
N ALA A 240 -1.18 -13.09 19.90
CA ALA A 240 -1.13 -13.98 18.74
C ALA A 240 -2.42 -13.94 17.92
N SER A 241 -3.54 -13.61 18.56
CA SER A 241 -4.81 -13.59 17.83
C SER A 241 -4.82 -12.52 16.75
N LEU A 242 -4.27 -11.35 17.05
CA LEU A 242 -4.30 -10.25 16.08
C LEU A 242 -3.45 -10.52 14.86
N ARG A 243 -2.27 -11.13 15.05
CA ARG A 243 -1.31 -11.29 13.98
C ARG A 243 -1.32 -12.68 13.34
N PHE A 244 -2.22 -13.56 13.75
CA PHE A 244 -2.31 -14.90 13.17
C PHE A 244 -3.78 -15.28 13.01
N ASP A 245 -4.03 -16.17 12.05
CA ASP A 245 -5.37 -16.68 11.82
C ASP A 245 -5.68 -17.84 12.76
N GLY A 246 -6.93 -17.97 13.12
CA GLY A 246 -7.34 -19.02 14.03
C GLY A 246 -8.85 -19.13 14.07
N ALA A 247 -9.31 -20.26 14.60
CA ALA A 247 -10.72 -20.45 14.85
C ALA A 247 -11.11 -19.81 16.18
N LEU A 248 -12.23 -19.08 16.17
CA LEU A 248 -12.72 -18.40 17.36
C LEU A 248 -11.69 -17.39 17.88
N ASN A 249 -11.35 -16.42 17.04
CA ASN A 249 -10.37 -15.41 17.40
C ASN A 249 -10.91 -14.50 18.49
N VAL A 250 -10.00 -14.02 19.34
CA VAL A 250 -10.31 -13.07 20.40
C VAL A 250 -9.34 -11.91 20.26
N ASP A 251 -9.81 -10.78 19.73
CA ASP A 251 -8.99 -9.60 19.57
C ASP A 251 -9.01 -8.77 20.85
N LEU A 252 -8.49 -7.54 20.77
CA LEU A 252 -8.48 -6.68 21.96
C LEU A 252 -9.89 -6.32 22.40
N THR A 253 -10.76 -5.99 21.45
CA THR A 253 -12.12 -5.59 21.79
C THR A 253 -12.89 -6.73 22.46
N GLU A 254 -12.77 -7.94 21.90
CA GLU A 254 -13.44 -9.08 22.50
C GLU A 254 -12.92 -9.37 23.90
N PHE A 255 -11.60 -9.29 24.07
CA PHE A 255 -10.99 -9.54 25.38
C PHE A 255 -11.48 -8.53 26.40
N GLN A 256 -11.48 -7.24 26.03
CA GLN A 256 -11.94 -6.21 26.96
C GLN A 256 -13.41 -6.36 27.29
N THR A 257 -14.23 -6.67 26.29
CA THR A 257 -15.67 -6.83 26.54
C THR A 257 -15.94 -8.02 27.45
N ASN A 258 -15.20 -9.12 27.26
CA ASN A 258 -15.46 -10.32 28.05
C ASN A 258 -14.96 -10.17 29.48
N LEU A 259 -13.78 -9.57 29.67
CA LEU A 259 -13.11 -9.61 30.96
C LEU A 259 -13.28 -8.33 31.77
N VAL A 260 -14.16 -7.42 31.36
CA VAL A 260 -14.39 -6.21 32.12
C VAL A 260 -15.89 -6.06 32.39
N PRO A 261 -16.42 -6.73 33.40
CA PRO A 261 -17.86 -6.55 33.71
C PRO A 261 -18.21 -5.12 34.08
N TYR A 262 -17.35 -4.43 34.81
CA TYR A 262 -17.59 -3.07 35.26
C TYR A 262 -16.32 -2.26 35.07
N PRO A 263 -16.44 -0.93 34.94
CA PRO A 263 -15.26 -0.13 34.61
C PRO A 263 -14.12 -0.24 35.62
N ARG A 264 -14.43 -0.52 36.89
CA ARG A 264 -13.42 -0.60 37.93
C ARG A 264 -12.98 -2.02 38.23
N ILE A 265 -13.37 -2.99 37.42
CA ILE A 265 -13.05 -4.40 37.68
C ILE A 265 -12.15 -4.92 36.58
N HIS A 266 -11.27 -4.07 36.08
CA HIS A 266 -10.41 -4.39 34.94
C HIS A 266 -9.01 -4.82 35.36
N PHE A 267 -8.89 -5.57 36.46
CA PHE A 267 -7.61 -6.04 36.96
C PHE A 267 -7.60 -7.56 36.98
N PRO A 268 -7.40 -8.20 35.84
CA PRO A 268 -7.38 -9.66 35.80
C PRO A 268 -6.01 -10.22 36.13
N LEU A 269 -5.99 -11.52 36.42
CA LEU A 269 -4.77 -12.25 36.64
C LEU A 269 -4.18 -12.69 35.30
N ALA A 270 -3.05 -13.40 35.35
CA ALA A 270 -2.43 -13.92 34.14
C ALA A 270 -1.53 -15.09 34.52
N THR A 271 -1.55 -16.12 33.68
CA THR A 271 -0.73 -17.30 33.93
C THR A 271 -0.55 -18.08 32.62
N PHE A 272 0.62 -18.69 32.46
CA PHE A 272 0.91 -19.54 31.31
C PHE A 272 0.97 -20.96 31.82
N SER A 273 -0.09 -21.73 31.54
CA SER A 273 -0.22 -23.06 32.13
C SER A 273 0.90 -24.03 31.78
N PRO A 274 1.30 -24.19 30.51
CA PRO A 274 2.33 -25.23 30.24
C PRO A 274 3.76 -24.74 30.48
N VAL A 275 4.09 -24.50 31.75
CA VAL A 275 5.46 -24.20 32.14
C VAL A 275 6.07 -25.48 32.70
N ILE A 276 7.16 -25.93 32.07
CA ILE A 276 7.79 -27.19 32.44
C ILE A 276 9.17 -27.27 31.77
N SER A 277 10.13 -27.87 32.47
CA SER A 277 11.47 -28.00 31.92
C SER A 277 11.49 -29.00 30.76
N ALA A 278 12.59 -28.97 30.01
CA ALA A 278 12.70 -29.83 28.83
C ALA A 278 12.72 -31.30 29.23
N GLU A 279 13.48 -31.65 30.28
CA GLU A 279 13.57 -33.04 30.69
C GLU A 279 12.24 -33.55 31.24
N LYS A 280 11.55 -32.73 32.02
CA LYS A 280 10.29 -33.16 32.62
C LYS A 280 9.20 -33.34 31.58
N ALA A 281 9.09 -32.38 30.64
CA ALA A 281 7.98 -32.39 29.69
C ALA A 281 7.97 -33.62 28.80
N TYR A 282 9.11 -34.31 28.67
CA TYR A 282 9.17 -35.47 27.78
C TYR A 282 8.31 -36.62 28.30
N HIS A 283 8.00 -36.63 29.59
CA HIS A 283 7.28 -37.72 30.21
C HIS A 283 5.77 -37.51 30.29
N GLU A 284 5.26 -36.37 29.83
CA GLU A 284 3.83 -36.09 29.85
C GLU A 284 3.37 -35.66 28.46
N GLN A 285 2.11 -35.99 28.13
CA GLN A 285 1.57 -35.64 26.83
C GLN A 285 1.22 -34.16 26.74
N LEU A 286 0.90 -33.53 27.87
CA LEU A 286 0.46 -32.14 27.92
C LEU A 286 -0.74 -31.89 27.01
N SER A 287 -1.72 -32.80 27.04
CA SER A 287 -2.94 -32.61 26.28
C SER A 287 -3.75 -31.45 26.86
N VAL A 288 -4.87 -31.15 26.20
CA VAL A 288 -5.67 -29.98 26.56
C VAL A 288 -6.23 -30.12 27.97
N ALA A 289 -6.64 -31.32 28.35
CA ALA A 289 -7.28 -31.51 29.65
C ALA A 289 -6.33 -31.18 30.80
N GLU A 290 -5.11 -31.72 30.76
CA GLU A 290 -4.19 -31.52 31.88
C GLU A 290 -3.69 -30.07 31.95
N ILE A 291 -3.42 -29.45 30.80
CA ILE A 291 -2.99 -28.05 30.83
C ILE A 291 -4.13 -27.15 31.29
N THR A 292 -5.37 -27.47 30.91
CA THR A 292 -6.51 -26.70 31.39
C THR A 292 -6.66 -26.86 32.89
N ASN A 293 -6.44 -28.07 33.41
CA ASN A 293 -6.46 -28.26 34.85
C ASN A 293 -5.36 -27.45 35.53
N MET A 294 -4.17 -27.45 34.95
CA MET A 294 -3.06 -26.68 35.52
C MET A 294 -3.35 -25.18 35.47
N CYS A 295 -4.19 -24.74 34.53
CA CYS A 295 -4.54 -23.34 34.44
C CYS A 295 -5.04 -22.79 35.76
N PHE A 296 -5.94 -23.52 36.42
CA PHE A 296 -6.58 -23.05 37.64
C PHE A 296 -5.86 -23.49 38.90
N GLU A 297 -4.75 -24.21 38.78
CA GLU A 297 -3.99 -24.59 39.96
C GLU A 297 -3.39 -23.36 40.62
N PRO A 298 -3.55 -23.19 41.93
CA PRO A 298 -3.00 -21.99 42.59
C PRO A 298 -1.49 -21.86 42.43
N HIS A 299 -0.78 -22.99 42.37
CA HIS A 299 0.67 -22.96 42.23
C HIS A 299 1.10 -22.43 40.87
N ASN A 300 0.22 -22.47 39.87
CA ASN A 300 0.56 -21.98 38.54
C ASN A 300 0.22 -20.51 38.34
N GLN A 301 -0.37 -19.86 39.33
CA GLN A 301 -0.71 -18.44 39.20
C GLN A 301 0.56 -17.59 39.29
N MET A 302 0.65 -16.58 38.43
CA MET A 302 1.78 -15.67 38.43
C MET A 302 1.58 -14.47 39.35
N VAL A 303 0.53 -14.48 40.16
CA VAL A 303 0.32 -13.50 41.21
C VAL A 303 0.13 -14.25 42.52
N LYS A 304 0.85 -13.82 43.56
CA LYS A 304 0.75 -14.49 44.87
C LYS A 304 -0.58 -14.11 45.51
N CYS A 305 -1.60 -14.89 45.14
CA CYS A 305 -2.92 -14.77 45.73
C CYS A 305 -3.60 -16.13 45.64
N ASP A 306 -4.41 -16.45 46.65
CA ASP A 306 -5.05 -17.76 46.72
C ASP A 306 -6.38 -17.70 45.99
N PRO A 307 -6.52 -18.36 44.84
CA PRO A 307 -7.83 -18.36 44.15
C PRO A 307 -8.94 -19.00 44.96
N ARG A 308 -8.61 -20.01 45.77
CA ARG A 308 -9.65 -20.69 46.56
C ARG A 308 -10.25 -19.75 47.60
N HIS A 309 -9.49 -18.74 48.03
CA HIS A 309 -10.02 -17.76 48.97
C HIS A 309 -11.00 -16.81 48.31
N GLY A 310 -10.96 -16.70 46.98
CA GLY A 310 -11.89 -15.87 46.25
C GLY A 310 -12.70 -16.66 45.24
N LYS A 311 -13.20 -15.99 44.21
CA LYS A 311 -13.99 -16.64 43.18
C LYS A 311 -13.60 -16.08 41.81
N TYR A 312 -13.89 -16.87 40.78
CA TYR A 312 -13.65 -16.45 39.40
C TYR A 312 -14.92 -15.83 38.83
N MET A 313 -14.78 -14.64 38.26
CA MET A 313 -15.90 -13.98 37.59
C MET A 313 -15.88 -14.27 36.09
N ALA A 314 -14.80 -13.91 35.41
CA ALA A 314 -14.64 -14.17 33.99
C ALA A 314 -13.25 -14.71 33.74
N VAL A 315 -13.16 -15.73 32.87
CA VAL A 315 -11.90 -16.38 32.55
C VAL A 315 -11.77 -16.48 31.05
N CYS A 316 -10.59 -16.16 30.53
CA CYS A 316 -10.29 -16.27 29.12
C CYS A 316 -9.14 -17.26 28.91
N LEU A 317 -9.27 -18.12 27.90
CA LEU A 317 -8.30 -19.16 27.60
C LEU A 317 -7.88 -19.01 26.13
N LEU A 318 -6.76 -18.35 25.90
CA LEU A 318 -6.26 -18.13 24.54
C LEU A 318 -5.36 -19.30 24.13
N PHE A 319 -6.01 -20.40 23.76
CA PHE A 319 -5.28 -21.57 23.31
C PHE A 319 -4.51 -21.28 22.04
N ARG A 320 -3.31 -21.83 21.94
CA ARG A 320 -2.50 -21.73 20.73
C ARG A 320 -1.91 -23.09 20.41
N GLY A 321 -1.73 -23.36 19.12
CA GLY A 321 -1.21 -24.64 18.69
C GLY A 321 -2.30 -25.57 18.20
N ASP A 322 -1.98 -26.86 18.23
CA ASP A 322 -2.90 -27.91 17.78
C ASP A 322 -3.99 -28.09 18.83
N VAL A 323 -5.10 -27.38 18.66
CA VAL A 323 -6.23 -27.47 19.58
C VAL A 323 -7.51 -27.53 18.76
N VAL A 324 -8.41 -28.43 19.15
CA VAL A 324 -9.72 -28.52 18.52
C VAL A 324 -10.78 -28.22 19.57
N PRO A 325 -11.94 -27.66 19.18
CA PRO A 325 -12.91 -27.21 20.19
C PRO A 325 -13.46 -28.30 21.08
N LYS A 326 -13.44 -29.57 20.64
CA LYS A 326 -13.97 -30.63 21.48
C LYS A 326 -13.16 -30.77 22.77
N ASP A 327 -11.84 -30.71 22.67
CA ASP A 327 -11.01 -30.79 23.86
C ASP A 327 -11.28 -29.61 24.79
N VAL A 328 -11.46 -28.42 24.23
CA VAL A 328 -11.77 -27.26 25.04
C VAL A 328 -13.10 -27.44 25.78
N ASN A 329 -14.10 -27.96 25.07
CA ASN A 329 -15.41 -28.17 25.70
C ASN A 329 -15.34 -29.22 26.80
N ALA A 330 -14.62 -30.32 26.56
CA ALA A 330 -14.47 -31.33 27.60
C ALA A 330 -13.73 -30.77 28.81
N ALA A 331 -12.66 -30.00 28.57
CA ALA A 331 -11.90 -29.42 29.66
C ALA A 331 -12.74 -28.43 30.47
N ILE A 332 -13.51 -27.59 29.79
CA ILE A 332 -14.33 -26.60 30.50
C ILE A 332 -15.44 -27.29 31.28
N ALA A 333 -16.01 -28.37 30.73
CA ALA A 333 -17.01 -29.13 31.47
C ALA A 333 -16.41 -29.74 32.73
N THR A 334 -15.23 -30.36 32.59
CA THR A 334 -14.58 -30.95 33.76
C THR A 334 -14.24 -29.90 34.80
N ILE A 335 -13.81 -28.71 34.35
CA ILE A 335 -13.54 -27.62 35.29
C ILE A 335 -14.80 -27.20 36.02
N LYS A 336 -15.92 -27.08 35.29
CA LYS A 336 -17.16 -26.65 35.91
C LYS A 336 -17.72 -27.73 36.84
N THR A 337 -17.34 -28.99 36.66
CA THR A 337 -17.84 -30.04 37.54
C THR A 337 -17.38 -29.83 38.98
N LYS A 338 -16.10 -29.52 39.17
CA LYS A 338 -15.57 -29.41 40.52
C LYS A 338 -16.06 -28.14 41.20
N ARG A 339 -16.30 -28.24 42.52
CA ARG A 339 -16.77 -27.11 43.31
C ARG A 339 -15.64 -26.33 43.96
N SER A 340 -14.40 -26.80 43.87
CA SER A 340 -13.28 -26.01 44.39
C SER A 340 -13.14 -24.71 43.63
N ILE A 341 -13.31 -24.75 42.31
CA ILE A 341 -13.30 -23.56 41.47
C ILE A 341 -14.71 -22.97 41.53
N GLN A 342 -14.89 -21.95 42.36
CA GLN A 342 -16.21 -21.36 42.58
C GLN A 342 -16.36 -20.10 41.74
N PHE A 343 -17.46 -20.03 41.00
CA PHE A 343 -17.79 -18.89 40.15
C PHE A 343 -18.91 -18.08 40.78
N VAL A 344 -19.04 -16.83 40.33
CA VAL A 344 -20.14 -15.98 40.76
C VAL A 344 -21.43 -16.49 40.13
N ASP A 345 -22.52 -16.45 40.90
CA ASP A 345 -23.79 -16.98 40.42
C ASP A 345 -24.38 -16.17 39.28
N TRP A 346 -24.05 -14.89 39.18
CA TRP A 346 -24.63 -14.02 38.17
C TRP A 346 -23.93 -14.08 36.83
N CYS A 347 -22.88 -14.88 36.69
CA CYS A 347 -22.15 -15.04 35.43
C CYS A 347 -21.98 -16.53 35.14
N PRO A 348 -23.05 -17.20 34.70
CA PRO A 348 -22.97 -18.65 34.49
C PRO A 348 -21.97 -19.06 33.44
N THR A 349 -21.74 -18.22 32.42
CA THR A 349 -20.88 -18.60 31.31
C THR A 349 -19.68 -17.67 31.17
N GLY A 350 -19.00 -17.40 32.28
CA GLY A 350 -17.92 -16.44 32.30
C GLY A 350 -16.64 -16.88 31.63
N PHE A 351 -16.73 -17.80 30.67
CA PHE A 351 -15.57 -18.29 29.95
C PHE A 351 -15.56 -17.75 28.53
N LYS A 352 -14.39 -17.28 28.10
CA LYS A 352 -14.19 -16.76 26.74
C LYS A 352 -13.04 -17.54 26.11
N VAL A 353 -13.38 -18.41 25.17
CA VAL A 353 -12.39 -19.28 24.54
C VAL A 353 -11.79 -18.59 23.31
N GLY A 354 -10.49 -18.77 23.13
CA GLY A 354 -9.82 -18.29 21.94
C GLY A 354 -8.77 -19.29 21.46
N ILE A 355 -8.84 -19.68 20.19
CA ILE A 355 -7.97 -20.72 19.65
C ILE A 355 -7.18 -20.15 18.48
N ASN A 356 -5.90 -20.47 18.45
CA ASN A 356 -5.01 -20.09 17.36
C ASN A 356 -4.17 -21.30 16.98
N TYR A 357 -3.95 -21.47 15.68
CA TYR A 357 -3.13 -22.58 15.21
C TYR A 357 -1.63 -22.27 15.23
N GLN A 358 -1.24 -21.07 15.64
CA GLN A 358 0.18 -20.76 15.74
C GLN A 358 0.76 -21.44 16.99
N PRO A 359 1.73 -22.33 16.84
CA PRO A 359 2.31 -23.00 18.01
C PRO A 359 3.13 -22.03 18.83
N PRO A 360 3.29 -22.29 20.12
CA PRO A 360 4.18 -21.45 20.93
C PRO A 360 5.62 -21.56 20.45
N THR A 361 6.34 -20.44 20.53
CA THR A 361 7.73 -20.38 20.08
C THR A 361 8.65 -20.30 21.28
N VAL A 362 9.66 -21.16 21.29
CA VAL A 362 10.65 -21.21 22.36
C VAL A 362 11.98 -20.66 21.83
N VAL A 363 12.59 -19.76 22.59
CA VAL A 363 13.85 -19.15 22.20
C VAL A 363 14.96 -20.19 22.33
N PRO A 364 16.05 -20.07 21.59
CA PRO A 364 17.18 -21.01 21.76
C PRO A 364 17.72 -20.95 23.18
N GLY A 365 18.04 -22.11 23.73
CA GLY A 365 18.48 -22.18 25.10
C GLY A 365 17.45 -21.75 26.11
N GLY A 366 16.17 -21.73 25.72
CA GLY A 366 15.14 -21.27 26.61
C GLY A 366 14.77 -22.29 27.67
N ASP A 367 14.26 -21.78 28.79
CA ASP A 367 13.81 -22.66 29.86
C ASP A 367 12.55 -23.42 29.49
N LEU A 368 11.65 -22.79 28.74
CA LEU A 368 10.39 -23.43 28.37
C LEU A 368 10.65 -24.53 27.34
N ALA A 369 10.10 -25.71 27.60
CA ALA A 369 10.24 -26.82 26.67
C ALA A 369 9.35 -26.59 25.45
N LYS A 370 9.82 -27.08 24.30
CA LYS A 370 9.00 -27.03 23.10
C LYS A 370 7.75 -27.88 23.28
N VAL A 371 6.60 -27.30 22.96
CA VAL A 371 5.32 -27.97 23.18
C VAL A 371 4.40 -27.69 22.00
N PRO A 372 3.69 -28.72 21.49
CA PRO A 372 2.78 -28.48 20.36
C PRO A 372 1.66 -27.49 20.67
N ARG A 373 1.16 -27.47 21.89
CA ARG A 373 0.03 -26.62 22.25
C ARG A 373 0.34 -25.88 23.55
N ALA A 374 -0.26 -24.71 23.69
CA ALA A 374 -0.09 -23.90 24.88
C ALA A 374 -1.33 -23.06 25.09
N VAL A 375 -1.63 -22.78 26.36
CA VAL A 375 -2.80 -21.99 26.74
C VAL A 375 -2.36 -20.92 27.72
N CYS A 376 -2.84 -19.70 27.50
CA CYS A 376 -2.51 -18.56 28.36
C CYS A 376 -3.81 -18.10 29.01
N MET A 377 -4.00 -18.49 30.27
CA MET A 377 -5.25 -18.21 30.98
C MET A 377 -5.27 -16.78 31.49
N LEU A 378 -6.35 -16.06 31.18
CA LEU A 378 -6.58 -14.72 31.68
C LEU A 378 -7.90 -14.72 32.43
N SER A 379 -7.85 -14.38 33.72
CA SER A 379 -9.02 -14.48 34.57
C SER A 379 -9.16 -13.23 35.44
N ASN A 380 -10.40 -12.76 35.56
CA ASN A 380 -10.76 -11.70 36.49
C ASN A 380 -11.36 -12.35 37.72
N THR A 381 -10.66 -12.25 38.85
CA THR A 381 -11.08 -12.92 40.07
C THR A 381 -10.96 -11.95 41.25
N THR A 382 -11.77 -12.22 42.28
CA THR A 382 -11.73 -11.43 43.50
C THR A 382 -10.58 -11.80 44.42
N ALA A 383 -9.85 -12.88 44.11
CA ALA A 383 -8.71 -13.28 44.93
C ALA A 383 -7.58 -12.26 44.88
N ILE A 384 -7.59 -11.36 43.89
CA ILE A 384 -6.58 -10.32 43.82
C ILE A 384 -6.74 -9.29 44.93
N ALA A 385 -7.92 -9.23 45.55
CA ALA A 385 -8.17 -8.22 46.58
C ALA A 385 -7.31 -8.43 47.82
N GLU A 386 -6.87 -9.65 48.09
CA GLU A 386 -6.04 -9.89 49.27
C GLU A 386 -4.69 -9.20 49.16
N ALA A 387 -4.07 -9.24 47.98
CA ALA A 387 -2.80 -8.55 47.79
C ALA A 387 -2.96 -7.05 47.96
N TRP A 388 -4.05 -6.50 47.44
CA TRP A 388 -4.32 -5.08 47.61
C TRP A 388 -4.57 -4.73 49.07
N ALA A 389 -5.24 -5.63 49.80
CA ALA A 389 -5.44 -5.40 51.23
C ALA A 389 -4.12 -5.37 51.98
N ARG A 390 -3.22 -6.31 51.66
CA ARG A 390 -1.90 -6.31 52.30
C ARG A 390 -1.12 -5.06 51.95
N LEU A 391 -1.17 -4.64 50.69
CA LEU A 391 -0.47 -3.42 50.28
C LEU A 391 -1.03 -2.20 50.99
N ASP A 392 -2.35 -2.12 51.11
CA ASP A 392 -2.97 -1.00 51.82
C ASP A 392 -2.58 -1.01 53.29
N HIS A 393 -2.52 -2.19 53.91
CA HIS A 393 -2.09 -2.29 55.30
C HIS A 393 -0.65 -1.78 55.46
N LYS A 394 0.24 -2.20 54.57
CA LYS A 394 1.63 -1.74 54.64
C LYS A 394 1.71 -0.24 54.42
N PHE A 395 0.94 0.28 53.46
CA PHE A 395 0.95 1.72 53.20
C PHE A 395 0.45 2.50 54.40
N ASP A 396 -0.62 2.03 55.04
CA ASP A 396 -1.14 2.70 56.23
C ASP A 396 -0.11 2.67 57.36
N LEU A 397 0.55 1.53 57.55
CA LEU A 397 1.55 1.42 58.61
C LEU A 397 2.71 2.39 58.35
N MET A 398 3.15 2.49 57.10
CA MET A 398 4.26 3.40 56.79
C MET A 398 3.83 4.86 56.91
N TYR A 399 2.62 5.19 56.44
CA TYR A 399 2.19 6.58 56.41
C TYR A 399 1.77 7.08 57.78
N ALA A 400 1.44 6.18 58.71
CA ALA A 400 1.06 6.62 60.05
C ALA A 400 2.22 7.36 60.72
N LYS A 401 3.45 6.86 60.56
CA LYS A 401 4.62 7.52 61.08
C LYS A 401 5.11 8.67 60.21
N ARG A 402 4.52 8.85 59.03
CA ARG A 402 4.98 9.84 58.06
C ARG A 402 6.46 9.63 57.75
N ALA A 403 6.81 8.36 57.48
CA ALA A 403 8.21 7.97 57.41
C ALA A 403 8.95 8.67 56.27
N PHE A 404 8.32 8.75 55.10
CA PHE A 404 8.98 9.31 53.91
C PHE A 404 8.14 10.36 53.23
N VAL A 405 7.36 11.11 54.01
CA VAL A 405 6.53 12.17 53.42
C VAL A 405 7.39 13.29 52.87
N HIS A 406 8.49 13.62 53.55
CA HIS A 406 9.30 14.78 53.16
C HIS A 406 9.89 14.62 51.76
N TRP A 407 10.37 13.42 51.44
CA TRP A 407 10.93 13.19 50.11
C TRP A 407 9.92 13.48 49.01
N TYR A 408 8.68 13.02 49.19
CA TYR A 408 7.66 13.26 48.19
C TYR A 408 7.26 14.73 48.13
N VAL A 409 6.98 15.34 49.29
CA VAL A 409 6.49 16.71 49.30
C VAL A 409 7.57 17.69 48.87
N GLY A 410 8.84 17.28 48.87
CA GLY A 410 9.87 18.17 48.37
C GLY A 410 9.97 18.24 46.87
N GLU A 411 9.14 17.50 46.15
CA GLU A 411 9.14 17.46 44.69
C GLU A 411 7.77 17.79 44.14
N GLY A 412 7.13 18.82 44.68
CA GLY A 412 5.82 19.24 44.20
C GLY A 412 4.68 18.30 44.50
N MET A 413 4.70 17.64 45.65
CA MET A 413 3.64 16.72 46.04
C MET A 413 2.90 17.27 47.25
N GLU A 414 1.59 17.03 47.28
CA GLU A 414 0.73 17.42 48.38
C GLU A 414 0.43 16.18 49.23
N GLU A 415 0.44 16.36 50.55
CA GLU A 415 0.22 15.23 51.45
C GLU A 415 -1.18 14.64 51.28
N GLY A 416 -2.16 15.44 50.87
CA GLY A 416 -3.51 14.95 50.67
C GLY A 416 -3.63 13.93 49.55
N GLU A 417 -2.66 13.91 48.62
CA GLU A 417 -2.70 12.94 47.54
C GLU A 417 -2.57 11.52 48.08
N PHE A 418 -1.76 11.33 49.12
CA PHE A 418 -1.63 10.01 49.74
C PHE A 418 -2.98 9.53 50.29
N SER A 419 -3.67 10.41 51.00
CA SER A 419 -4.98 10.05 51.53
C SER A 419 -5.97 9.78 50.41
N GLU A 420 -5.92 10.58 49.34
CA GLU A 420 -6.82 10.36 48.22
C GLU A 420 -6.60 9.00 47.57
N ALA A 421 -5.34 8.64 47.35
CA ALA A 421 -5.04 7.35 46.75
C ALA A 421 -5.44 6.21 47.70
N ARG A 422 -5.20 6.38 48.99
CA ARG A 422 -5.56 5.36 49.96
C ARG A 422 -7.07 5.12 49.97
N GLU A 423 -7.86 6.20 49.98
CA GLU A 423 -9.31 6.03 50.00
C GLU A 423 -9.82 5.50 48.67
N ASP A 424 -9.16 5.85 47.56
CA ASP A 424 -9.53 5.28 46.27
C ASP A 424 -9.33 3.78 46.27
N LEU A 425 -8.18 3.31 46.76
CA LEU A 425 -7.92 1.88 46.77
C LEU A 425 -8.82 1.16 47.77
N ALA A 426 -9.14 1.81 48.89
CA ALA A 426 -10.09 1.23 49.84
C ALA A 426 -11.47 1.08 49.21
N ALA A 427 -11.91 2.09 48.47
CA ALA A 427 -13.19 2.00 47.77
C ALA A 427 -13.17 0.91 46.72
N LEU A 428 -12.03 0.74 46.04
CA LEU A 428 -11.94 -0.33 45.05
C LEU A 428 -11.98 -1.71 45.69
N GLU A 429 -11.32 -1.87 46.85
CA GLU A 429 -11.43 -3.12 47.59
C GLU A 429 -12.86 -3.37 48.03
N LYS A 430 -13.56 -2.32 48.49
CA LYS A 430 -14.96 -2.46 48.84
C LYS A 430 -15.80 -2.84 47.63
N ASP A 431 -15.44 -2.33 46.45
CA ASP A 431 -16.15 -2.68 45.23
C ASP A 431 -15.98 -4.15 44.90
N TYR A 432 -14.75 -4.68 45.03
CA TYR A 432 -14.57 -6.13 44.86
C TYR A 432 -15.36 -6.92 45.89
N GLU A 433 -15.36 -6.46 47.14
CA GLU A 433 -16.12 -7.17 48.18
C GLU A 433 -17.61 -7.17 47.85
N GLU A 434 -18.12 -6.06 47.32
CA GLU A 434 -19.53 -5.95 47.00
C GLU A 434 -19.89 -6.80 45.79
N VAL A 435 -19.04 -6.82 44.76
CA VAL A 435 -19.35 -7.60 43.58
C VAL A 435 -19.12 -9.09 43.81
N GLY A 436 -18.32 -9.44 44.81
CA GLY A 436 -18.02 -10.83 45.09
C GLY A 436 -19.10 -11.59 45.83
N VAL A 437 -20.06 -10.90 46.44
CA VAL A 437 -21.12 -11.58 47.17
C VAL A 437 -22.22 -11.98 46.20
N ASP A 438 -22.71 -13.21 46.35
CA ASP A 438 -23.75 -13.71 45.46
C ASP A 438 -25.10 -13.07 45.77
N SER A 439 -25.96 -13.03 44.76
CA SER A 439 -27.28 -12.43 44.90
C SER A 439 -28.20 -13.28 45.77
N MET B 1 5.20 -14.79 -21.05
CA MET B 1 5.57 -16.12 -21.50
C MET B 1 6.51 -16.06 -22.70
N GLU B 2 6.08 -15.39 -23.76
CA GLU B 2 6.85 -15.28 -24.98
C GLU B 2 7.55 -13.93 -25.04
N ILE B 3 8.82 -13.94 -25.44
CA ILE B 3 9.62 -12.73 -25.58
C ILE B 3 9.92 -12.51 -27.05
N ALA B 4 9.83 -11.25 -27.49
CA ALA B 4 10.04 -10.90 -28.89
C ALA B 4 11.49 -10.47 -29.12
N PHE B 5 12.40 -11.39 -28.83
CA PHE B 5 13.82 -11.11 -29.02
C PHE B 5 14.58 -12.42 -29.12
N ASP B 6 15.65 -12.41 -29.91
CA ASP B 6 16.52 -13.57 -30.09
C ASP B 6 17.54 -13.57 -28.97
N LEU B 7 17.29 -14.40 -27.95
CA LEU B 7 18.17 -14.44 -26.79
C LEU B 7 19.52 -15.08 -27.10
N SER B 8 19.65 -15.77 -28.23
CA SER B 8 20.92 -16.40 -28.57
C SER B 8 22.00 -15.36 -28.84
N THR B 9 21.60 -14.20 -29.38
CA THR B 9 22.59 -13.19 -29.74
C THR B 9 23.25 -12.56 -28.52
N ILE B 10 22.62 -12.68 -27.34
CA ILE B 10 23.19 -12.15 -26.12
C ILE B 10 23.61 -13.25 -25.15
N PHE B 11 22.86 -14.35 -25.06
CA PHE B 11 23.19 -15.45 -24.17
C PHE B 11 24.05 -16.48 -24.89
N THR B 12 25.14 -16.88 -24.23
CA THR B 12 26.06 -17.85 -24.82
C THR B 12 25.44 -19.23 -24.92
N ASP B 13 24.81 -19.71 -23.85
CA ASP B 13 24.26 -21.06 -23.79
C ASP B 13 22.79 -21.00 -23.42
N ASN B 14 22.19 -22.19 -23.32
CA ASN B 14 20.77 -22.28 -22.98
C ASN B 14 20.50 -21.71 -21.59
N ILE B 15 21.35 -22.04 -20.63
CA ILE B 15 21.21 -21.58 -19.25
C ILE B 15 22.39 -20.67 -18.93
N GLN B 16 22.09 -19.46 -18.45
CA GLN B 16 23.10 -18.44 -18.24
C GLN B 16 23.19 -18.07 -16.77
N ARG B 17 24.40 -17.76 -16.32
CA ARG B 17 24.63 -17.28 -14.97
C ARG B 17 24.68 -15.75 -15.00
N LEU B 18 23.86 -15.11 -14.17
CA LEU B 18 23.69 -13.67 -14.19
C LEU B 18 23.99 -13.10 -12.80
N THR B 19 25.27 -12.86 -12.52
CA THR B 19 25.66 -12.15 -11.32
C THR B 19 25.30 -10.67 -11.46
N ARG B 20 25.28 -9.96 -10.33
CA ARG B 20 25.04 -8.52 -10.34
C ARG B 20 25.97 -7.82 -11.33
N THR B 21 27.22 -8.28 -11.42
CA THR B 21 28.12 -7.76 -12.44
C THR B 21 27.60 -8.05 -13.84
N ASP B 22 27.06 -9.25 -14.06
CA ASP B 22 26.49 -9.58 -15.36
C ASP B 22 25.27 -8.73 -15.66
N LEU B 23 24.44 -8.47 -14.65
CA LEU B 23 23.29 -7.57 -14.84
C LEU B 23 23.77 -6.17 -15.21
N LEU B 24 24.85 -5.71 -14.59
CA LEU B 24 25.44 -4.43 -14.98
C LEU B 24 25.90 -4.46 -16.44
N LYS B 25 26.55 -5.55 -16.85
CA LYS B 25 26.99 -5.71 -18.23
C LYS B 25 25.82 -5.97 -19.19
N TYR B 26 24.65 -6.31 -18.67
CA TYR B 26 23.47 -6.56 -19.48
C TYR B 26 22.39 -5.55 -19.13
N GLY B 27 22.76 -4.28 -19.03
CA GLY B 27 21.84 -3.24 -18.62
C GLY B 27 20.72 -3.03 -19.62
N PRO B 28 19.58 -2.53 -19.13
CA PRO B 28 18.41 -2.37 -19.99
C PRO B 28 18.43 -1.12 -20.87
N LYS B 29 19.56 -0.42 -20.93
CA LYS B 29 19.64 0.76 -21.81
C LYS B 29 19.44 0.36 -23.27
N ARG B 30 20.13 -0.69 -23.71
CA ARG B 30 19.97 -1.22 -25.05
C ARG B 30 19.69 -2.72 -25.05
N TYR B 31 19.58 -3.34 -23.88
CA TYR B 31 19.33 -4.77 -23.77
C TYR B 31 18.03 -4.99 -23.01
N TRP B 32 16.98 -4.29 -23.41
CA TRP B 32 15.69 -4.35 -22.73
C TRP B 32 15.14 -5.78 -22.65
N ALA B 33 15.57 -6.65 -23.56
CA ALA B 33 15.01 -7.99 -23.63
C ALA B 33 15.21 -8.76 -22.33
N VAL B 34 16.43 -8.74 -21.79
CA VAL B 34 16.72 -9.54 -20.60
C VAL B 34 16.01 -8.98 -19.38
N ALA B 35 15.97 -7.65 -19.24
CA ALA B 35 15.26 -7.05 -18.12
C ALA B 35 13.77 -7.36 -18.19
N GLN B 36 13.18 -7.24 -19.38
CA GLN B 36 11.76 -7.58 -19.52
C GLN B 36 11.51 -9.05 -19.23
N SER B 37 12.42 -9.93 -19.67
CA SER B 37 12.24 -11.35 -19.44
C SER B 37 12.28 -11.66 -17.95
N ILE B 38 13.25 -11.11 -17.23
CA ILE B 38 13.35 -11.40 -15.80
C ILE B 38 12.18 -10.81 -15.05
N ASP B 39 11.72 -9.61 -15.44
CA ASP B 39 10.57 -9.01 -14.79
C ASP B 39 9.30 -9.83 -15.03
N CYS B 40 9.10 -10.29 -16.27
CA CYS B 40 7.92 -11.10 -16.57
C CYS B 40 7.97 -12.43 -15.83
N LEU B 41 9.16 -13.02 -15.72
CA LEU B 41 9.30 -14.26 -14.96
C LEU B 41 8.95 -14.05 -13.50
N GLY B 42 9.43 -12.95 -12.91
CA GLY B 42 9.08 -12.65 -11.53
C GLY B 42 7.59 -12.39 -11.34
N GLU B 43 6.99 -11.68 -12.29
CA GLU B 43 5.55 -11.42 -12.22
C GLU B 43 4.75 -12.72 -12.31
N MET B 44 5.17 -13.62 -13.20
CA MET B 44 4.51 -14.93 -13.29
C MET B 44 4.67 -15.70 -11.99
N SER B 45 5.86 -15.64 -11.38
CA SER B 45 6.08 -16.32 -10.11
C SER B 45 5.14 -15.80 -9.04
N SER B 46 5.03 -14.46 -8.93
CA SER B 46 4.16 -13.88 -7.92
C SER B 46 2.70 -14.19 -8.20
N LYS B 47 2.28 -14.16 -9.47
CA LYS B 47 0.91 -14.49 -9.81
C LYS B 47 0.57 -15.93 -9.46
N PHE B 48 1.50 -16.85 -9.74
CA PHE B 48 1.28 -18.24 -9.35
C PHE B 48 1.19 -18.38 -7.84
N HIS B 49 2.07 -17.68 -7.12
CA HIS B 49 2.01 -17.69 -5.65
C HIS B 49 0.86 -16.88 -5.10
N GLY B 50 0.19 -16.07 -5.93
CA GLY B 50 -0.94 -15.28 -5.47
C GLY B 50 -0.58 -14.27 -4.41
N TRP B 51 0.50 -13.53 -4.63
CA TRP B 51 0.99 -12.56 -3.68
C TRP B 51 0.58 -11.15 -4.08
N LYS B 52 0.59 -10.25 -3.11
CA LYS B 52 0.28 -8.85 -3.34
C LYS B 52 1.48 -8.04 -3.79
N ARG B 53 2.65 -8.67 -3.91
CA ARG B 53 3.86 -7.98 -4.36
C ARG B 53 4.75 -8.98 -5.09
N VAL B 54 5.63 -8.44 -5.92
CA VAL B 54 6.58 -9.23 -6.70
C VAL B 54 7.95 -9.09 -6.04
N ILE B 55 8.73 -10.18 -6.06
CA ILE B 55 10.01 -10.22 -5.36
C ILE B 55 11.19 -10.43 -6.30
N THR B 56 10.96 -10.50 -7.61
CA THR B 56 12.01 -10.77 -8.58
C THR B 56 11.87 -9.78 -9.74
N MET B 57 12.64 -8.71 -9.69
CA MET B 57 12.70 -7.72 -10.75
C MET B 57 14.13 -7.19 -10.86
N TYR B 58 14.44 -6.61 -12.01
CA TYR B 58 15.81 -6.17 -12.27
C TYR B 58 16.25 -5.11 -11.28
N ASP B 59 15.35 -4.17 -10.95
CA ASP B 59 15.74 -3.01 -10.16
C ASP B 59 16.20 -3.41 -8.77
N LYS B 60 15.41 -4.22 -8.06
CA LYS B 60 15.80 -4.60 -6.70
C LYS B 60 17.00 -5.53 -6.72
N ILE B 61 17.16 -6.33 -7.77
CA ILE B 61 18.32 -7.20 -7.87
C ILE B 61 19.60 -6.37 -8.01
N VAL B 62 19.59 -5.38 -8.90
CA VAL B 62 20.78 -4.55 -9.09
C VAL B 62 20.97 -3.61 -7.91
N ASP B 63 19.87 -3.24 -7.25
CA ASP B 63 19.96 -2.38 -6.07
C ASP B 63 20.13 -3.16 -4.78
N HIS B 64 20.11 -4.48 -4.83
CA HIS B 64 20.18 -5.28 -3.62
C HIS B 64 21.52 -5.06 -2.92
N ASP B 65 21.48 -4.99 -1.59
CA ASP B 65 22.68 -4.67 -0.83
C ASP B 65 23.77 -5.72 -0.99
N GLU B 66 23.37 -7.00 -1.00
CA GLU B 66 24.31 -8.10 -1.16
C GLU B 66 24.29 -8.62 -2.59
N GLU B 67 25.43 -9.12 -3.03
CA GLU B 67 25.56 -9.64 -4.38
C GLU B 67 24.66 -10.88 -4.56
N GLN B 68 24.12 -11.01 -5.77
CA GLN B 68 23.23 -12.12 -6.09
C GLN B 68 23.48 -12.56 -7.52
N THR B 69 23.08 -13.80 -7.82
CA THR B 69 23.22 -14.36 -9.15
C THR B 69 21.87 -14.93 -9.60
N THR B 70 21.66 -14.93 -10.91
CA THR B 70 20.41 -15.36 -11.51
C THR B 70 20.69 -16.33 -12.65
N TYR B 71 19.83 -17.34 -12.77
CA TYR B 71 19.95 -18.36 -13.81
C TYR B 71 18.65 -18.41 -14.60
N ILE B 72 18.75 -18.25 -15.92
CA ILE B 72 17.61 -18.23 -16.81
C ILE B 72 17.84 -19.25 -17.92
N MET B 73 16.79 -20.03 -18.22
CA MET B 73 16.81 -20.94 -19.36
C MET B 73 15.67 -20.57 -20.31
N TRP B 74 15.91 -20.73 -21.60
CA TRP B 74 14.98 -20.28 -22.63
C TRP B 74 15.02 -21.27 -23.79
N GLU B 75 14.45 -20.90 -24.92
CA GLU B 75 14.47 -21.75 -26.10
C GLU B 75 14.27 -20.88 -27.34
N LYS B 76 15.05 -21.17 -28.38
CA LYS B 76 14.94 -20.47 -29.65
C LYS B 76 13.70 -20.95 -30.40
N VAL B 77 12.89 -19.99 -30.85
CA VAL B 77 11.67 -20.31 -31.58
C VAL B 77 11.67 -19.65 -32.94
N ASN B 78 11.74 -18.31 -32.95
CA ASN B 78 11.69 -17.53 -34.18
C ASN B 78 13.01 -16.79 -34.33
N GLY B 79 13.18 -16.16 -35.50
CA GLY B 79 14.43 -15.45 -35.77
C GLY B 79 14.69 -14.31 -34.81
N SER B 80 13.64 -13.58 -34.44
CA SER B 80 13.74 -12.46 -33.52
C SER B 80 12.67 -12.57 -32.43
N LYS B 81 12.36 -13.81 -32.03
CA LYS B 81 11.36 -14.04 -30.98
C LYS B 81 11.66 -15.37 -30.32
N SER B 82 11.70 -15.37 -28.99
CA SER B 82 12.00 -16.58 -28.24
C SER B 82 10.95 -16.84 -27.17
N ILE B 83 11.20 -17.80 -26.30
CA ILE B 83 10.25 -18.20 -25.26
C ILE B 83 10.97 -18.21 -23.92
N LEU B 84 10.27 -17.78 -22.87
CA LEU B 84 10.78 -17.84 -21.51
C LEU B 84 10.40 -19.18 -20.88
N LYS B 85 11.36 -19.80 -20.20
CA LYS B 85 11.13 -21.14 -19.68
C LYS B 85 11.25 -21.21 -18.15
N GLY B 86 12.28 -20.58 -17.58
CA GLY B 86 12.47 -20.73 -16.15
C GLY B 86 13.29 -19.60 -15.56
N LEU B 87 13.49 -19.69 -14.24
CA LEU B 87 14.27 -18.72 -13.50
C LEU B 87 14.90 -19.41 -12.30
N LEU B 88 15.89 -18.75 -11.70
CA LEU B 88 16.62 -19.31 -10.57
C LEU B 88 17.47 -18.21 -9.93
N ARG B 89 17.41 -18.11 -8.60
CA ARG B 89 18.14 -17.08 -7.87
C ARG B 89 18.73 -17.67 -6.59
N VAL B 90 19.91 -17.16 -6.22
CA VAL B 90 20.58 -17.55 -4.99
C VAL B 90 21.63 -16.51 -4.69
N GLY B 91 22.04 -16.42 -3.43
CA GLY B 91 23.05 -15.44 -3.04
C GLY B 91 23.58 -15.71 -1.65
N TYR B 92 24.60 -14.93 -1.29
CA TYR B 92 25.20 -15.02 0.03
C TYR B 92 24.42 -14.20 1.04
N LYS B 93 24.00 -14.84 2.14
CA LYS B 93 23.43 -14.14 3.28
C LYS B 93 23.84 -14.85 4.56
N THR B 94 23.85 -14.09 5.66
CA THR B 94 24.23 -14.60 6.96
C THR B 94 22.97 -14.89 7.77
N LEU B 95 22.95 -16.06 8.41
CA LEU B 95 21.78 -16.51 9.17
C LEU B 95 22.23 -17.06 10.52
N TYR B 96 21.34 -16.98 11.50
CA TYR B 96 21.51 -17.65 12.78
C TYR B 96 20.72 -18.96 12.73
N LEU B 97 21.41 -20.07 12.84
CA LEU B 97 20.81 -21.38 12.67
C LEU B 97 20.59 -22.06 14.01
N THR B 98 19.59 -22.94 14.05
CA THR B 98 19.32 -23.75 15.22
C THR B 98 18.83 -25.12 14.78
N ASP B 99 19.61 -26.15 15.13
CA ASP B 99 19.29 -27.52 14.77
C ASP B 99 18.49 -28.17 15.90
N ASN B 100 18.35 -29.49 15.84
CA ASN B 100 17.69 -30.23 16.91
C ASN B 100 18.42 -30.03 18.23
N GLU B 101 17.68 -30.16 19.32
CA GLU B 101 18.14 -29.94 20.70
C GLU B 101 18.49 -28.48 20.95
N GLN B 102 18.03 -27.56 20.09
CA GLN B 102 18.21 -26.12 20.28
C GLN B 102 19.69 -25.76 20.39
N ASN B 103 20.42 -26.00 19.30
CA ASN B 103 21.85 -25.69 19.21
C ASN B 103 22.02 -24.50 18.28
N GLN B 104 22.57 -23.40 18.82
CA GLN B 104 22.76 -22.20 18.03
C GLN B 104 23.91 -22.37 17.04
N TYR B 105 23.75 -21.78 15.86
CA TYR B 105 24.80 -21.78 14.85
C TYR B 105 24.77 -20.45 14.11
N MET B 106 25.86 -20.19 13.38
CA MET B 106 25.98 -19.01 12.54
C MET B 106 27.04 -19.27 11.48
N GLU B 107 26.69 -19.05 10.22
CA GLU B 107 27.60 -19.26 9.11
C GLU B 107 26.99 -18.64 7.86
N LYS B 108 27.81 -18.55 6.81
CA LYS B 108 27.36 -18.08 5.51
C LYS B 108 26.89 -19.26 4.67
N ALA B 109 25.67 -19.17 4.16
CA ALA B 109 25.06 -20.29 3.45
C ALA B 109 24.41 -19.80 2.16
N MET B 110 24.29 -20.72 1.21
CA MET B 110 23.65 -20.45 -0.07
C MET B 110 22.13 -20.42 0.15
N CYS B 111 21.58 -19.22 0.25
CA CYS B 111 20.15 -19.03 0.44
C CYS B 111 19.48 -18.85 -0.92
N ILE B 112 18.67 -19.83 -1.31
CA ILE B 112 17.94 -19.75 -2.58
C ILE B 112 16.75 -18.82 -2.43
N LEU B 113 16.77 -17.69 -3.12
CA LEU B 113 15.73 -16.69 -2.92
C LEU B 113 14.42 -17.11 -3.58
N ASP B 114 14.48 -17.78 -4.73
CA ASP B 114 13.27 -18.10 -5.46
C ASP B 114 13.48 -19.29 -6.39
N PHE B 115 12.38 -20.03 -6.62
CA PHE B 115 12.26 -20.99 -7.70
C PHE B 115 10.98 -20.68 -8.47
N PHE B 116 11.03 -20.78 -9.79
CA PHE B 116 9.79 -20.77 -10.56
C PHE B 116 10.09 -21.20 -12.00
N VAL B 117 9.15 -21.95 -12.57
CA VAL B 117 9.16 -22.33 -13.96
C VAL B 117 7.78 -22.03 -14.54
N VAL B 118 7.74 -21.79 -15.85
CA VAL B 118 6.49 -21.38 -16.50
C VAL B 118 5.45 -22.48 -16.35
N PRO B 119 4.21 -22.16 -16.00
CA PRO B 119 3.21 -23.23 -15.78
C PRO B 119 2.96 -24.11 -17.00
N THR B 120 3.07 -23.57 -18.21
CA THR B 120 2.88 -24.38 -19.40
C THR B 120 3.99 -25.41 -19.55
N GLU B 121 5.11 -25.22 -18.87
CA GLU B 121 6.21 -26.18 -18.85
C GLU B 121 6.29 -26.96 -17.55
N GLN B 122 5.20 -27.03 -16.79
CA GLN B 122 5.23 -27.71 -15.50
C GLN B 122 5.50 -29.20 -15.68
N ARG B 123 6.17 -29.77 -14.67
CA ARG B 123 6.58 -31.17 -14.66
C ARG B 123 7.56 -31.45 -15.79
N SER B 124 7.71 -32.73 -16.16
CA SER B 124 8.60 -33.15 -17.26
C SER B 124 10.06 -32.78 -16.97
N GLY B 125 10.46 -32.88 -15.71
CA GLY B 125 11.86 -32.76 -15.34
C GLY B 125 12.50 -31.42 -15.67
N ASN B 126 11.84 -30.32 -15.31
CA ASN B 126 12.35 -28.98 -15.55
C ASN B 126 12.94 -28.44 -14.25
N GLY B 127 14.13 -27.84 -14.35
CA GLY B 127 14.79 -27.21 -13.23
C GLY B 127 15.85 -28.05 -12.56
N PHE B 128 15.83 -29.38 -12.76
CA PHE B 128 16.91 -30.21 -12.22
C PHE B 128 18.23 -29.88 -12.90
N LYS B 129 18.17 -29.52 -14.18
CA LYS B 129 19.36 -29.04 -14.87
C LYS B 129 19.86 -27.73 -14.24
N MET B 130 18.94 -26.85 -13.85
CA MET B 130 19.34 -25.64 -13.14
C MET B 130 20.03 -25.97 -11.83
N PHE B 131 19.46 -26.93 -11.08
CA PHE B 131 20.07 -27.38 -9.83
C PHE B 131 21.50 -27.84 -10.07
N ASP B 132 21.68 -28.75 -11.03
CA ASP B 132 23.00 -29.32 -11.29
C ASP B 132 23.97 -28.25 -11.76
N GLU B 133 23.53 -27.37 -12.66
CA GLU B 133 24.42 -26.35 -13.19
C GLU B 133 24.85 -25.38 -12.10
N MET B 134 23.94 -25.01 -11.20
CA MET B 134 24.31 -24.13 -10.09
C MET B 134 25.31 -24.82 -9.17
N LEU B 135 24.98 -26.02 -8.72
CA LEU B 135 25.88 -26.70 -7.78
C LEU B 135 27.23 -27.04 -8.41
N LYS B 136 27.30 -27.10 -9.74
CA LYS B 136 28.61 -27.18 -10.40
C LYS B 136 29.26 -25.80 -10.51
N ALA B 137 28.45 -24.75 -10.61
CA ALA B 137 28.99 -23.41 -10.83
C ALA B 137 29.67 -22.88 -9.58
N GLU B 138 28.96 -22.82 -8.46
CA GLU B 138 29.60 -22.35 -7.24
C GLU B 138 30.11 -23.49 -6.37
N ASN B 139 30.15 -24.71 -6.90
CA ASN B 139 30.80 -25.87 -6.28
C ASN B 139 30.42 -26.01 -4.80
N VAL B 140 29.11 -26.03 -4.54
CA VAL B 140 28.58 -26.28 -3.20
C VAL B 140 27.62 -27.46 -3.29
N THR B 141 27.45 -28.16 -2.18
CA THR B 141 26.54 -29.30 -2.12
C THR B 141 25.17 -28.86 -1.61
N VAL B 142 24.22 -29.78 -1.67
CA VAL B 142 22.87 -29.51 -1.17
C VAL B 142 22.89 -29.23 0.33
N ASP B 143 23.69 -29.99 1.08
CA ASP B 143 23.76 -29.78 2.53
C ASP B 143 24.30 -28.41 2.89
N GLN B 144 25.02 -27.77 1.97
CA GLN B 144 25.65 -26.48 2.23
C GLN B 144 24.79 -25.29 1.82
N CYS B 145 23.55 -25.52 1.38
CA CYS B 145 22.66 -24.45 0.98
C CYS B 145 21.46 -24.39 1.89
N ALA B 146 20.92 -23.18 2.07
CA ALA B 146 19.75 -22.94 2.90
C ALA B 146 18.54 -22.68 2.02
N PHE B 147 17.38 -23.14 2.48
CA PHE B 147 16.14 -23.03 1.73
C PHE B 147 15.19 -22.07 2.43
N ASP B 148 14.64 -21.14 1.67
CA ASP B 148 13.78 -20.08 2.22
C ASP B 148 12.32 -20.48 2.05
N LYS B 149 11.74 -21.03 3.11
CA LYS B 149 10.34 -21.43 3.14
C LYS B 149 9.94 -22.29 1.93
N PRO B 150 10.46 -23.51 1.83
CA PRO B 150 10.11 -24.36 0.68
C PRO B 150 8.63 -24.69 0.65
N SER B 151 8.07 -24.71 -0.56
CA SER B 151 6.75 -25.28 -0.78
C SER B 151 6.87 -26.78 -0.98
N ALA B 152 5.74 -27.48 -0.81
CA ALA B 152 5.75 -28.94 -0.72
C ALA B 152 6.54 -29.59 -1.85
N ALA B 153 6.38 -29.05 -3.06
CA ALA B 153 7.12 -29.57 -4.21
C ALA B 153 8.63 -29.47 -4.00
N LEU B 154 9.10 -28.48 -3.24
CA LEU B 154 10.54 -28.29 -3.10
C LEU B 154 11.19 -29.42 -2.29
N GLN B 155 10.66 -29.75 -1.11
CA GLN B 155 11.25 -30.87 -0.38
C GLN B 155 10.86 -32.20 -1.03
N GLN B 156 9.76 -32.22 -1.78
CA GLN B 156 9.51 -33.40 -2.61
C GLN B 156 10.65 -33.61 -3.61
N PHE B 157 11.13 -32.52 -4.21
CA PHE B 157 12.26 -32.61 -5.13
C PHE B 157 13.54 -32.96 -4.40
N LEU B 158 13.69 -32.47 -3.17
CA LEU B 158 14.89 -32.77 -2.40
C LEU B 158 14.94 -34.23 -1.97
N GLU B 159 13.78 -34.87 -1.78
CA GLU B 159 13.82 -36.32 -1.55
C GLU B 159 13.92 -37.10 -2.85
N LYS B 160 13.48 -36.51 -3.98
CA LYS B 160 13.53 -37.18 -5.32
C LYS B 160 14.98 -37.21 -5.81
N TYR B 161 15.68 -36.11 -5.62
CA TYR B 161 17.08 -35.99 -6.00
C TYR B 161 17.88 -35.63 -4.77
N TYR B 162 18.96 -36.38 -4.52
CA TYR B 162 19.87 -36.28 -3.39
C TYR B 162 19.26 -36.86 -2.12
N ASP B 163 17.98 -37.24 -2.12
CA ASP B 163 17.33 -37.89 -0.99
C ASP B 163 17.48 -37.08 0.30
N ARG B 164 17.32 -35.76 0.19
CA ARG B 164 17.42 -34.88 1.35
C ARG B 164 16.01 -34.52 1.81
N LYS B 165 15.42 -35.41 2.58
CA LYS B 165 14.09 -35.21 3.14
C LYS B 165 14.21 -34.81 4.62
N ASP B 166 13.05 -34.71 5.27
CA ASP B 166 12.98 -34.34 6.69
C ASP B 166 13.69 -33.02 6.95
N LEU B 167 13.32 -32.01 6.18
CA LEU B 167 13.94 -30.69 6.28
C LEU B 167 13.68 -30.11 7.67
N VAL B 168 14.73 -29.59 8.30
CA VAL B 168 14.63 -28.99 9.62
C VAL B 168 14.24 -27.53 9.47
N TRP B 169 13.23 -27.11 10.23
CA TRP B 169 12.76 -25.74 10.16
C TRP B 169 13.57 -24.84 11.09
N GLN B 170 13.52 -23.54 10.82
CA GLN B 170 14.27 -22.55 11.59
C GLN B 170 13.34 -21.42 12.00
N SER B 171 13.74 -20.73 13.07
CA SER B 171 12.96 -19.60 13.58
C SER B 171 12.87 -18.47 12.57
N ASN B 172 13.83 -18.36 11.65
CA ASN B 172 13.85 -17.30 10.64
C ASN B 172 13.17 -17.72 9.34
N LYS B 173 12.19 -18.61 9.41
CA LYS B 173 11.39 -19.10 8.29
C LYS B 173 12.20 -19.90 7.28
N TYR B 174 13.48 -20.13 7.53
CA TYR B 174 14.30 -20.91 6.61
C TYR B 174 14.26 -22.39 6.97
N ALA B 175 14.62 -23.23 6.00
CA ALA B 175 14.67 -24.67 6.19
C ALA B 175 15.97 -25.20 5.61
N LEU B 176 16.56 -26.19 6.28
CA LEU B 176 17.78 -26.82 5.83
C LEU B 176 17.70 -28.32 6.07
N CYS B 177 18.71 -29.04 5.60
CA CYS B 177 18.78 -30.47 5.85
C CYS B 177 19.16 -30.74 7.29
N SER B 178 18.82 -31.94 7.76
CA SER B 178 19.16 -32.33 9.12
C SER B 178 20.65 -32.47 9.35
N ASN B 179 21.46 -32.49 8.29
CA ASN B 179 22.91 -32.65 8.40
C ASN B 179 23.55 -31.28 8.49
N PHE B 180 24.13 -30.97 9.64
CA PHE B 180 24.84 -29.71 9.88
C PHE B 180 26.30 -30.02 10.16
N PHE B 181 27.12 -30.01 9.11
CA PHE B 181 28.56 -30.22 9.27
C PHE B 181 29.30 -28.95 9.66
N ILE B 182 28.62 -27.80 9.69
CA ILE B 182 29.31 -26.55 9.99
C ILE B 182 29.86 -26.57 11.41
N GLY B 183 29.08 -27.05 12.37
CA GLY B 183 29.54 -27.08 13.74
C GLY B 183 29.81 -25.69 14.29
N ARG B 184 30.78 -25.60 15.19
CA ARG B 184 31.22 -24.35 15.79
C ARG B 184 30.04 -23.59 16.39
N HIS B 185 29.30 -24.29 17.23
CA HIS B 185 28.10 -23.71 17.80
C HIS B 185 28.45 -22.63 18.82
N PRO B 186 27.94 -21.41 18.67
CA PRO B 186 28.21 -20.37 19.69
C PRO B 186 27.66 -20.72 21.06
N THR B 187 26.54 -21.43 21.13
CA THR B 187 25.89 -21.73 22.39
C THR B 187 25.71 -23.23 22.56
N VAL B 188 26.06 -23.73 23.73
CA VAL B 188 25.89 -25.15 24.03
C VAL B 188 24.41 -25.49 24.10
N PRO B 189 23.92 -26.51 23.38
CA PRO B 189 22.52 -26.90 23.40
C PRO B 189 22.08 -27.50 24.73
N MET C 1 -35.40 -19.30 -13.06
CA MET C 1 -36.33 -18.18 -13.00
C MET C 1 -36.45 -17.64 -11.57
N ARG C 2 -36.49 -18.55 -10.60
CA ARG C 2 -36.64 -18.19 -9.20
C ARG C 2 -35.26 -18.09 -8.55
N GLU C 3 -34.63 -16.93 -8.74
CA GLU C 3 -33.29 -16.72 -8.20
C GLU C 3 -33.34 -16.52 -6.69
N ILE C 4 -32.20 -16.78 -6.05
CA ILE C 4 -32.05 -16.66 -4.61
C ILE C 4 -30.75 -15.89 -4.32
N VAL C 5 -30.82 -14.98 -3.37
CA VAL C 5 -29.68 -14.16 -2.97
C VAL C 5 -29.22 -14.62 -1.59
N HIS C 6 -27.93 -14.87 -1.45
CA HIS C 6 -27.34 -15.35 -0.20
C HIS C 6 -26.55 -14.23 0.46
N ILE C 7 -26.70 -14.10 1.78
CA ILE C 7 -25.96 -13.14 2.58
C ILE C 7 -25.25 -13.88 3.69
N GLN C 8 -23.96 -13.57 3.88
CA GLN C 8 -23.15 -14.19 4.91
C GLN C 8 -22.61 -13.11 5.84
N ALA C 9 -22.83 -13.27 7.14
CA ALA C 9 -22.39 -12.30 8.13
C ALA C 9 -21.68 -13.00 9.27
N GLY C 10 -20.66 -12.34 9.81
CA GLY C 10 -19.87 -12.91 10.88
C GLY C 10 -18.97 -14.02 10.41
N GLN C 11 -17.97 -14.40 11.21
CA GLN C 11 -17.07 -15.47 10.80
C GLN C 11 -17.80 -16.79 10.70
N CYS C 12 -18.69 -17.09 11.65
CA CYS C 12 -19.44 -18.34 11.61
C CYS C 12 -20.33 -18.40 10.37
N GLY C 13 -21.05 -17.32 10.10
CA GLY C 13 -21.90 -17.29 8.93
C GLY C 13 -21.10 -17.40 7.64
N ASN C 14 -19.95 -16.75 7.59
CA ASN C 14 -19.10 -16.83 6.40
C ASN C 14 -18.58 -18.25 6.19
N GLN C 15 -18.19 -18.92 7.26
CA GLN C 15 -17.72 -20.30 7.14
C GLN C 15 -18.84 -21.22 6.64
N ILE C 16 -20.03 -21.08 7.23
CA ILE C 16 -21.15 -21.92 6.81
C ILE C 16 -21.52 -21.63 5.36
N GLY C 17 -21.47 -20.36 4.96
CA GLY C 17 -21.76 -20.03 3.57
C GLY C 17 -20.72 -20.57 2.60
N SER C 18 -19.44 -20.54 3.00
CA SER C 18 -18.41 -21.12 2.15
C SER C 18 -18.64 -22.60 1.97
N LYS C 19 -18.98 -23.30 3.05
CA LYS C 19 -19.33 -24.72 2.94
C LYS C 19 -20.56 -24.91 2.06
N PHE C 20 -21.54 -24.00 2.20
CA PHE C 20 -22.75 -24.05 1.38
C PHE C 20 -22.41 -24.02 -0.09
N TRP C 21 -21.62 -23.03 -0.51
CA TRP C 21 -21.29 -22.93 -1.93
C TRP C 21 -20.40 -24.06 -2.38
N GLU C 22 -19.53 -24.57 -1.50
CA GLU C 22 -18.75 -25.75 -1.87
C GLU C 22 -19.65 -26.93 -2.20
N VAL C 23 -20.62 -27.20 -1.31
CA VAL C 23 -21.52 -28.33 -1.53
C VAL C 23 -22.39 -28.11 -2.77
N ILE C 24 -22.89 -26.88 -2.94
CA ILE C 24 -23.75 -26.59 -4.08
C ILE C 24 -22.98 -26.74 -5.39
N SER C 25 -21.74 -26.24 -5.44
CA SER C 25 -20.91 -26.42 -6.62
C SER C 25 -20.64 -27.91 -6.87
N ASP C 26 -20.48 -28.68 -5.80
CA ASP C 26 -20.34 -30.13 -5.97
C ASP C 26 -21.60 -30.72 -6.62
N GLU C 27 -22.77 -30.30 -6.16
CA GLU C 27 -24.02 -30.79 -6.73
C GLU C 27 -24.24 -30.25 -8.14
N HIS C 28 -23.94 -28.97 -8.35
CA HIS C 28 -24.17 -28.35 -9.65
C HIS C 28 -23.03 -28.57 -10.63
N GLY C 29 -21.98 -29.29 -10.23
CA GLY C 29 -20.87 -29.56 -11.12
C GLY C 29 -20.09 -28.34 -11.55
N ILE C 30 -19.76 -27.48 -10.60
CA ILE C 30 -18.98 -26.28 -10.85
C ILE C 30 -17.60 -26.46 -10.26
N ASP C 31 -16.57 -26.28 -11.08
CA ASP C 31 -15.20 -26.37 -10.60
C ASP C 31 -14.91 -25.22 -9.63
N PRO C 32 -14.03 -25.43 -8.65
CA PRO C 32 -13.69 -24.33 -7.74
C PRO C 32 -13.15 -23.10 -8.44
N SER C 33 -12.49 -23.27 -9.59
CA SER C 33 -11.99 -22.12 -10.34
C SER C 33 -13.10 -21.28 -10.94
N GLY C 34 -14.33 -21.78 -10.99
CA GLY C 34 -15.44 -21.05 -11.54
C GLY C 34 -15.92 -21.51 -12.91
N GLN C 35 -15.38 -22.61 -13.43
CA GLN C 35 -15.77 -23.13 -14.73
C GLN C 35 -16.68 -24.34 -14.56
N TYR C 36 -17.69 -24.44 -15.42
CA TYR C 36 -18.62 -25.56 -15.36
C TYR C 36 -17.92 -26.84 -15.82
N VAL C 37 -18.03 -27.89 -15.00
CA VAL C 37 -17.41 -29.17 -15.33
C VAL C 37 -18.44 -30.28 -15.16
N GLY C 38 -19.71 -29.91 -15.06
CA GLY C 38 -20.76 -30.89 -14.87
C GLY C 38 -20.97 -31.74 -16.11
N ASP C 39 -21.64 -32.88 -15.90
CA ASP C 39 -21.93 -33.83 -16.97
C ASP C 39 -23.40 -33.85 -17.37
N SER C 40 -24.31 -33.74 -16.40
CA SER C 40 -25.74 -33.79 -16.68
C SER C 40 -26.28 -32.38 -16.86
N ASP C 41 -27.06 -32.18 -17.94
CA ASP C 41 -27.62 -30.87 -18.21
C ASP C 41 -28.63 -30.44 -17.14
N LEU C 42 -29.17 -31.40 -16.39
CA LEU C 42 -30.09 -31.06 -15.31
C LEU C 42 -29.38 -30.23 -14.24
N GLN C 43 -28.08 -30.46 -14.05
CA GLN C 43 -27.32 -29.62 -13.13
C GLN C 43 -27.24 -28.18 -13.61
N LEU C 44 -27.39 -27.96 -14.92
CA LEU C 44 -27.25 -26.65 -15.51
C LEU C 44 -28.56 -26.04 -15.98
N GLU C 45 -29.65 -26.81 -16.02
CA GLU C 45 -30.89 -26.32 -16.60
C GLU C 45 -31.47 -25.17 -15.77
N ARG C 46 -31.25 -25.18 -14.46
CA ARG C 46 -31.67 -24.10 -13.58
C ARG C 46 -30.55 -23.68 -12.65
N ILE C 47 -29.36 -23.48 -13.21
CA ILE C 47 -28.23 -23.01 -12.41
C ILE C 47 -28.38 -21.55 -12.04
N ASN C 48 -29.30 -20.82 -12.70
CA ASN C 48 -29.46 -19.41 -12.43
C ASN C 48 -30.02 -19.13 -11.04
N VAL C 49 -30.50 -20.17 -10.34
CA VAL C 49 -31.08 -19.95 -9.02
C VAL C 49 -30.03 -19.44 -8.04
N TYR C 50 -28.79 -19.92 -8.17
CA TYR C 50 -27.72 -19.56 -7.25
C TYR C 50 -26.56 -18.84 -7.91
N TYR C 51 -26.23 -19.18 -9.15
CA TYR C 51 -25.04 -18.64 -9.80
C TYR C 51 -25.42 -17.73 -10.96
N ASN C 52 -24.91 -16.50 -10.93
CA ASN C 52 -24.96 -15.63 -12.09
C ASN C 52 -23.89 -16.05 -13.08
N GLU C 53 -24.21 -15.93 -14.36
CA GLU C 53 -23.34 -16.40 -15.43
C GLU C 53 -22.52 -15.23 -15.98
N ALA C 54 -21.25 -15.51 -16.28
CA ALA C 54 -20.37 -14.53 -16.90
C ALA C 54 -20.30 -14.65 -18.41
N GLY C 55 -21.06 -15.55 -19.00
CA GLY C 55 -21.09 -15.73 -20.45
C GLY C 55 -20.12 -16.75 -21.01
N SER C 56 -18.85 -16.65 -20.62
CA SER C 56 -17.81 -17.54 -21.13
C SER C 56 -17.74 -18.83 -20.31
N ASN C 57 -18.87 -19.51 -20.16
CA ASN C 57 -18.97 -20.76 -19.42
C ASN C 57 -18.47 -20.62 -17.99
N LYS C 58 -18.58 -19.42 -17.42
CA LYS C 58 -18.10 -19.14 -16.08
C LYS C 58 -19.25 -18.60 -15.24
N TYR C 59 -19.39 -19.12 -14.02
CA TYR C 59 -20.48 -18.74 -13.13
C TYR C 59 -19.91 -18.21 -11.82
N VAL C 60 -20.54 -17.18 -11.28
CA VAL C 60 -20.17 -16.59 -10.01
C VAL C 60 -21.36 -16.73 -9.06
N PRO C 61 -21.14 -17.01 -7.78
CA PRO C 61 -22.27 -17.18 -6.86
C PRO C 61 -23.01 -15.87 -6.63
N ARG C 62 -24.30 -16.00 -6.37
CA ARG C 62 -25.12 -14.85 -5.97
C ARG C 62 -25.09 -14.68 -4.46
N ALA C 63 -23.90 -14.39 -3.95
CA ALA C 63 -23.65 -14.33 -2.51
C ALA C 63 -23.15 -12.94 -2.12
N VAL C 64 -23.54 -12.52 -0.92
CA VAL C 64 -23.05 -11.28 -0.33
C VAL C 64 -22.22 -11.61 0.91
N LEU C 65 -20.91 -11.70 0.75
CA LEU C 65 -20.01 -11.99 1.86
C LEU C 65 -19.65 -10.68 2.53
N VAL C 66 -19.91 -10.58 3.83
CA VAL C 66 -19.67 -9.35 4.56
C VAL C 66 -19.34 -9.67 6.01
N ASP C 67 -18.43 -8.89 6.58
CA ASP C 67 -18.04 -8.98 7.98
C ASP C 67 -17.31 -7.71 8.36
N LEU C 68 -17.42 -7.33 9.64
CA LEU C 68 -16.78 -6.09 10.09
C LEU C 68 -15.26 -6.17 10.00
N GLU C 69 -14.67 -7.32 10.32
CA GLU C 69 -13.23 -7.47 10.32
C GLU C 69 -12.76 -8.00 8.96
N PRO C 70 -11.81 -7.34 8.29
CA PRO C 70 -11.32 -7.86 7.01
C PRO C 70 -10.57 -9.17 7.13
N GLY C 71 -10.18 -9.56 8.35
CA GLY C 71 -9.47 -10.82 8.53
C GLY C 71 -10.26 -12.00 8.02
N THR C 72 -11.55 -12.05 8.37
CA THR C 72 -12.41 -13.10 7.85
C THR C 72 -12.53 -13.00 6.33
N MET C 73 -12.53 -11.78 5.79
CA MET C 73 -12.65 -11.61 4.35
C MET C 73 -11.48 -12.25 3.62
N ASP C 74 -10.25 -11.91 4.01
CA ASP C 74 -9.12 -12.49 3.29
C ASP C 74 -8.90 -13.95 3.67
N SER C 75 -9.38 -14.38 4.85
CA SER C 75 -9.35 -15.80 5.17
C SER C 75 -10.25 -16.59 4.22
N VAL C 76 -11.44 -16.06 3.93
CA VAL C 76 -12.31 -16.70 2.94
C VAL C 76 -11.67 -16.66 1.57
N ARG C 77 -11.11 -15.50 1.20
CA ARG C 77 -10.49 -15.36 -0.12
C ARG C 77 -9.35 -16.35 -0.30
N SER C 78 -8.63 -16.66 0.77
CA SER C 78 -7.55 -17.64 0.71
C SER C 78 -8.06 -19.07 0.75
N GLY C 79 -9.35 -19.28 0.93
CA GLY C 79 -9.91 -20.60 1.03
C GLY C 79 -9.90 -21.34 -0.30
N PRO C 80 -10.19 -22.64 -0.27
CA PRO C 80 -10.21 -23.41 -1.52
C PRO C 80 -11.25 -22.91 -2.51
N PHE C 81 -12.38 -22.42 -2.02
CA PHE C 81 -13.45 -21.90 -2.87
C PHE C 81 -13.58 -20.40 -2.80
N GLY C 82 -12.64 -19.72 -2.16
CA GLY C 82 -12.73 -18.27 -2.03
C GLY C 82 -12.62 -17.55 -3.37
N GLN C 83 -11.80 -18.10 -4.28
CA GLN C 83 -11.64 -17.49 -5.59
C GLN C 83 -12.97 -17.40 -6.35
N LEU C 84 -13.88 -18.35 -6.11
CA LEU C 84 -15.12 -18.40 -6.86
C LEU C 84 -15.97 -17.15 -6.67
N PHE C 85 -15.90 -16.51 -5.51
CA PHE C 85 -16.82 -15.42 -5.19
C PHE C 85 -16.43 -14.14 -5.91
N ARG C 86 -17.40 -13.23 -6.00
CA ARG C 86 -17.21 -11.97 -6.71
C ARG C 86 -16.52 -10.95 -5.79
N PRO C 87 -15.42 -10.35 -6.23
CA PRO C 87 -14.70 -9.41 -5.36
C PRO C 87 -15.53 -8.21 -4.93
N ASP C 88 -16.41 -7.72 -5.81
CA ASP C 88 -17.24 -6.58 -5.46
C ASP C 88 -18.23 -6.89 -4.36
N ASN C 89 -18.54 -8.17 -4.12
CA ASN C 89 -19.44 -8.55 -3.04
C ASN C 89 -18.77 -8.58 -1.69
N TYR C 90 -17.44 -8.60 -1.63
CA TYR C 90 -16.72 -8.59 -0.36
C TYR C 90 -16.82 -7.20 0.25
N VAL C 91 -17.59 -7.08 1.33
CA VAL C 91 -17.76 -5.83 2.04
C VAL C 91 -17.22 -6.00 3.45
N PHE C 92 -16.47 -4.99 3.92
CA PHE C 92 -15.87 -5.07 5.24
C PHE C 92 -15.70 -3.67 5.80
N GLY C 93 -15.54 -3.59 7.11
CA GLY C 93 -15.33 -2.33 7.79
C GLY C 93 -13.88 -2.12 8.19
N GLN C 94 -13.64 -1.97 9.49
CA GLN C 94 -12.30 -1.76 10.01
C GLN C 94 -11.84 -2.88 10.91
N SER C 95 -12.62 -3.23 11.92
CA SER C 95 -12.27 -4.29 12.86
C SER C 95 -13.55 -5.03 13.25
N GLY C 96 -13.38 -6.11 14.01
CA GLY C 96 -14.52 -6.90 14.43
C GLY C 96 -15.41 -6.16 15.41
N ALA C 97 -16.63 -6.68 15.56
CA ALA C 97 -17.59 -6.06 16.46
C ALA C 97 -17.23 -6.27 17.92
N GLY C 98 -16.31 -7.18 18.22
CA GLY C 98 -15.96 -7.44 19.61
C GLY C 98 -17.03 -8.14 20.40
N ASN C 99 -17.88 -8.94 19.75
CA ASN C 99 -19.00 -9.62 20.38
C ASN C 99 -19.96 -8.64 21.04
N ASN C 100 -20.04 -7.42 20.51
CA ASN C 100 -20.89 -6.38 21.04
C ASN C 100 -22.05 -6.15 20.08
N TRP C 101 -23.27 -6.42 20.55
CA TRP C 101 -24.44 -6.23 19.71
C TRP C 101 -24.61 -4.77 19.30
N ALA C 102 -24.42 -3.84 20.26
CA ALA C 102 -24.60 -2.43 19.96
C ALA C 102 -23.60 -1.95 18.91
N LYS C 103 -22.34 -2.39 19.01
CA LYS C 103 -21.34 -1.95 18.04
C LYS C 103 -21.71 -2.38 16.63
N GLY C 104 -22.17 -3.61 16.46
CA GLY C 104 -22.56 -4.10 15.16
C GLY C 104 -23.95 -3.74 14.70
N HIS C 105 -24.76 -3.13 15.58
CA HIS C 105 -26.15 -2.84 15.24
C HIS C 105 -26.51 -1.36 15.26
N TYR C 106 -25.66 -0.50 15.81
CA TYR C 106 -26.09 0.89 15.93
C TYR C 106 -25.07 1.89 15.41
N THR C 107 -23.78 1.59 15.46
CA THR C 107 -22.78 2.50 14.91
C THR C 107 -22.03 1.90 13.73
N GLU C 108 -21.27 0.82 13.95
CA GLU C 108 -20.44 0.27 12.88
C GLU C 108 -21.30 -0.41 11.82
N GLY C 109 -22.25 -1.23 12.26
CA GLY C 109 -23.24 -1.74 11.34
C GLY C 109 -24.03 -0.63 10.69
N ALA C 110 -24.22 0.49 11.41
CA ALA C 110 -24.93 1.62 10.82
C ALA C 110 -24.20 2.18 9.62
N GLU C 111 -22.87 2.35 9.72
CA GLU C 111 -22.17 2.82 8.52
C GLU C 111 -22.15 1.75 7.43
N LEU C 112 -21.83 0.50 7.81
CA LEU C 112 -21.59 -0.51 6.79
C LEU C 112 -22.86 -0.94 6.08
N VAL C 113 -24.02 -0.79 6.73
CA VAL C 113 -25.25 -1.32 6.16
C VAL C 113 -25.67 -0.55 4.92
N ASP C 114 -25.23 0.70 4.78
CA ASP C 114 -25.53 1.45 3.57
C ASP C 114 -24.89 0.79 2.35
N ASN C 115 -23.59 0.52 2.43
CA ASN C 115 -22.90 -0.16 1.34
C ASN C 115 -23.44 -1.57 1.15
N VAL C 116 -23.77 -2.26 2.25
CA VAL C 116 -24.29 -3.61 2.13
C VAL C 116 -25.62 -3.60 1.38
N LEU C 117 -26.51 -2.68 1.74
CA LEU C 117 -27.79 -2.56 1.04
C LEU C 117 -27.57 -2.19 -0.42
N ASP C 118 -26.62 -1.29 -0.68
CA ASP C 118 -26.35 -0.92 -2.07
C ASP C 118 -25.96 -2.13 -2.90
N VAL C 119 -24.99 -2.92 -2.42
CA VAL C 119 -24.52 -4.06 -3.20
C VAL C 119 -25.61 -5.12 -3.30
N VAL C 120 -26.38 -5.34 -2.22
CA VAL C 120 -27.44 -6.33 -2.26
C VAL C 120 -28.51 -5.95 -3.28
N ARG C 121 -28.92 -4.67 -3.28
CA ARG C 121 -29.94 -4.23 -4.22
C ARG C 121 -29.44 -4.31 -5.66
N LYS C 122 -28.19 -3.88 -5.88
CA LYS C 122 -27.62 -3.97 -7.23
C LYS C 122 -27.59 -5.42 -7.71
N GLU C 123 -27.21 -6.33 -6.83
CA GLU C 123 -27.12 -7.74 -7.21
C GLU C 123 -28.51 -8.33 -7.42
N ALA C 124 -29.49 -7.89 -6.63
CA ALA C 124 -30.85 -8.42 -6.74
C ALA C 124 -31.51 -7.97 -8.03
N GLU C 125 -31.29 -6.71 -8.44
CA GLU C 125 -31.93 -6.22 -9.65
C GLU C 125 -31.44 -6.92 -10.91
N SER C 126 -30.36 -7.67 -10.83
CA SER C 126 -29.86 -8.43 -11.98
C SER C 126 -30.60 -9.74 -12.19
N THR C 127 -31.52 -10.11 -11.30
CA THR C 127 -32.23 -11.36 -11.40
C THR C 127 -33.57 -11.18 -12.10
N ASP C 128 -34.00 -12.22 -12.82
CA ASP C 128 -35.28 -12.18 -13.50
C ASP C 128 -36.44 -12.18 -12.51
N CYS C 129 -36.39 -13.06 -11.51
CA CYS C 129 -37.42 -13.13 -10.49
C CYS C 129 -36.78 -13.67 -9.21
N LEU C 130 -36.44 -12.76 -8.30
CA LEU C 130 -35.78 -13.14 -7.05
C LEU C 130 -36.83 -13.67 -6.09
N GLN C 131 -36.77 -14.98 -5.80
CA GLN C 131 -37.74 -15.58 -4.89
C GLN C 131 -37.58 -15.05 -3.47
N GLY C 132 -36.34 -14.93 -3.00
CA GLY C 132 -36.11 -14.43 -1.66
C GLY C 132 -34.65 -14.55 -1.28
N PHE C 133 -34.39 -14.17 -0.04
CA PHE C 133 -33.04 -14.18 0.53
C PHE C 133 -32.95 -15.22 1.64
N GLN C 134 -31.83 -15.96 1.64
CA GLN C 134 -31.51 -16.87 2.72
C GLN C 134 -30.13 -16.52 3.26
N LEU C 135 -30.01 -16.45 4.58
CA LEU C 135 -28.87 -15.85 5.24
C LEU C 135 -28.33 -16.78 6.32
N THR C 136 -27.02 -16.71 6.55
CA THR C 136 -26.36 -17.51 7.59
C THR C 136 -25.63 -16.56 8.53
N HIS C 137 -25.86 -16.71 9.84
CA HIS C 137 -25.21 -15.88 10.82
C HIS C 137 -25.19 -16.62 12.16
N SER C 138 -24.45 -16.06 13.11
CA SER C 138 -24.30 -16.65 14.44
C SER C 138 -24.92 -15.73 15.49
N LEU C 139 -25.78 -16.29 16.34
CA LEU C 139 -26.39 -15.52 17.41
C LEU C 139 -25.40 -15.11 18.48
N GLY C 140 -24.47 -16.00 18.83
CA GLY C 140 -23.58 -15.76 19.95
C GLY C 140 -22.63 -14.59 19.75
N GLY C 141 -22.22 -14.33 18.51
CA GLY C 141 -21.31 -13.24 18.24
C GLY C 141 -21.99 -11.89 18.23
N GLY C 142 -21.19 -10.87 17.99
CA GLY C 142 -21.72 -9.52 17.91
C GLY C 142 -21.99 -9.10 16.48
N THR C 143 -21.01 -9.34 15.59
CA THR C 143 -21.15 -8.97 14.19
C THR C 143 -22.42 -9.54 13.60
N GLY C 144 -22.54 -10.87 13.60
CA GLY C 144 -23.74 -11.51 13.10
C GLY C 144 -24.98 -11.01 13.80
N SER C 145 -25.09 -11.27 15.10
CA SER C 145 -26.32 -11.04 15.84
C SER C 145 -26.83 -9.61 15.67
N GLY C 146 -25.93 -8.64 15.57
CA GLY C 146 -26.38 -7.27 15.38
C GLY C 146 -26.59 -6.88 13.92
N MET C 147 -25.54 -6.98 13.11
CA MET C 147 -25.60 -6.39 11.78
C MET C 147 -26.47 -7.22 10.85
N GLY C 148 -26.44 -8.55 10.98
CA GLY C 148 -27.33 -9.37 10.17
C GLY C 148 -28.79 -9.07 10.43
N THR C 149 -29.14 -8.86 11.70
CA THR C 149 -30.51 -8.48 12.02
C THR C 149 -30.86 -7.10 11.48
N LEU C 150 -29.92 -6.15 11.57
CA LEU C 150 -30.16 -4.84 11.00
C LEU C 150 -30.40 -4.93 9.49
N LEU C 151 -29.58 -5.71 8.81
CA LEU C 151 -29.75 -5.91 7.37
C LEU C 151 -31.06 -6.60 7.07
N ILE C 152 -31.46 -7.55 7.91
CA ILE C 152 -32.74 -8.25 7.71
C ILE C 152 -33.88 -7.27 7.80
N SER C 153 -33.85 -6.39 8.80
CA SER C 153 -34.89 -5.36 8.93
C SER C 153 -34.90 -4.44 7.71
N LYS C 154 -33.71 -4.02 7.26
CA LYS C 154 -33.65 -3.12 6.11
C LYS C 154 -34.21 -3.80 4.85
N ILE C 155 -33.86 -5.06 4.64
CA ILE C 155 -34.34 -5.78 3.46
C ILE C 155 -35.84 -5.97 3.53
N ARG C 156 -36.36 -6.33 4.72
CA ARG C 156 -37.80 -6.44 4.89
C ARG C 156 -38.49 -5.13 4.58
N GLU C 157 -37.87 -4.00 4.94
CA GLU C 157 -38.39 -2.71 4.53
C GLU C 157 -38.37 -2.58 3.01
N GLU C 158 -37.29 -3.03 2.37
CA GLU C 158 -37.14 -2.90 0.93
C GLU C 158 -37.79 -4.04 0.15
N TYR C 159 -38.18 -5.13 0.80
CA TYR C 159 -38.78 -6.28 0.12
C TYR C 159 -39.78 -6.95 1.06
N PRO C 160 -40.97 -6.38 1.19
CA PRO C 160 -41.96 -6.95 2.12
C PRO C 160 -42.55 -8.27 1.67
N ASP C 161 -42.43 -8.62 0.39
CA ASP C 161 -43.09 -9.79 -0.16
C ASP C 161 -42.17 -11.00 -0.32
N ARG C 162 -40.90 -10.77 -0.63
CA ARG C 162 -39.98 -11.88 -0.88
C ARG C 162 -39.70 -12.65 0.41
N ILE C 163 -39.53 -13.98 0.25
CA ILE C 163 -39.32 -14.84 1.41
C ILE C 163 -37.96 -14.55 2.04
N MET C 164 -37.88 -14.78 3.35
CA MET C 164 -36.63 -14.62 4.09
C MET C 164 -36.35 -15.88 4.89
N ASN C 165 -35.14 -16.42 4.73
CA ASN C 165 -34.68 -17.57 5.51
C ASN C 165 -33.45 -17.17 6.31
N THR C 166 -33.45 -17.50 7.59
CA THR C 166 -32.34 -17.18 8.48
C THR C 166 -31.82 -18.49 9.08
N PHE C 167 -30.91 -19.14 8.36
CA PHE C 167 -30.25 -20.34 8.84
C PHE C 167 -29.19 -19.91 9.85
N SER C 168 -29.57 -19.81 11.12
CA SER C 168 -28.74 -19.20 12.13
C SER C 168 -28.34 -20.23 13.18
N VAL C 169 -27.26 -19.91 13.90
CA VAL C 169 -26.72 -20.76 14.95
C VAL C 169 -27.01 -20.09 16.29
N VAL C 170 -27.68 -20.81 17.19
CA VAL C 170 -28.05 -20.26 18.49
C VAL C 170 -27.03 -20.72 19.53
N PRO C 171 -26.79 -19.96 20.59
CA PRO C 171 -25.86 -20.38 21.62
C PRO C 171 -26.52 -21.29 22.65
N SER C 172 -25.69 -22.06 23.33
CA SER C 172 -26.12 -22.92 24.43
C SER C 172 -25.08 -22.88 25.54
N PRO C 173 -25.50 -22.99 26.80
CA PRO C 173 -24.53 -23.00 27.90
C PRO C 173 -23.57 -24.17 27.85
N LYS C 174 -24.00 -25.32 27.33
CA LYS C 174 -23.17 -26.51 27.36
C LYS C 174 -21.88 -26.32 26.57
N VAL C 175 -21.96 -25.70 25.39
CA VAL C 175 -20.78 -25.48 24.56
C VAL C 175 -20.56 -23.98 24.43
N SER C 176 -20.93 -23.22 25.47
CA SER C 176 -20.77 -21.79 25.45
C SER C 176 -19.29 -21.41 25.34
N ASP C 177 -19.00 -20.47 24.45
CA ASP C 177 -17.64 -20.01 24.23
C ASP C 177 -17.48 -18.50 24.42
N THR C 178 -18.57 -17.77 24.63
CA THR C 178 -18.52 -16.33 24.82
C THR C 178 -19.32 -15.95 26.06
N VAL C 179 -18.75 -15.07 26.87
CA VAL C 179 -19.41 -14.64 28.10
C VAL C 179 -20.65 -13.81 27.79
N VAL C 180 -20.56 -12.94 26.78
CA VAL C 180 -21.59 -11.94 26.53
C VAL C 180 -22.61 -12.40 25.50
N GLU C 181 -22.52 -13.64 25.02
CA GLU C 181 -23.43 -14.09 23.97
C GLU C 181 -24.92 -14.04 24.34
N PRO C 182 -25.36 -14.34 25.58
CA PRO C 182 -26.82 -14.28 25.84
C PRO C 182 -27.41 -12.91 25.57
N TYR C 183 -26.65 -11.85 25.82
CA TYR C 183 -27.13 -10.50 25.52
C TYR C 183 -27.41 -10.35 24.03
N ASN C 184 -26.48 -10.81 23.19
CA ASN C 184 -26.68 -10.74 21.75
C ASN C 184 -27.88 -11.58 21.33
N ALA C 185 -28.00 -12.78 21.90
CA ALA C 185 -29.11 -13.66 21.53
C ALA C 185 -30.46 -13.02 21.87
N THR C 186 -30.58 -12.45 23.08
CA THR C 186 -31.85 -11.86 23.46
C THR C 186 -32.14 -10.58 22.68
N LEU C 187 -31.09 -9.86 22.28
CA LEU C 187 -31.32 -8.67 21.46
C LEU C 187 -31.70 -9.04 20.03
N SER C 188 -31.30 -10.22 19.56
CA SER C 188 -31.59 -10.63 18.19
C SER C 188 -32.87 -11.44 18.04
N VAL C 189 -33.35 -12.07 19.12
CA VAL C 189 -34.54 -12.91 19.00
C VAL C 189 -35.75 -12.08 18.57
N HIS C 190 -35.93 -10.90 19.16
CA HIS C 190 -37.07 -10.06 18.80
C HIS C 190 -37.00 -9.64 17.33
N GLN C 191 -35.82 -9.25 16.87
CA GLN C 191 -35.66 -8.85 15.48
C GLN C 191 -35.98 -10.00 14.55
N LEU C 192 -35.51 -11.21 14.88
CA LEU C 192 -35.81 -12.38 14.06
C LEU C 192 -37.29 -12.67 14.06
N VAL C 193 -37.96 -12.52 15.20
CA VAL C 193 -39.39 -12.77 15.28
C VAL C 193 -40.14 -11.79 14.38
N GLU C 194 -39.77 -10.52 14.44
CA GLU C 194 -40.55 -9.47 13.80
C GLU C 194 -40.15 -9.20 12.35
N ASN C 195 -39.06 -9.78 11.85
CA ASN C 195 -38.62 -9.42 10.50
C ASN C 195 -38.20 -10.62 9.68
N THR C 196 -38.63 -11.83 10.05
CA THR C 196 -38.21 -13.03 9.34
C THR C 196 -39.43 -13.91 9.08
N ASP C 197 -39.44 -14.53 7.90
CA ASP C 197 -40.50 -15.47 7.52
C ASP C 197 -40.19 -16.91 7.91
N SER C 198 -38.91 -17.28 8.01
CA SER C 198 -38.53 -18.64 8.36
C SER C 198 -37.18 -18.64 9.05
N THR C 199 -37.11 -19.28 10.22
CA THR C 199 -35.89 -19.32 11.02
C THR C 199 -35.57 -20.77 11.35
N PHE C 200 -34.31 -21.16 11.13
CA PHE C 200 -33.85 -22.52 11.38
C PHE C 200 -32.76 -22.46 12.44
N CYS C 201 -33.17 -22.65 13.70
CA CYS C 201 -32.22 -22.58 14.80
C CYS C 201 -31.24 -23.76 14.73
N ILE C 202 -29.97 -23.47 15.01
CA ILE C 202 -28.91 -24.48 15.02
C ILE C 202 -28.08 -24.29 16.27
N ASP C 203 -27.69 -25.39 16.91
CA ASP C 203 -26.88 -25.35 18.12
C ASP C 203 -25.66 -26.23 17.95
N ASN C 204 -24.51 -25.73 18.39
CA ASN C 204 -23.27 -26.49 18.25
C ASN C 204 -23.24 -27.73 19.13
N GLU C 205 -23.92 -27.69 20.28
CA GLU C 205 -23.97 -28.87 21.14
C GLU C 205 -24.66 -30.02 20.42
N ALA C 206 -25.76 -29.73 19.72
CA ALA C 206 -26.44 -30.76 18.94
C ALA C 206 -25.53 -31.32 17.85
N LEU C 207 -24.78 -30.44 17.19
CA LEU C 207 -23.87 -30.89 16.14
C LEU C 207 -22.81 -31.81 16.70
N TYR C 208 -22.22 -31.44 17.85
CA TYR C 208 -21.20 -32.27 18.46
C TYR C 208 -21.77 -33.60 18.93
N ASP C 209 -23.00 -33.59 19.47
CA ASP C 209 -23.64 -34.82 19.90
C ASP C 209 -23.87 -35.75 18.70
N ILE C 210 -24.35 -35.18 17.59
CA ILE C 210 -24.58 -35.98 16.40
C ILE C 210 -23.28 -36.58 15.88
N CYS C 211 -22.22 -35.76 15.83
CA CYS C 211 -20.94 -36.26 15.36
C CYS C 211 -20.38 -37.33 16.28
N PHE C 212 -20.60 -37.18 17.58
CA PHE C 212 -20.02 -38.12 18.55
C PHE C 212 -20.74 -39.46 18.51
N ARG C 213 -22.06 -39.42 18.54
CA ARG C 213 -22.76 -40.71 18.61
C ARG C 213 -23.35 -41.09 17.26
N THR C 214 -24.19 -40.24 16.68
CA THR C 214 -24.92 -40.64 15.50
C THR C 214 -23.98 -40.96 14.34
N LEU C 215 -22.93 -40.15 14.17
CA LEU C 215 -22.02 -40.30 13.05
C LEU C 215 -20.66 -40.85 13.46
N LYS C 216 -20.35 -40.83 14.76
CA LYS C 216 -19.13 -41.46 15.29
C LYS C 216 -17.86 -40.87 14.67
N LEU C 217 -17.77 -39.55 14.68
CA LEU C 217 -16.55 -38.88 14.23
C LEU C 217 -15.55 -38.83 15.38
N THR C 218 -14.30 -39.23 15.11
CA THR C 218 -13.31 -39.32 16.18
C THR C 218 -13.01 -37.95 16.77
N THR C 219 -12.65 -36.98 15.93
CA THR C 219 -12.32 -35.62 16.38
C THR C 219 -12.87 -34.59 15.40
N PRO C 220 -14.20 -34.48 15.28
CA PRO C 220 -14.78 -33.51 14.36
C PRO C 220 -14.45 -32.08 14.76
N THR C 221 -14.31 -31.23 13.76
CA THR C 221 -14.04 -29.82 13.94
C THR C 221 -15.18 -29.01 13.34
N TYR C 222 -15.00 -27.68 13.28
CA TYR C 222 -16.03 -26.83 12.70
C TYR C 222 -16.30 -27.15 11.24
N GLY C 223 -15.33 -27.72 10.54
CA GLY C 223 -15.54 -28.05 9.14
C GLY C 223 -16.64 -29.07 8.94
N ASP C 224 -16.63 -30.13 9.74
CA ASP C 224 -17.64 -31.17 9.60
C ASP C 224 -19.01 -30.68 10.07
N LEU C 225 -19.04 -29.85 11.11
CA LEU C 225 -20.31 -29.25 11.53
C LEU C 225 -20.90 -28.40 10.42
N ASN C 226 -20.07 -27.55 9.80
CA ASN C 226 -20.54 -26.74 8.69
C ASN C 226 -20.92 -27.59 7.50
N HIS C 227 -20.27 -28.75 7.32
CA HIS C 227 -20.65 -29.65 6.23
C HIS C 227 -22.03 -30.25 6.46
N LEU C 228 -22.33 -30.65 7.69
CA LEU C 228 -23.69 -31.13 7.99
C LEU C 228 -24.71 -30.02 7.78
N VAL C 229 -24.39 -28.81 8.25
CA VAL C 229 -25.29 -27.68 8.07
C VAL C 229 -25.51 -27.41 6.58
N SER C 230 -24.45 -27.55 5.78
CA SER C 230 -24.58 -27.31 4.34
C SER C 230 -25.34 -28.43 3.64
N ALA C 231 -25.22 -29.65 4.14
CA ALA C 231 -26.06 -30.72 3.63
C ALA C 231 -27.53 -30.41 3.85
N THR C 232 -27.87 -29.93 5.06
CA THR C 232 -29.24 -29.47 5.29
C THR C 232 -29.58 -28.29 4.39
N MET C 233 -28.61 -27.40 4.16
CA MET C 233 -28.80 -26.27 3.26
C MET C 233 -29.27 -26.73 1.90
N SER C 234 -28.54 -27.67 1.31
CA SER C 234 -28.89 -28.16 -0.02
C SER C 234 -30.19 -28.95 0.01
N GLY C 235 -30.42 -29.70 1.09
CA GLY C 235 -31.62 -30.52 1.16
C GLY C 235 -32.90 -29.70 1.20
N VAL C 236 -32.88 -28.57 1.92
CA VAL C 236 -34.11 -27.80 2.06
C VAL C 236 -34.49 -27.14 0.74
N THR C 237 -33.52 -26.86 -0.13
CA THR C 237 -33.76 -26.14 -1.37
C THR C 237 -33.52 -26.99 -2.60
N THR C 238 -33.43 -28.31 -2.45
CA THR C 238 -33.12 -29.17 -3.58
C THR C 238 -34.25 -29.16 -4.62
N CYS C 239 -35.46 -28.79 -4.22
CA CYS C 239 -36.59 -28.82 -5.14
C CYS C 239 -36.46 -27.78 -6.23
N LEU C 240 -35.99 -26.58 -5.88
CA LEU C 240 -35.92 -25.48 -6.84
C LEU C 240 -34.89 -25.73 -7.93
N ARG C 241 -33.93 -26.62 -7.70
CA ARG C 241 -32.81 -26.80 -8.60
C ARG C 241 -32.90 -28.08 -9.44
N PHE C 242 -33.87 -28.95 -9.16
CA PHE C 242 -33.99 -30.21 -9.87
C PHE C 242 -35.46 -30.55 -9.99
N PRO C 243 -35.84 -31.33 -11.00
CA PRO C 243 -37.24 -31.75 -11.11
C PRO C 243 -37.61 -32.77 -10.04
N GLY C 244 -38.91 -32.89 -9.81
CA GLY C 244 -39.41 -33.84 -8.83
C GLY C 244 -40.89 -34.08 -9.00
N GLN C 245 -41.35 -35.21 -8.45
CA GLN C 245 -42.77 -35.52 -8.49
C GLN C 245 -43.57 -34.53 -7.67
N LEU C 246 -43.17 -34.30 -6.42
CA LEU C 246 -43.85 -33.36 -5.53
C LEU C 246 -42.95 -32.13 -5.41
N ASN C 247 -43.16 -31.16 -6.28
CA ASN C 247 -42.32 -29.96 -6.34
C ASN C 247 -42.85 -28.94 -5.34
N ALA C 248 -42.06 -28.66 -4.32
CA ALA C 248 -42.42 -27.69 -3.28
C ALA C 248 -41.25 -26.75 -3.05
N ASP C 249 -41.46 -25.46 -3.30
CA ASP C 249 -40.44 -24.45 -3.12
C ASP C 249 -40.47 -23.94 -1.67
N LEU C 250 -39.62 -22.96 -1.39
CA LEU C 250 -39.52 -22.43 -0.03
C LEU C 250 -40.85 -21.84 0.42
N ARG C 251 -41.63 -21.29 -0.51
CA ARG C 251 -42.94 -20.74 -0.15
C ARG C 251 -43.88 -21.83 0.36
N LYS C 252 -43.89 -22.99 -0.32
CA LYS C 252 -44.74 -24.09 0.13
C LYS C 252 -44.29 -24.62 1.48
N LEU C 253 -42.98 -24.73 1.69
CA LEU C 253 -42.46 -25.15 2.98
C LEU C 253 -42.87 -24.17 4.08
N ALA C 254 -42.78 -22.87 3.80
CA ALA C 254 -43.19 -21.88 4.79
C ALA C 254 -44.69 -21.98 5.08
N VAL C 255 -45.51 -22.18 4.05
CA VAL C 255 -46.95 -22.28 4.26
C VAL C 255 -47.29 -23.50 5.10
N ASN C 256 -46.64 -24.63 4.80
CA ASN C 256 -46.93 -25.85 5.56
C ASN C 256 -46.38 -25.76 6.99
N MET C 257 -45.26 -25.06 7.17
CA MET C 257 -44.53 -25.09 8.44
C MET C 257 -44.92 -23.96 9.38
N VAL C 258 -45.76 -23.03 8.94
CA VAL C 258 -46.07 -21.85 9.76
C VAL C 258 -47.58 -21.79 10.00
N PRO C 259 -48.08 -22.42 11.06
CA PRO C 259 -49.51 -22.24 11.40
C PRO C 259 -49.85 -20.80 11.70
N PHE C 260 -48.96 -20.06 12.33
CA PHE C 260 -49.19 -18.68 12.72
C PHE C 260 -47.90 -17.90 12.54
N PRO C 261 -47.99 -16.60 12.22
CA PRO C 261 -46.80 -15.86 11.77
C PRO C 261 -45.65 -15.86 12.77
N ARG C 262 -45.94 -15.88 14.07
CA ARG C 262 -44.91 -15.83 15.09
C ARG C 262 -44.38 -17.20 15.46
N LEU C 263 -44.84 -18.26 14.80
CA LEU C 263 -44.40 -19.62 15.07
C LEU C 263 -43.44 -20.12 14.00
N HIS C 264 -42.68 -19.22 13.37
CA HIS C 264 -41.86 -19.55 12.22
C HIS C 264 -40.45 -19.97 12.60
N PHE C 265 -40.24 -20.49 13.80
CA PHE C 265 -38.94 -20.99 14.22
C PHE C 265 -38.91 -22.50 14.01
N PHE C 266 -37.97 -22.96 13.18
CA PHE C 266 -37.93 -24.35 12.75
C PHE C 266 -36.76 -25.07 13.41
N MET C 267 -36.63 -26.34 13.07
CA MET C 267 -35.66 -27.23 13.71
C MET C 267 -35.32 -28.35 12.73
N PRO C 268 -34.16 -28.26 12.08
CA PRO C 268 -33.89 -29.14 10.93
C PRO C 268 -33.25 -30.48 11.28
N GLY C 269 -32.93 -31.26 10.25
CA GLY C 269 -32.29 -32.54 10.45
C GLY C 269 -31.89 -33.15 9.12
N PHE C 270 -31.00 -34.16 9.20
CA PHE C 270 -30.51 -34.85 8.03
C PHE C 270 -30.64 -36.36 8.26
N ALA C 271 -31.22 -37.05 7.28
CA ALA C 271 -31.58 -38.46 7.43
C ALA C 271 -30.43 -39.44 7.23
N PRO C 272 -29.64 -39.37 6.13
CA PRO C 272 -28.71 -40.45 5.83
C PRO C 272 -27.45 -40.45 6.69
N LEU C 273 -27.45 -39.69 7.78
CA LEU C 273 -26.28 -39.62 8.64
C LEU C 273 -25.93 -40.99 9.21
N THR C 274 -24.83 -41.57 8.75
CA THR C 274 -24.36 -42.84 9.26
C THR C 274 -22.85 -42.89 9.15
N SER C 275 -22.22 -43.62 10.07
CA SER C 275 -20.78 -43.66 10.15
C SER C 275 -20.19 -44.41 8.96
N ARG C 276 -18.90 -44.16 8.69
CA ARG C 276 -18.23 -44.80 7.57
C ARG C 276 -18.15 -46.31 7.77
N SER C 277 -17.84 -46.75 8.99
CA SER C 277 -17.73 -48.18 9.26
C SER C 277 -19.08 -48.88 9.20
N ASN C 278 -20.17 -48.15 9.40
CA ASN C 278 -21.50 -48.73 9.40
C ASN C 278 -22.21 -48.62 8.05
N GLN C 279 -21.49 -48.21 7.01
CA GLN C 279 -22.12 -48.06 5.70
C GLN C 279 -22.63 -49.41 5.18
N GLN C 280 -21.83 -50.47 5.37
CA GLN C 280 -22.30 -51.81 5.01
C GLN C 280 -23.11 -52.44 6.13
N TYR C 281 -22.95 -51.95 7.36
CA TYR C 281 -23.74 -52.47 8.47
C TYR C 281 -25.21 -52.13 8.33
N ARG C 282 -25.56 -51.10 7.55
CA ARG C 282 -26.94 -50.69 7.36
C ARG C 282 -27.22 -50.48 5.88
N ALA C 283 -28.37 -50.98 5.44
CA ALA C 283 -28.88 -50.75 4.09
C ALA C 283 -29.86 -49.59 4.13
N ILE C 284 -29.80 -48.71 3.15
CA ILE C 284 -30.58 -47.49 3.14
C ILE C 284 -31.87 -47.70 2.34
N THR C 285 -33.00 -47.39 2.96
CA THR C 285 -34.28 -47.34 2.27
C THR C 285 -35.20 -46.42 3.05
N VAL C 286 -36.35 -46.14 2.44
CA VAL C 286 -37.29 -45.10 2.91
C VAL C 286 -37.70 -45.29 4.37
N PRO C 287 -38.04 -46.51 4.85
CA PRO C 287 -38.47 -46.65 6.25
C PRO C 287 -37.52 -46.06 7.29
N GLU C 288 -36.27 -46.52 7.30
CA GLU C 288 -35.34 -46.04 8.33
C GLU C 288 -34.95 -44.59 8.09
N LEU C 289 -34.95 -44.11 6.84
CA LEU C 289 -34.71 -42.70 6.61
C LEU C 289 -35.81 -41.86 7.24
N THR C 290 -37.07 -42.26 7.05
CA THR C 290 -38.18 -41.56 7.66
C THR C 290 -38.10 -41.64 9.19
N GLN C 291 -37.71 -42.79 9.71
CA GLN C 291 -37.55 -42.94 11.16
C GLN C 291 -36.47 -42.02 11.69
N GLN C 292 -35.34 -41.92 10.98
CA GLN C 292 -34.24 -41.09 11.43
C GLN C 292 -34.56 -39.60 11.31
N CYS C 293 -35.42 -39.22 10.35
CA CYS C 293 -35.84 -37.83 10.27
C CYS C 293 -36.54 -37.36 11.53
N PHE C 294 -37.11 -38.27 12.32
CA PHE C 294 -37.78 -37.91 13.56
C PHE C 294 -37.04 -38.37 14.80
N ASP C 295 -35.86 -38.97 14.65
CA ASP C 295 -35.08 -39.40 15.80
C ASP C 295 -34.55 -38.19 16.58
N ALA C 296 -34.61 -38.28 17.91
CA ALA C 296 -34.16 -37.16 18.74
C ALA C 296 -32.67 -36.92 18.59
N LYS C 297 -31.87 -38.00 18.55
CA LYS C 297 -30.42 -37.87 18.53
C LYS C 297 -29.87 -37.55 17.14
N ASN C 298 -30.71 -37.56 16.11
CA ASN C 298 -30.30 -37.17 14.77
C ASN C 298 -30.75 -35.75 14.43
N MET C 299 -31.27 -35.01 15.39
CA MET C 299 -31.86 -33.71 15.11
C MET C 299 -30.81 -32.61 15.25
N MET C 300 -30.91 -31.62 14.37
CA MET C 300 -29.94 -30.53 14.28
C MET C 300 -30.00 -29.59 15.48
N ALA C 301 -31.03 -29.67 16.31
CA ALA C 301 -31.23 -28.76 17.43
C ALA C 301 -31.01 -29.49 18.74
N ALA C 302 -30.50 -28.75 19.74
CA ALA C 302 -30.14 -29.37 21.00
C ALA C 302 -31.37 -29.84 21.77
N CYS C 303 -32.48 -29.12 21.65
CA CYS C 303 -33.66 -29.44 22.44
C CYS C 303 -34.21 -30.82 22.09
N ASP C 304 -34.72 -31.52 23.10
CA ASP C 304 -35.27 -32.86 22.89
C ASP C 304 -36.66 -32.73 22.27
N PRO C 305 -36.90 -33.31 21.09
CA PRO C 305 -38.24 -33.24 20.50
C PRO C 305 -39.29 -33.99 21.30
N ARG C 306 -38.89 -34.92 22.17
CA ARG C 306 -39.87 -35.70 22.92
C ARG C 306 -40.69 -34.83 23.86
N HIS C 307 -40.03 -33.86 24.51
CA HIS C 307 -40.70 -33.03 25.51
C HIS C 307 -41.74 -32.08 24.90
N GLY C 308 -41.69 -31.85 23.59
CA GLY C 308 -42.65 -30.97 22.96
C GLY C 308 -43.18 -31.51 21.65
N ARG C 309 -44.50 -31.64 21.54
CA ARG C 309 -45.10 -32.23 20.34
C ARG C 309 -44.83 -31.36 19.12
N TYR C 310 -44.59 -32.01 17.99
CA TYR C 310 -44.44 -31.29 16.73
C TYR C 310 -45.74 -30.60 16.35
N LEU C 311 -45.63 -29.35 15.88
CA LEU C 311 -46.77 -28.71 15.25
C LEU C 311 -46.94 -29.20 13.82
N THR C 312 -45.97 -28.91 12.96
CA THR C 312 -45.94 -29.44 11.61
C THR C 312 -44.51 -29.86 11.29
N ALA C 313 -44.38 -30.85 10.41
CA ALA C 313 -43.09 -31.38 10.02
C ALA C 313 -43.01 -31.48 8.51
N ALA C 314 -41.79 -31.37 7.99
CA ALA C 314 -41.55 -31.42 6.56
C ALA C 314 -40.40 -32.37 6.26
N ALA C 315 -40.63 -33.33 5.36
CA ALA C 315 -39.64 -34.30 4.95
C ALA C 315 -39.40 -34.12 3.46
N ILE C 316 -38.21 -33.62 3.10
CA ILE C 316 -37.86 -33.35 1.71
C ILE C 316 -36.94 -34.48 1.27
N PHE C 317 -37.47 -35.39 0.45
CA PHE C 317 -36.69 -36.50 -0.04
C PHE C 317 -36.05 -36.17 -1.39
N ARG C 318 -35.03 -36.94 -1.74
CA ARG C 318 -34.35 -36.79 -3.01
C ARG C 318 -34.10 -38.17 -3.62
N GLY C 319 -34.01 -38.21 -4.94
CA GLY C 319 -33.72 -39.44 -5.65
C GLY C 319 -34.97 -40.23 -6.00
N ARG C 320 -34.78 -41.22 -6.88
CA ARG C 320 -35.87 -42.05 -7.33
C ARG C 320 -36.39 -42.93 -6.20
N MET C 321 -37.72 -43.02 -6.10
CA MET C 321 -38.37 -43.82 -5.07
C MET C 321 -39.86 -43.89 -5.40
N SER C 322 -40.60 -44.60 -4.55
CA SER C 322 -42.03 -44.77 -4.73
C SER C 322 -42.78 -43.78 -3.84
N MET C 323 -43.71 -43.04 -4.44
CA MET C 323 -44.50 -42.09 -3.67
C MET C 323 -45.35 -42.79 -2.61
N LYS C 324 -45.96 -43.92 -2.96
CA LYS C 324 -46.81 -44.63 -2.01
C LYS C 324 -46.02 -45.17 -0.83
N GLU C 325 -44.79 -45.60 -1.07
CA GLU C 325 -43.94 -46.05 0.04
C GLU C 325 -43.68 -44.90 1.02
N VAL C 326 -43.39 -43.72 0.49
CA VAL C 326 -43.19 -42.55 1.34
C VAL C 326 -44.44 -42.21 2.11
N ASP C 327 -45.60 -42.26 1.46
CA ASP C 327 -46.86 -41.98 2.14
C ASP C 327 -47.12 -42.97 3.25
N GLU C 328 -46.88 -44.26 3.00
CA GLU C 328 -47.08 -45.27 4.04
C GLU C 328 -46.14 -45.05 5.20
N GLN C 329 -44.87 -44.74 4.93
CA GLN C 329 -43.93 -44.51 6.02
C GLN C 329 -44.33 -43.30 6.85
N MET C 330 -44.73 -42.21 6.19
CA MET C 330 -45.14 -41.01 6.92
C MET C 330 -46.40 -41.27 7.74
N LEU C 331 -47.38 -41.97 7.19
CA LEU C 331 -48.59 -42.26 7.94
C LEU C 331 -48.30 -43.17 9.13
N ASN C 332 -47.42 -44.16 8.94
CA ASN C 332 -47.05 -45.03 10.05
C ASN C 332 -46.34 -44.25 11.15
N ILE C 333 -45.44 -43.33 10.78
CA ILE C 333 -44.76 -42.52 11.77
C ILE C 333 -45.76 -41.64 12.52
N GLN C 334 -46.70 -41.04 11.79
CA GLN C 334 -47.71 -40.19 12.42
C GLN C 334 -48.58 -40.98 13.38
N ASN C 335 -48.99 -42.19 12.99
CA ASN C 335 -49.88 -42.97 13.83
C ASN C 335 -49.17 -43.52 15.05
N LYS C 336 -47.95 -44.04 14.87
CA LYS C 336 -47.24 -44.68 15.96
C LYS C 336 -46.82 -43.71 17.05
N ASN C 337 -46.79 -42.41 16.76
CA ASN C 337 -46.38 -41.39 17.71
C ASN C 337 -47.40 -40.27 17.77
N SER C 338 -48.68 -40.64 17.84
CA SER C 338 -49.75 -39.64 17.88
C SER C 338 -49.66 -38.77 19.13
N SER C 339 -49.10 -39.31 20.22
CA SER C 339 -48.92 -38.52 21.43
C SER C 339 -47.84 -37.45 21.24
N TYR C 340 -47.03 -37.56 20.20
CA TYR C 340 -45.96 -36.59 19.93
C TYR C 340 -46.38 -35.55 18.89
N PHE C 341 -47.64 -35.53 18.48
CA PHE C 341 -48.14 -34.57 17.53
C PHE C 341 -49.41 -33.93 18.07
N VAL C 342 -49.67 -32.70 17.65
CA VAL C 342 -50.86 -31.98 18.10
C VAL C 342 -52.09 -32.56 17.42
N ASP C 343 -53.17 -32.74 18.21
CA ASP C 343 -54.37 -33.38 17.68
C ASP C 343 -55.15 -32.44 16.77
N TRP C 344 -55.15 -31.14 17.08
CA TRP C 344 -55.97 -30.19 16.33
C TRP C 344 -55.50 -30.01 14.89
N ILE C 345 -54.31 -30.50 14.53
CA ILE C 345 -53.84 -30.47 13.15
C ILE C 345 -54.19 -31.81 12.51
N PRO C 346 -55.02 -31.84 11.47
CA PRO C 346 -55.40 -33.14 10.87
C PRO C 346 -54.23 -33.92 10.32
N ASN C 347 -53.24 -33.23 9.74
CA ASN C 347 -52.07 -33.90 9.17
C ASN C 347 -50.88 -32.98 9.35
N ASN C 348 -49.99 -33.32 10.29
CA ASN C 348 -48.87 -32.44 10.61
C ASN C 348 -47.82 -32.44 9.52
N VAL C 349 -47.50 -33.60 8.95
CA VAL C 349 -46.34 -33.74 8.08
C VAL C 349 -46.76 -33.57 6.63
N LYS C 350 -46.06 -32.70 5.91
CA LYS C 350 -46.20 -32.55 4.48
C LYS C 350 -44.85 -32.78 3.83
N THR C 351 -44.83 -33.60 2.78
CA THR C 351 -43.60 -34.10 2.19
C THR C 351 -43.33 -33.43 0.84
N ALA C 352 -42.18 -33.78 0.27
CA ALA C 352 -41.77 -33.31 -1.06
C ALA C 352 -40.62 -34.18 -1.55
N VAL C 353 -40.71 -34.67 -2.78
CA VAL C 353 -39.75 -35.63 -3.32
C VAL C 353 -39.08 -35.01 -4.54
N CYS C 354 -37.75 -35.07 -4.58
CA CYS C 354 -36.96 -34.64 -5.72
C CYS C 354 -36.45 -35.85 -6.48
N ASP C 355 -36.08 -35.62 -7.74
CA ASP C 355 -35.61 -36.69 -8.62
C ASP C 355 -34.10 -36.79 -8.69
N ILE C 356 -33.36 -35.96 -7.95
CA ILE C 356 -31.92 -35.96 -7.97
C ILE C 356 -31.38 -36.04 -6.54
N PRO C 357 -30.67 -37.10 -6.18
CA PRO C 357 -30.12 -37.19 -4.82
C PRO C 357 -28.76 -36.51 -4.74
N PRO C 358 -28.28 -36.23 -3.53
CA PRO C 358 -26.92 -35.68 -3.40
C PRO C 358 -25.87 -36.67 -3.87
N ARG C 359 -24.77 -36.15 -4.39
CA ARG C 359 -23.70 -36.99 -4.89
C ARG C 359 -23.08 -37.79 -3.75
N GLY C 360 -22.82 -39.07 -4.01
CA GLY C 360 -22.31 -39.97 -3.00
C GLY C 360 -23.36 -40.66 -2.17
N LEU C 361 -24.64 -40.33 -2.35
CA LEU C 361 -25.72 -40.98 -1.64
C LEU C 361 -26.78 -41.44 -2.63
N LYS C 362 -27.30 -42.65 -2.44
CA LYS C 362 -28.34 -43.16 -3.31
C LYS C 362 -29.59 -42.29 -3.24
N MET C 363 -30.00 -41.90 -2.03
CA MET C 363 -31.14 -41.02 -1.86
C MET C 363 -31.09 -40.45 -0.44
N SER C 364 -31.50 -39.20 -0.30
CA SER C 364 -31.40 -38.48 0.97
C SER C 364 -32.72 -37.82 1.30
N ALA C 365 -32.93 -37.55 2.58
CA ALA C 365 -34.10 -36.86 3.08
C ALA C 365 -33.68 -35.77 4.06
N THR C 366 -34.32 -34.61 3.94
CA THR C 366 -34.04 -33.48 4.83
C THR C 366 -35.29 -33.18 5.64
N PHE C 367 -35.13 -33.14 6.96
CA PHE C 367 -36.25 -32.94 7.87
C PHE C 367 -36.29 -31.51 8.37
N ILE C 368 -37.49 -30.94 8.40
CA ILE C 368 -37.75 -29.63 8.98
C ILE C 368 -38.82 -29.81 10.05
N GLY C 369 -38.58 -29.26 11.23
CA GLY C 369 -39.51 -29.44 12.33
C GLY C 369 -39.89 -28.16 13.05
N ASN C 370 -41.18 -27.85 13.07
CA ASN C 370 -41.70 -26.72 13.83
C ASN C 370 -42.22 -27.18 15.18
N SER C 371 -41.34 -27.82 15.94
CA SER C 371 -41.72 -28.39 17.23
C SER C 371 -41.74 -27.33 18.31
N THR C 372 -42.64 -27.49 19.28
CA THR C 372 -42.71 -26.59 20.42
C THR C 372 -41.55 -26.79 21.39
N ALA C 373 -40.75 -27.85 21.21
CA ALA C 373 -39.59 -28.08 22.06
C ALA C 373 -38.52 -27.01 21.87
N ILE C 374 -38.62 -26.19 20.82
CA ILE C 374 -37.66 -25.11 20.61
C ILE C 374 -37.68 -24.14 21.79
N GLN C 375 -38.82 -24.05 22.49
CA GLN C 375 -38.94 -23.10 23.59
C GLN C 375 -37.96 -23.40 24.72
N GLU C 376 -37.38 -24.60 24.77
CA GLU C 376 -36.42 -24.92 25.83
C GLU C 376 -35.17 -24.06 25.72
N LEU C 377 -34.62 -23.93 24.50
CA LEU C 377 -33.43 -23.11 24.32
C LEU C 377 -33.72 -21.65 24.64
N PHE C 378 -34.89 -21.16 24.23
CA PHE C 378 -35.27 -19.80 24.55
C PHE C 378 -35.43 -19.60 26.05
N LYS C 379 -35.98 -20.59 26.74
CA LYS C 379 -36.10 -20.50 28.18
C LYS C 379 -34.73 -20.43 28.84
N ARG C 380 -33.78 -21.25 28.38
CA ARG C 380 -32.43 -21.22 28.94
C ARG C 380 -31.77 -19.87 28.70
N ILE C 381 -31.88 -19.35 27.48
CA ILE C 381 -31.27 -18.06 27.18
C ILE C 381 -31.91 -16.96 28.01
N SER C 382 -33.24 -17.00 28.15
CA SER C 382 -33.94 -15.99 28.92
C SER C 382 -33.55 -16.02 30.39
N GLU C 383 -33.43 -17.21 30.98
CA GLU C 383 -33.06 -17.29 32.38
C GLU C 383 -31.61 -16.84 32.58
N GLN C 384 -30.72 -17.17 31.64
CA GLN C 384 -29.36 -16.65 31.73
C GLN C 384 -29.35 -15.13 31.65
N PHE C 385 -30.16 -14.57 30.74
CA PHE C 385 -30.23 -13.12 30.62
C PHE C 385 -30.77 -12.49 31.89
N THR C 386 -31.78 -13.10 32.52
CA THR C 386 -32.32 -12.56 33.76
C THR C 386 -31.27 -12.60 34.86
N ALA C 387 -30.53 -13.71 34.97
CA ALA C 387 -29.50 -13.81 35.98
C ALA C 387 -28.41 -12.76 35.77
N MET C 388 -28.01 -12.53 34.52
CA MET C 388 -26.97 -11.55 34.25
C MET C 388 -27.46 -10.12 34.46
N PHE C 389 -28.70 -9.84 34.06
CA PHE C 389 -29.26 -8.50 34.15
C PHE C 389 -29.69 -8.15 35.58
N ARG C 390 -29.86 -9.15 36.45
CA ARG C 390 -30.18 -8.87 37.84
C ARG C 390 -29.10 -8.02 38.50
N ARG C 391 -27.86 -8.12 38.02
CA ARG C 391 -26.76 -7.32 38.53
C ARG C 391 -26.11 -6.46 37.45
N LYS C 392 -26.68 -6.44 36.25
CA LYS C 392 -26.13 -5.68 35.12
C LYS C 392 -24.66 -6.04 34.90
N ALA C 393 -24.44 -7.30 34.54
CA ALA C 393 -23.09 -7.84 34.48
C ALA C 393 -22.23 -7.09 33.46
N PHE C 394 -22.78 -6.82 32.27
CA PHE C 394 -22.00 -6.13 31.24
C PHE C 394 -22.79 -5.03 30.57
N LEU C 395 -23.74 -4.41 31.28
CA LEU C 395 -24.59 -3.40 30.66
C LEU C 395 -23.83 -2.12 30.33
N HIS C 396 -22.70 -1.86 31.00
CA HIS C 396 -22.02 -0.58 30.83
C HIS C 396 -21.50 -0.39 29.42
N TRP C 397 -20.98 -1.47 28.80
CA TRP C 397 -20.50 -1.36 27.43
C TRP C 397 -21.62 -0.92 26.50
N TYR C 398 -22.77 -1.60 26.57
CA TYR C 398 -23.88 -1.27 25.68
C TYR C 398 -24.42 0.12 25.96
N THR C 399 -24.51 0.52 27.23
CA THR C 399 -24.98 1.85 27.55
C THR C 399 -24.05 2.92 27.00
N GLY C 400 -22.74 2.69 27.11
CA GLY C 400 -21.79 3.60 26.49
C GLY C 400 -21.93 3.65 24.98
N GLU C 401 -22.24 2.50 24.37
CA GLU C 401 -22.48 2.46 22.94
C GLU C 401 -23.81 3.07 22.53
N GLY C 402 -24.70 3.35 23.47
CA GLY C 402 -25.99 3.95 23.17
C GLY C 402 -27.19 3.09 23.52
N MET C 403 -27.01 1.89 24.05
CA MET C 403 -28.13 1.04 24.41
C MET C 403 -28.74 1.50 25.73
N ASP C 404 -30.00 1.13 25.96
CA ASP C 404 -30.71 1.51 27.17
C ASP C 404 -31.34 0.29 27.80
N GLU C 405 -31.61 0.39 29.11
CA GLU C 405 -32.26 -0.70 29.83
C GLU C 405 -33.63 -1.00 29.26
N MET C 406 -34.31 0.01 28.73
CA MET C 406 -35.66 -0.18 28.20
C MET C 406 -35.65 -1.16 27.03
N GLU C 407 -34.64 -1.05 26.15
CA GLU C 407 -34.55 -1.98 25.03
C GLU C 407 -34.31 -3.40 25.51
N PHE C 408 -33.47 -3.58 26.53
CA PHE C 408 -33.24 -4.90 27.09
C PHE C 408 -34.52 -5.50 27.66
N THR C 409 -35.26 -4.69 28.44
CA THR C 409 -36.51 -5.16 29.02
C THR C 409 -37.52 -5.51 27.93
N GLU C 410 -37.60 -4.68 26.88
CA GLU C 410 -38.52 -4.96 25.79
C GLU C 410 -38.16 -6.25 25.08
N ALA C 411 -36.87 -6.46 24.80
CA ALA C 411 -36.45 -7.68 24.12
C ALA C 411 -36.75 -8.91 24.97
N GLU C 412 -36.46 -8.83 26.27
CA GLU C 412 -36.76 -9.96 27.16
C GLU C 412 -38.26 -10.23 27.21
N SER C 413 -39.06 -9.17 27.27
CA SER C 413 -40.52 -9.34 27.29
C SER C 413 -41.02 -9.98 26.01
N ASN C 414 -40.48 -9.55 24.86
CA ASN C 414 -40.91 -10.13 23.58
C ASN C 414 -40.53 -11.60 23.49
N MET C 415 -39.32 -11.95 23.95
CA MET C 415 -38.88 -13.34 23.86
C MET C 415 -39.67 -14.22 24.83
N ASN C 416 -39.96 -13.70 26.02
CA ASN C 416 -40.83 -14.43 26.94
C ASN C 416 -42.24 -14.57 26.37
N ASP C 417 -42.71 -13.56 25.64
CA ASP C 417 -44.00 -13.66 24.98
C ASP C 417 -44.00 -14.75 23.92
N LEU C 418 -42.90 -14.88 23.17
CA LEU C 418 -42.77 -15.97 22.21
C LEU C 418 -42.79 -17.33 22.91
N VAL C 419 -42.08 -17.44 24.04
CA VAL C 419 -42.09 -18.68 24.80
C VAL C 419 -43.50 -18.99 25.30
N SER C 420 -44.22 -17.97 25.76
CA SER C 420 -45.59 -18.16 26.21
C SER C 420 -46.50 -18.58 25.06
N GLU C 421 -46.25 -18.05 23.86
CA GLU C 421 -47.04 -18.45 22.70
C GLU C 421 -46.80 -19.93 22.38
N TYR C 422 -45.56 -20.38 22.47
CA TYR C 422 -45.29 -21.81 22.32
C TYR C 422 -45.99 -22.61 23.41
N GLN C 423 -45.94 -22.13 24.65
CA GLN C 423 -46.58 -22.84 25.75
C GLN C 423 -48.10 -22.91 25.57
N GLN C 424 -48.68 -21.90 24.90
CA GLN C 424 -50.12 -21.90 24.66
C GLN C 424 -50.55 -23.13 23.89
N TYR C 425 -49.82 -23.48 22.84
CA TYR C 425 -50.09 -24.68 22.07
C TYR C 425 -49.49 -25.93 22.71
N GLN C 426 -48.56 -25.76 23.65
CA GLN C 426 -48.08 -26.87 24.45
C GLN C 426 -49.17 -27.32 25.41
N GLU C 427 -49.78 -28.46 25.14
CA GLU C 427 -50.85 -28.98 25.98
C GLU C 427 -50.50 -30.35 26.53
N MET D 1 27.77 15.65 -26.88
CA MET D 1 26.36 15.86 -27.15
C MET D 1 25.87 17.18 -26.55
N ARG D 2 25.90 17.27 -25.23
CA ARG D 2 25.49 18.48 -24.51
C ARG D 2 26.50 18.71 -23.40
N GLU D 3 27.49 19.57 -23.67
CA GLU D 3 28.58 19.83 -22.74
C GLU D 3 28.37 21.13 -22.00
N VAL D 4 28.98 21.23 -20.83
CA VAL D 4 28.93 22.43 -20.00
C VAL D 4 30.31 22.66 -19.40
N ILE D 5 30.72 23.92 -19.32
CA ILE D 5 32.05 24.28 -18.85
C ILE D 5 31.96 24.83 -17.43
N SER D 6 32.84 24.36 -16.56
CA SER D 6 32.91 24.82 -15.18
C SER D 6 34.20 25.61 -14.98
N ILE D 7 34.09 26.79 -14.36
CA ILE D 7 35.22 27.67 -14.11
C ILE D 7 35.29 27.94 -12.63
N HIS D 8 36.47 27.79 -12.04
CA HIS D 8 36.67 27.93 -10.61
C HIS D 8 37.58 29.11 -10.32
N ILE D 9 37.09 30.03 -9.49
CA ILE D 9 37.84 31.23 -9.11
C ILE D 9 37.84 31.32 -7.59
N GLY D 10 39.00 31.59 -7.01
CA GLY D 10 39.12 31.71 -5.58
C GLY D 10 39.29 30.37 -4.89
N GLN D 11 39.76 30.43 -3.65
CA GLN D 11 39.99 29.19 -2.89
C GLN D 11 38.69 28.43 -2.67
N ALA D 12 37.62 29.14 -2.33
CA ALA D 12 36.33 28.48 -2.12
C ALA D 12 35.85 27.78 -3.38
N GLY D 13 35.92 28.46 -4.51
CA GLY D 13 35.51 27.85 -5.75
C GLY D 13 36.37 26.67 -6.13
N VAL D 14 37.68 26.78 -5.92
CA VAL D 14 38.58 25.69 -6.26
C VAL D 14 38.28 24.45 -5.42
N GLN D 15 38.08 24.64 -4.11
CA GLN D 15 37.78 23.51 -3.25
C GLN D 15 36.43 22.89 -3.58
N ILE D 16 35.42 23.74 -3.85
CA ILE D 16 34.11 23.23 -4.23
C ILE D 16 34.21 22.43 -5.53
N GLY D 17 34.99 22.92 -6.48
CA GLY D 17 35.21 22.18 -7.71
C GLY D 17 35.93 20.86 -7.48
N ASN D 18 36.91 20.85 -6.58
CA ASN D 18 37.57 19.60 -6.20
C ASN D 18 36.54 18.59 -5.73
N ALA D 19 35.67 19.01 -4.81
CA ALA D 19 34.66 18.10 -4.28
C ALA D 19 33.70 17.63 -5.37
N CYS D 20 33.23 18.55 -6.22
CA CYS D 20 32.22 18.18 -7.20
C CYS D 20 32.81 17.26 -8.26
N TRP D 21 34.08 17.48 -8.63
CA TRP D 21 34.71 16.59 -9.60
C TRP D 21 35.01 15.24 -9.00
N GLU D 22 35.36 15.18 -7.71
CA GLU D 22 35.45 13.88 -7.04
C GLU D 22 34.12 13.15 -7.11
N LEU D 23 33.02 13.87 -6.85
CA LEU D 23 31.70 13.25 -6.91
C LEU D 23 31.37 12.78 -8.32
N TYR D 24 31.73 13.58 -9.33
CA TYR D 24 31.47 13.19 -10.72
C TYR D 24 32.25 11.95 -11.10
N CYS D 25 33.52 11.87 -10.66
CA CYS D 25 34.31 10.67 -10.93
C CYS D 25 33.69 9.46 -10.26
N LEU D 26 33.19 9.62 -9.03
CA LEU D 26 32.51 8.52 -8.36
C LEU D 26 31.26 8.11 -9.12
N GLU D 27 30.49 9.09 -9.61
CA GLU D 27 29.24 8.79 -10.30
C GLU D 27 29.48 8.07 -11.62
N HIS D 28 30.39 8.58 -12.44
CA HIS D 28 30.63 8.04 -13.77
C HIS D 28 31.65 6.90 -13.78
N GLY D 29 32.21 6.57 -12.62
CA GLY D 29 33.20 5.50 -12.56
C GLY D 29 34.57 5.86 -13.07
N ILE D 30 34.82 7.14 -13.36
CA ILE D 30 36.13 7.56 -13.83
C ILE D 30 37.13 7.47 -12.69
N GLN D 31 38.27 6.84 -12.95
CA GLN D 31 39.29 6.68 -11.93
C GLN D 31 39.89 8.04 -11.57
N PRO D 32 40.39 8.19 -10.34
CA PRO D 32 40.94 9.49 -9.93
C PRO D 32 42.13 9.95 -10.77
N ASP D 33 42.81 9.04 -11.45
CA ASP D 33 43.89 9.41 -12.35
C ASP D 33 43.42 9.66 -13.77
N GLY D 34 42.12 9.54 -14.03
CA GLY D 34 41.57 9.76 -15.35
C GLY D 34 41.27 8.51 -16.15
N GLN D 35 41.54 7.34 -15.61
CA GLN D 35 41.27 6.10 -16.32
C GLN D 35 39.82 5.68 -16.15
N MET D 36 39.45 4.61 -16.85
CA MET D 36 38.10 4.06 -16.78
C MET D 36 38.12 2.54 -16.79
N SER D 48 27.25 9.50 -22.23
CA SER D 48 26.75 9.71 -20.88
C SER D 48 27.64 10.68 -20.10
N PHE D 49 28.95 10.44 -20.15
CA PHE D 49 29.90 11.30 -19.47
C PHE D 49 30.35 12.49 -20.30
N SER D 50 29.88 12.59 -21.55
CA SER D 50 30.34 13.67 -22.43
C SER D 50 29.97 15.05 -21.91
N THR D 51 28.98 15.15 -21.02
CA THR D 51 28.57 16.45 -20.51
C THR D 51 29.69 17.14 -19.75
N PHE D 52 30.40 16.39 -18.90
CA PHE D 52 31.41 16.96 -18.03
C PHE D 52 32.83 16.65 -18.45
N PHE D 53 33.05 15.68 -19.33
CA PHE D 53 34.39 15.23 -19.66
C PHE D 53 34.56 15.18 -21.18
N SER D 54 35.82 15.27 -21.60
CA SER D 54 36.20 15.07 -22.99
C SER D 54 37.07 13.83 -23.07
N GLU D 55 36.65 12.86 -23.89
CA GLU D 55 37.36 11.59 -24.01
C GLU D 55 38.47 11.75 -25.04
N THR D 56 39.72 11.66 -24.59
CA THR D 56 40.84 11.70 -25.50
C THR D 56 40.99 10.36 -26.22
N GLY D 57 41.79 10.37 -27.29
CA GLY D 57 41.99 9.15 -28.05
C GLY D 57 42.67 8.06 -27.26
N SER D 58 43.61 8.44 -26.39
CA SER D 58 44.36 7.47 -25.60
C SER D 58 43.58 6.92 -24.43
N GLY D 59 42.31 7.31 -24.26
CA GLY D 59 41.50 6.84 -23.17
C GLY D 59 41.49 7.73 -21.95
N ARG D 60 42.36 8.73 -21.89
CA ARG D 60 42.34 9.68 -20.78
C ARG D 60 41.06 10.50 -20.81
N HIS D 61 40.47 10.71 -19.64
CA HIS D 61 39.28 11.53 -19.50
C HIS D 61 39.66 12.82 -18.79
N VAL D 62 39.43 13.95 -19.46
CA VAL D 62 39.78 15.27 -18.94
C VAL D 62 38.50 15.99 -18.56
N PRO D 63 38.38 16.48 -17.33
CA PRO D 63 37.21 17.28 -16.98
C PRO D 63 37.21 18.60 -17.73
N ARG D 64 36.00 19.09 -18.04
CA ARG D 64 35.84 20.39 -18.68
C ARG D 64 35.78 21.48 -17.60
N ALA D 65 36.92 21.67 -16.94
CA ALA D 65 37.03 22.58 -15.83
C ALA D 65 38.24 23.49 -16.01
N VAL D 66 38.14 24.69 -15.45
CA VAL D 66 39.25 25.65 -15.45
C VAL D 66 39.58 25.97 -14.00
N MET D 67 40.85 25.79 -13.63
CA MET D 67 41.33 26.09 -12.29
C MET D 67 42.20 27.33 -12.37
N VAL D 68 41.70 28.44 -11.83
CA VAL D 68 42.45 29.68 -11.80
C VAL D 68 42.40 30.25 -10.38
N ASP D 69 43.55 30.69 -9.88
CA ASP D 69 43.66 31.34 -8.58
C ASP D 69 44.95 32.14 -8.56
N LEU D 70 44.88 33.36 -8.06
CA LEU D 70 46.07 34.22 -8.03
C LEU D 70 47.13 33.69 -7.08
N GLU D 71 46.74 32.91 -6.07
CA GLU D 71 47.70 32.26 -5.20
C GLU D 71 47.80 30.78 -5.55
N PRO D 72 48.99 30.30 -5.89
CA PRO D 72 49.12 28.92 -6.41
C PRO D 72 49.01 27.83 -5.35
N THR D 73 48.98 28.18 -4.06
CA THR D 73 49.00 27.16 -3.01
C THR D 73 47.80 26.24 -3.11
N VAL D 74 46.60 26.80 -3.27
CA VAL D 74 45.40 25.98 -3.33
C VAL D 74 45.40 25.14 -4.60
N ILE D 75 45.91 25.69 -5.70
CA ILE D 75 46.03 24.91 -6.94
C ILE D 75 47.14 23.86 -6.79
N ASP D 76 48.24 24.23 -6.13
CA ASP D 76 49.30 23.25 -5.89
C ASP D 76 48.81 22.09 -5.04
N GLU D 77 47.80 22.32 -4.19
CA GLU D 77 47.22 21.22 -3.43
C GLU D 77 46.64 20.16 -4.34
N ILE D 78 45.91 20.57 -5.38
CA ILE D 78 45.38 19.62 -6.34
C ILE D 78 46.51 19.05 -7.19
N ARG D 79 47.47 19.88 -7.57
CA ARG D 79 48.58 19.42 -8.40
C ARG D 79 49.44 18.39 -7.69
N THR D 80 49.41 18.35 -6.36
CA THR D 80 50.10 17.32 -5.59
C THR D 80 49.14 16.34 -4.94
N GLY D 81 47.83 16.53 -5.11
CA GLY D 81 46.83 15.70 -4.48
C GLY D 81 46.50 14.46 -5.28
N THR D 82 45.37 13.85 -4.93
CA THR D 82 44.95 12.61 -5.59
C THR D 82 44.69 12.82 -7.07
N TYR D 83 44.04 13.95 -7.42
CA TYR D 83 43.57 14.19 -8.78
C TYR D 83 44.56 15.00 -9.60
N ARG D 84 45.86 14.84 -9.36
CA ARG D 84 46.86 15.57 -10.13
C ARG D 84 46.83 15.17 -11.61
N SER D 85 46.58 13.89 -11.88
CA SER D 85 46.53 13.40 -13.26
C SER D 85 45.15 13.54 -13.88
N LEU D 86 44.14 13.91 -13.10
CA LEU D 86 42.79 14.08 -13.65
C LEU D 86 42.73 15.25 -14.62
N PHE D 87 43.25 16.41 -14.21
CA PHE D 87 43.08 17.64 -14.96
C PHE D 87 44.25 17.86 -15.90
N HIS D 88 43.94 18.32 -17.11
CA HIS D 88 44.98 18.65 -18.07
C HIS D 88 45.79 19.83 -17.53
N PRO D 89 47.13 19.80 -17.67
CA PRO D 89 47.95 20.77 -16.93
C PRO D 89 47.64 22.23 -17.23
N GLU D 90 47.28 22.57 -18.47
CA GLU D 90 47.05 23.98 -18.79
C GLU D 90 45.77 24.52 -18.17
N GLN D 91 44.89 23.64 -17.68
CA GLN D 91 43.68 24.08 -17.00
C GLN D 91 43.97 24.65 -15.62
N LEU D 92 45.16 24.41 -15.07
CA LEU D 92 45.50 24.83 -13.72
C LEU D 92 46.25 26.15 -13.79
N ILE D 93 45.51 27.22 -14.05
CA ILE D 93 46.10 28.55 -14.17
C ILE D 93 46.40 29.09 -12.78
N THR D 94 47.58 29.67 -12.61
CA THR D 94 48.00 30.21 -11.33
C THR D 94 48.62 31.57 -11.51
N GLY D 95 48.53 32.39 -10.47
CA GLY D 95 49.17 33.68 -10.43
C GLY D 95 50.45 33.66 -9.60
N LYS D 96 50.86 34.85 -9.16
CA LYS D 96 52.03 35.00 -8.33
C LYS D 96 51.71 35.29 -6.87
N GLU D 97 50.60 35.99 -6.61
CA GLU D 97 50.20 36.31 -5.26
C GLU D 97 48.71 36.60 -5.26
N ASP D 98 48.03 36.23 -4.18
CA ASP D 98 46.59 36.34 -4.10
C ASP D 98 46.12 37.80 -4.12
N ALA D 99 44.80 38.01 -4.14
CA ALA D 99 44.25 39.35 -4.17
C ALA D 99 44.23 40.01 -2.79
N ALA D 100 44.68 39.31 -1.75
CA ALA D 100 44.69 39.82 -0.38
C ALA D 100 43.30 40.26 0.07
N ASN D 101 42.28 39.51 -0.35
CA ASN D 101 40.89 39.76 0.02
C ASN D 101 40.42 41.15 -0.39
N ASN D 102 41.02 41.72 -1.43
CA ASN D 102 40.67 43.05 -1.93
C ASN D 102 40.04 42.91 -3.30
N TYR D 103 38.81 43.42 -3.44
CA TYR D 103 38.15 43.39 -4.75
C TYR D 103 38.90 44.24 -5.76
N ALA D 104 39.37 45.42 -5.33
CA ALA D 104 40.11 46.29 -6.24
C ALA D 104 41.39 45.61 -6.71
N ARG D 105 42.12 44.99 -5.78
CA ARG D 105 43.30 44.23 -6.16
C ARG D 105 42.94 43.07 -7.08
N GLY D 106 41.87 42.36 -6.74
CA GLY D 106 41.48 41.21 -7.55
C GLY D 106 41.18 41.58 -8.98
N HIS D 107 40.40 42.64 -9.18
CA HIS D 107 40.04 43.03 -10.54
C HIS D 107 41.12 43.91 -11.17
N TYR D 108 41.22 45.16 -10.72
CA TYR D 108 41.78 46.21 -11.56
C TYR D 108 43.29 46.06 -11.74
N THR D 109 44.04 46.13 -10.65
CA THR D 109 45.49 46.19 -10.76
C THR D 109 46.10 44.86 -11.20
N ILE D 110 45.56 43.74 -10.73
CA ILE D 110 46.19 42.44 -10.89
C ILE D 110 45.47 41.57 -11.91
N GLY D 111 44.14 41.44 -11.80
CA GLY D 111 43.45 40.37 -12.52
C GLY D 111 43.70 40.40 -14.02
N LYS D 112 43.90 41.60 -14.57
CA LYS D 112 44.16 41.74 -16.00
C LYS D 112 45.42 41.00 -16.44
N GLU D 113 46.33 40.70 -15.51
CA GLU D 113 47.57 40.02 -15.88
C GLU D 113 47.29 38.63 -16.42
N ILE D 114 46.29 37.94 -15.88
CA ILE D 114 45.98 36.57 -16.27
C ILE D 114 44.57 36.42 -16.82
N ILE D 115 43.79 37.50 -16.90
CA ILE D 115 42.44 37.38 -17.43
C ILE D 115 42.48 37.00 -18.90
N ASP D 116 43.48 37.49 -19.63
CA ASP D 116 43.60 37.15 -21.05
C ASP D 116 43.86 35.66 -21.23
N LEU D 117 44.80 35.12 -20.46
CA LEU D 117 45.09 33.69 -20.54
C LEU D 117 43.88 32.86 -20.11
N THR D 118 43.18 33.30 -19.07
CA THR D 118 42.01 32.55 -18.61
C THR D 118 40.92 32.53 -19.67
N LEU D 119 40.63 33.68 -20.29
CA LEU D 119 39.59 33.71 -21.31
C LEU D 119 40.02 32.94 -22.56
N ASP D 120 41.30 32.96 -22.88
CA ASP D 120 41.78 32.16 -24.01
C ASP D 120 41.62 30.68 -23.73
N ARG D 121 41.91 30.24 -22.51
CA ARG D 121 41.69 28.85 -22.14
C ARG D 121 40.21 28.49 -22.20
N ILE D 122 39.35 29.39 -21.74
CA ILE D 122 37.90 29.16 -21.80
C ILE D 122 37.45 29.02 -23.25
N ARG D 123 37.95 29.88 -24.12
CA ARG D 123 37.59 29.81 -25.53
C ARG D 123 38.08 28.50 -26.15
N ARG D 124 39.30 28.08 -25.80
CA ARG D 124 39.83 26.83 -26.33
C ARG D 124 38.98 25.64 -25.88
N LEU D 125 38.57 25.62 -24.61
CA LEU D 125 37.72 24.55 -24.14
C LEU D 125 36.35 24.58 -24.80
N ALA D 126 35.81 25.77 -25.00
CA ALA D 126 34.49 25.89 -25.65
C ALA D 126 34.53 25.40 -27.09
N ASP D 127 35.59 25.76 -27.82
CA ASP D 127 35.71 25.30 -29.20
C ASP D 127 35.93 23.80 -29.28
N ASN D 128 36.42 23.20 -28.19
CA ASN D 128 36.59 21.74 -28.16
C ASN D 128 35.23 21.04 -28.26
N CYS D 129 34.23 21.55 -27.55
CA CYS D 129 32.90 20.97 -27.58
C CYS D 129 32.02 21.70 -28.58
N THR D 130 30.84 21.13 -28.82
CA THR D 130 29.86 21.72 -29.73
C THR D 130 28.54 22.06 -29.06
N GLY D 131 28.03 21.17 -28.21
CA GLY D 131 26.79 21.43 -27.51
C GLY D 131 26.99 22.11 -26.18
N LEU D 132 27.47 23.36 -26.20
CA LEU D 132 27.72 24.12 -24.98
C LEU D 132 26.39 24.58 -24.42
N GLN D 133 25.93 23.94 -23.34
CA GLN D 133 24.66 24.33 -22.73
C GLN D 133 24.81 25.61 -21.92
N GLY D 134 25.93 25.78 -21.24
CA GLY D 134 26.12 26.95 -20.42
C GLY D 134 27.45 26.92 -19.71
N PHE D 135 27.56 27.78 -18.69
CA PHE D 135 28.78 27.91 -17.90
C PHE D 135 28.46 27.72 -16.42
N LEU D 136 29.44 27.21 -15.69
CA LEU D 136 29.35 27.04 -14.24
C LEU D 136 30.53 27.75 -13.59
N VAL D 137 30.26 28.63 -12.64
CA VAL D 137 31.29 29.41 -11.96
C VAL D 137 31.13 29.19 -10.46
N PHE D 138 32.21 28.83 -9.80
CA PHE D 138 32.24 28.64 -8.36
C PHE D 138 33.17 29.67 -7.75
N HIS D 139 32.65 30.45 -6.79
CA HIS D 139 33.42 31.54 -6.19
C HIS D 139 32.74 31.92 -4.88
N SER D 140 33.27 32.96 -4.23
CA SER D 140 32.73 33.46 -2.98
C SER D 140 32.73 34.98 -3.00
N PHE D 141 31.63 35.57 -2.52
CA PHE D 141 31.53 37.03 -2.49
C PHE D 141 32.57 37.64 -1.55
N GLY D 142 32.79 37.01 -0.40
CA GLY D 142 33.66 37.59 0.60
C GLY D 142 35.10 37.72 0.14
N GLY D 143 35.61 36.69 -0.55
CA GLY D 143 37.00 36.70 -0.95
C GLY D 143 37.29 37.78 -1.96
N GLY D 144 38.57 38.16 -2.04
CA GLY D 144 38.99 39.19 -2.97
C GLY D 144 39.11 38.69 -4.39
N THR D 145 39.83 37.57 -4.56
CA THR D 145 39.96 36.97 -5.89
C THR D 145 38.60 36.54 -6.43
N GLY D 146 37.91 35.68 -5.69
CA GLY D 146 36.61 35.16 -6.09
C GLY D 146 35.54 36.21 -6.25
N SER D 147 35.92 37.47 -6.16
CA SER D 147 34.93 38.56 -6.38
C SER D 147 35.42 39.50 -7.48
N GLY D 148 36.67 39.97 -7.41
CA GLY D 148 37.13 40.81 -8.50
C GLY D 148 37.39 40.02 -9.78
N PHE D 149 38.17 38.94 -9.66
CA PHE D 149 38.46 38.13 -10.84
C PHE D 149 37.19 37.50 -11.39
N THR D 150 36.30 37.06 -10.50
CA THR D 150 35.03 36.49 -10.94
C THR D 150 34.22 37.52 -11.71
N SER D 151 34.13 38.75 -11.20
CA SER D 151 33.41 39.80 -11.89
C SER D 151 34.00 40.04 -13.27
N LEU D 152 35.30 40.24 -13.35
CA LEU D 152 35.93 40.55 -14.63
C LEU D 152 35.75 39.40 -15.62
N LEU D 153 36.04 38.17 -15.19
CA LEU D 153 35.96 37.03 -16.08
C LEU D 153 34.54 36.79 -16.57
N MET D 154 33.56 36.89 -15.67
CA MET D 154 32.19 36.57 -16.07
C MET D 154 31.60 37.69 -16.92
N GLU D 155 31.97 38.96 -16.67
CA GLU D 155 31.48 40.01 -17.54
C GLU D 155 32.10 39.91 -18.93
N ARG D 156 33.39 39.57 -19.01
CA ARG D 156 34.00 39.35 -20.31
C ARG D 156 33.37 38.16 -21.03
N LEU D 157 33.09 37.09 -20.28
CA LEU D 157 32.46 35.91 -20.87
C LEU D 157 31.07 36.24 -21.40
N SER D 158 30.28 37.00 -20.64
CA SER D 158 28.95 37.38 -21.09
C SER D 158 29.02 38.28 -22.31
N VAL D 159 29.99 39.20 -22.34
CA VAL D 159 30.16 40.05 -23.52
C VAL D 159 30.51 39.21 -24.74
N ASP D 160 31.42 38.25 -24.57
CA ASP D 160 31.85 37.43 -25.69
C ASP D 160 30.72 36.55 -26.22
N TYR D 161 30.00 35.88 -25.31
CA TYR D 161 29.01 34.90 -25.75
C TYR D 161 27.60 35.47 -25.77
N GLY D 162 27.11 35.96 -24.64
CA GLY D 162 25.80 36.57 -24.60
C GLY D 162 24.67 35.60 -24.34
N LYS D 163 24.02 35.14 -25.41
CA LYS D 163 22.83 34.31 -25.27
C LYS D 163 23.10 32.98 -24.58
N LYS D 164 24.37 32.55 -24.51
CA LYS D 164 24.68 31.31 -23.84
C LYS D 164 24.35 31.41 -22.35
N ALA D 165 23.92 30.28 -21.78
CA ALA D 165 23.56 30.25 -20.37
C ALA D 165 24.78 30.50 -19.50
N LYS D 166 24.57 31.19 -18.39
CA LYS D 166 25.64 31.50 -17.43
C LYS D 166 25.12 31.24 -16.01
N LEU D 167 25.52 30.11 -15.44
CA LEU D 167 25.16 29.73 -14.08
C LEU D 167 26.38 29.83 -13.18
N GLU D 168 26.15 30.17 -11.92
CA GLU D 168 27.25 30.25 -10.97
C GLU D 168 26.76 29.88 -9.58
N PHE D 169 27.70 29.43 -8.75
CA PHE D 169 27.43 29.06 -7.36
C PHE D 169 28.35 29.91 -6.48
N SER D 170 27.77 30.89 -5.80
CA SER D 170 28.54 31.87 -5.03
C SER D 170 28.30 31.67 -3.54
N ILE D 171 29.37 31.65 -2.77
CA ILE D 171 29.28 31.58 -1.33
C ILE D 171 29.03 32.97 -0.77
N TYR D 172 28.05 33.09 0.11
CA TYR D 172 27.61 34.37 0.62
C TYR D 172 27.91 34.50 2.11
N PRO D 173 28.39 35.65 2.56
CA PRO D 173 28.81 35.80 3.96
C PRO D 173 27.66 35.55 4.94
N ALA D 174 27.99 34.89 6.04
CA ALA D 174 26.99 34.56 7.05
C ALA D 174 26.61 35.79 7.86
N PRO D 175 25.45 35.77 8.50
CA PRO D 175 25.11 36.86 9.43
C PRO D 175 26.11 37.03 10.56
N GLN D 176 26.72 35.94 11.01
CA GLN D 176 27.68 35.97 12.10
C GLN D 176 29.04 35.40 11.74
N VAL D 177 29.08 34.33 10.95
CA VAL D 177 30.34 33.68 10.59
C VAL D 177 30.97 34.47 9.45
N SER D 178 31.89 35.37 9.79
CA SER D 178 32.62 36.16 8.81
C SER D 178 34.11 36.01 9.07
N THR D 179 34.81 35.38 8.14
CA THR D 179 36.24 35.13 8.28
C THR D 179 37.11 36.28 7.77
N ALA D 180 36.51 37.30 7.16
CA ALA D 180 37.25 38.45 6.69
C ALA D 180 36.45 39.71 6.97
N VAL D 181 37.15 40.75 7.43
CA VAL D 181 36.48 42.00 7.79
C VAL D 181 35.96 42.72 6.55
N VAL D 182 36.61 42.55 5.41
CA VAL D 182 36.28 43.31 4.21
C VAL D 182 35.31 42.53 3.33
N GLU D 183 34.68 41.50 3.90
CA GLU D 183 33.71 40.71 3.14
C GLU D 183 32.53 41.55 2.63
N PRO D 184 31.88 42.40 3.45
CA PRO D 184 30.75 43.16 2.90
C PRO D 184 31.12 44.06 1.73
N TYR D 185 32.30 44.67 1.74
CA TYR D 185 32.69 45.55 0.65
C TYR D 185 32.77 44.79 -0.67
N ASN D 186 33.50 43.67 -0.68
CA ASN D 186 33.63 42.89 -1.90
C ASN D 186 32.30 42.30 -2.33
N SER D 187 31.48 41.86 -1.37
CA SER D 187 30.18 41.31 -1.70
C SER D 187 29.30 42.36 -2.37
N ILE D 188 29.28 43.58 -1.83
CA ILE D 188 28.50 44.66 -2.42
C ILE D 188 29.02 44.99 -3.81
N LEU D 189 30.34 45.04 -3.97
CA LEU D 189 30.92 45.37 -5.27
C LEU D 189 30.54 44.32 -6.31
N THR D 190 30.56 43.04 -5.93
CA THR D 190 30.22 41.97 -6.87
C THR D 190 28.72 41.88 -7.15
N THR D 191 27.88 42.23 -6.17
CA THR D 191 26.44 42.08 -6.36
C THR D 191 25.94 42.92 -7.54
N HIS D 192 26.59 44.04 -7.82
CA HIS D 192 26.21 44.85 -8.97
C HIS D 192 26.36 44.07 -10.27
N THR D 193 27.51 43.41 -10.45
CA THR D 193 27.78 42.75 -11.72
C THR D 193 27.17 41.35 -11.80
N THR D 194 26.91 40.70 -10.66
CA THR D 194 26.24 39.39 -10.72
C THR D 194 24.79 39.56 -11.15
N LEU D 195 24.21 40.74 -10.90
CA LEU D 195 22.90 41.07 -11.43
C LEU D 195 22.96 41.51 -12.89
N GLU D 196 24.16 41.79 -13.41
CA GLU D 196 24.33 42.35 -14.73
C GLU D 196 24.55 41.28 -15.81
N HIS D 197 25.26 40.22 -15.48
CA HIS D 197 25.65 39.26 -16.52
C HIS D 197 25.21 37.83 -16.21
N SER D 198 25.23 37.42 -14.95
CA SER D 198 24.87 36.05 -14.62
C SER D 198 23.39 35.78 -14.92
N ASP D 199 23.13 34.69 -15.62
CA ASP D 199 21.74 34.34 -15.94
C ASP D 199 21.01 33.80 -14.72
N CYS D 200 21.71 33.11 -13.83
CA CYS D 200 21.10 32.56 -12.62
C CYS D 200 22.20 32.27 -11.62
N SER D 201 22.12 32.88 -10.44
CA SER D 201 23.15 32.74 -9.41
C SER D 201 22.61 31.90 -8.26
N PHE D 202 23.35 30.87 -7.88
CA PHE D 202 22.98 29.99 -6.77
C PHE D 202 23.76 30.43 -5.53
N MET D 203 23.10 31.23 -4.70
CA MET D 203 23.74 31.76 -3.50
C MET D 203 23.63 30.77 -2.35
N VAL D 204 24.76 30.51 -1.70
CA VAL D 204 24.83 29.58 -0.58
C VAL D 204 25.58 30.24 0.57
N ASP D 205 25.13 29.95 1.78
CA ASP D 205 25.73 30.50 3.00
C ASP D 205 26.36 29.36 3.79
N ASN D 206 27.56 29.61 4.31
CA ASN D 206 28.28 28.56 5.04
C ASN D 206 27.61 28.25 6.38
N GLU D 207 27.10 29.29 7.06
CA GLU D 207 26.51 29.08 8.38
C GLU D 207 25.31 28.14 8.30
N ALA D 208 24.50 28.27 7.26
CA ALA D 208 23.35 27.39 7.11
C ALA D 208 23.79 25.94 6.90
N ILE D 209 24.86 25.73 6.14
CA ILE D 209 25.35 24.36 5.95
C ILE D 209 25.91 23.83 7.27
N TYR D 210 26.56 24.67 8.06
CA TYR D 210 27.02 24.25 9.37
C TYR D 210 25.85 23.82 10.25
N ASP D 211 24.78 24.61 10.24
CA ASP D 211 23.59 24.25 11.02
C ASP D 211 22.99 22.94 10.51
N ILE D 212 22.95 22.75 9.20
CA ILE D 212 22.43 21.50 8.63
C ILE D 212 23.26 20.32 9.10
N CYS D 213 24.58 20.44 9.04
CA CYS D 213 25.46 19.36 9.46
C CYS D 213 25.29 19.07 10.95
N ARG D 214 25.15 20.11 11.76
CA ARG D 214 24.99 19.91 13.20
C ARG D 214 23.65 19.25 13.52
N ARG D 215 22.58 19.65 12.85
CA ARG D 215 21.25 19.18 13.21
C ARG D 215 20.95 17.82 12.56
N ASN D 216 20.96 17.75 11.24
CA ASN D 216 20.55 16.54 10.55
C ASN D 216 21.63 15.47 10.61
N LEU D 217 22.83 15.79 10.15
CA LEU D 217 23.90 14.80 10.09
C LEU D 217 24.47 14.47 11.46
N ASP D 218 24.10 15.24 12.49
CA ASP D 218 24.55 15.00 13.86
C ASP D 218 26.07 15.05 14.00
N ILE D 219 26.75 15.80 13.13
CA ILE D 219 28.19 15.92 13.20
C ILE D 219 28.55 17.03 14.18
N GLU D 220 29.36 16.70 15.18
CA GLU D 220 29.73 17.68 16.19
C GLU D 220 30.79 18.66 15.68
N ARG D 221 31.65 18.22 14.76
CA ARG D 221 32.76 19.03 14.26
C ARG D 221 32.74 19.02 12.74
N PRO D 222 31.90 19.84 12.12
CA PRO D 222 31.89 19.91 10.65
C PRO D 222 33.18 20.54 10.13
N SER D 223 33.33 20.49 8.81
CA SER D 223 34.52 21.01 8.16
C SER D 223 34.14 21.49 6.77
N TYR D 224 35.11 22.13 6.10
CA TYR D 224 34.88 22.61 4.74
C TYR D 224 34.60 21.45 3.78
N THR D 225 35.12 20.26 4.10
CA THR D 225 34.91 19.11 3.22
C THR D 225 33.44 18.76 3.10
N ASN D 226 32.71 18.76 4.22
CA ASN D 226 31.30 18.43 4.18
C ASN D 226 30.51 19.47 3.40
N LEU D 227 30.82 20.75 3.60
CA LEU D 227 30.13 21.82 2.88
C LEU D 227 30.35 21.67 1.38
N ASN D 228 31.60 21.44 0.98
CA ASN D 228 31.91 21.29 -0.44
C ASN D 228 31.24 20.04 -1.01
N ARG D 229 31.17 18.97 -0.22
CA ARG D 229 30.50 17.76 -0.68
C ARG D 229 29.02 18.01 -0.93
N LEU D 230 28.36 18.73 -0.02
CA LEU D 230 26.95 19.05 -0.22
C LEU D 230 26.75 19.93 -1.45
N ILE D 231 27.62 20.92 -1.64
CA ILE D 231 27.50 21.79 -2.81
C ILE D 231 27.68 20.99 -4.09
N GLY D 232 28.68 20.10 -4.11
CA GLY D 232 28.88 19.26 -5.28
C GLY D 232 27.71 18.33 -5.53
N GLN D 233 27.08 17.85 -4.46
CA GLN D 233 25.90 17.02 -4.62
C GLN D 233 24.77 17.80 -5.27
N ILE D 234 24.57 19.06 -4.87
CA ILE D 234 23.52 19.88 -5.47
C ILE D 234 23.83 20.16 -6.94
N VAL D 235 25.10 20.44 -7.24
CA VAL D 235 25.46 20.69 -8.64
C VAL D 235 25.27 19.44 -9.48
N SER D 236 25.60 18.27 -8.92
CA SER D 236 25.34 17.02 -9.62
C SER D 236 23.86 16.82 -9.85
N SER D 237 23.03 17.13 -8.86
CA SER D 237 21.59 16.97 -9.02
C SER D 237 21.06 17.88 -10.12
N ILE D 238 21.50 19.13 -10.15
CA ILE D 238 20.98 20.04 -11.17
C ILE D 238 21.46 19.65 -12.56
N THR D 239 22.70 19.15 -12.67
CA THR D 239 23.24 18.80 -13.98
C THR D 239 22.94 17.36 -14.40
N ALA D 240 22.30 16.56 -13.54
CA ALA D 240 22.06 15.16 -13.90
C ALA D 240 21.13 15.02 -15.09
N SER D 241 20.13 15.91 -15.21
CA SER D 241 19.15 15.78 -16.29
C SER D 241 19.78 15.88 -17.66
N LEU D 242 20.97 16.46 -17.78
CA LEU D 242 21.66 16.56 -19.06
C LEU D 242 22.48 15.33 -19.40
N ARG D 243 22.63 14.39 -18.47
CA ARG D 243 23.49 13.24 -18.71
C ARG D 243 22.90 11.91 -18.28
N PHE D 244 21.70 11.89 -17.69
CA PHE D 244 21.08 10.66 -17.25
C PHE D 244 19.62 10.63 -17.71
N ASP D 245 19.14 9.42 -17.99
CA ASP D 245 17.78 9.25 -18.46
C ASP D 245 16.79 9.45 -17.33
N GLY D 246 15.55 9.78 -17.69
CA GLY D 246 14.49 9.98 -16.74
C GLY D 246 13.31 10.73 -17.30
N ALA D 247 12.11 10.36 -16.88
CA ALA D 247 10.92 11.08 -17.32
C ALA D 247 10.94 12.50 -16.77
N LEU D 248 10.41 13.43 -17.57
CA LEU D 248 10.36 14.85 -17.23
C LEU D 248 11.77 15.42 -17.03
N ASN D 249 12.56 15.34 -18.10
CA ASN D 249 13.90 15.91 -18.07
C ASN D 249 13.83 17.43 -17.98
N VAL D 250 14.75 18.02 -17.23
CA VAL D 250 14.79 19.46 -17.00
C VAL D 250 16.13 19.96 -17.52
N ASP D 251 16.12 20.57 -18.71
CA ASP D 251 17.32 21.16 -19.26
C ASP D 251 17.64 22.48 -18.58
N LEU D 252 18.85 22.97 -18.82
CA LEU D 252 19.26 24.25 -18.25
C LEU D 252 18.39 25.39 -18.79
N THR D 253 18.08 25.36 -20.09
CA THR D 253 17.21 26.38 -20.65
C THR D 253 15.80 26.28 -20.07
N GLU D 254 15.29 25.06 -19.92
CA GLU D 254 14.00 24.86 -19.26
C GLU D 254 14.05 25.38 -17.84
N PHE D 255 15.15 25.10 -17.13
CA PHE D 255 15.32 25.58 -15.77
C PHE D 255 15.24 27.10 -15.71
N GLN D 256 15.99 27.78 -16.58
CA GLN D 256 15.99 29.23 -16.59
C GLN D 256 14.62 29.80 -16.94
N THR D 257 13.95 29.20 -17.93
CA THR D 257 12.63 29.66 -18.30
C THR D 257 11.65 29.49 -17.14
N ASN D 258 11.80 28.41 -16.37
CA ASN D 258 10.85 28.15 -15.29
C ASN D 258 11.08 29.07 -14.10
N LEU D 259 12.33 29.29 -13.69
CA LEU D 259 12.59 29.98 -12.43
C LEU D 259 13.04 31.42 -12.60
N VAL D 260 12.93 32.00 -13.79
CA VAL D 260 13.33 33.39 -13.97
C VAL D 260 12.15 34.17 -14.54
N PRO D 261 11.23 34.65 -13.70
CA PRO D 261 10.09 35.42 -14.21
C PRO D 261 10.45 36.84 -14.61
N TYR D 262 11.56 37.38 -14.16
CA TYR D 262 11.97 38.73 -14.51
C TYR D 262 13.46 38.74 -14.78
N PRO D 263 13.93 39.64 -15.64
CA PRO D 263 15.35 39.62 -16.04
C PRO D 263 16.31 39.80 -14.87
N ARG D 264 15.89 40.46 -13.80
CA ARG D 264 16.75 40.68 -12.65
C ARG D 264 16.51 39.70 -11.51
N ILE D 265 15.34 39.08 -11.45
CA ILE D 265 15.01 38.17 -10.33
C ILE D 265 15.47 36.78 -10.75
N HIS D 266 16.76 36.53 -10.54
CA HIS D 266 17.38 35.26 -10.92
C HIS D 266 18.34 34.79 -9.83
N PHE D 267 17.90 34.89 -8.57
CA PHE D 267 18.71 34.48 -7.42
C PHE D 267 17.91 33.51 -6.56
N PRO D 268 17.79 32.26 -7.00
CA PRO D 268 17.01 31.28 -6.23
C PRO D 268 17.83 30.63 -5.13
N LEU D 269 17.12 29.96 -4.24
CA LEU D 269 17.74 29.20 -3.16
C LEU D 269 18.17 27.82 -3.66
N ALA D 270 18.74 27.03 -2.75
CA ALA D 270 19.14 25.68 -3.07
C ALA D 270 19.17 24.85 -1.80
N THR D 271 18.80 23.57 -1.94
CA THR D 271 18.85 22.64 -0.82
C THR D 271 18.81 21.21 -1.34
N PHE D 272 19.46 20.32 -0.61
CA PHE D 272 19.40 18.88 -0.86
C PHE D 272 18.71 18.25 0.33
N SER D 273 17.54 17.68 0.12
CA SER D 273 16.68 17.30 1.23
C SER D 273 17.17 16.08 2.02
N PRO D 274 17.41 14.89 1.39
CA PRO D 274 17.60 13.66 2.17
C PRO D 274 18.95 13.57 2.86
N VAL D 275 19.31 14.61 3.60
CA VAL D 275 20.55 14.62 4.37
C VAL D 275 20.24 14.17 5.79
N ILE D 276 20.65 12.94 6.10
CA ILE D 276 20.38 12.30 7.38
C ILE D 276 21.49 11.30 7.67
N SER D 277 21.73 11.01 8.95
CA SER D 277 22.82 10.14 9.35
C SER D 277 22.59 8.71 8.85
N ALA D 278 23.68 8.01 8.60
CA ALA D 278 23.59 6.64 8.07
C ALA D 278 22.92 5.71 9.07
N GLU D 279 23.25 5.83 10.35
CA GLU D 279 22.66 4.96 11.35
C GLU D 279 21.17 5.22 11.51
N LYS D 280 20.70 6.39 11.06
CA LYS D 280 19.28 6.73 11.09
C LYS D 280 18.59 6.47 9.77
N ALA D 281 19.32 6.51 8.66
CA ALA D 281 18.70 6.36 7.34
C ALA D 281 18.11 4.97 7.16
N TYR D 282 18.77 3.94 7.70
CA TYR D 282 18.29 2.58 7.52
C TYR D 282 16.92 2.37 8.13
N HIS D 283 16.56 3.17 9.14
CA HIS D 283 15.28 3.02 9.83
C HIS D 283 14.27 4.07 9.40
N GLU D 284 14.39 4.60 8.18
CA GLU D 284 13.48 5.61 7.68
C GLU D 284 12.89 5.17 6.35
N GLN D 285 11.58 5.39 6.18
CA GLN D 285 10.91 5.03 4.93
C GLN D 285 11.43 5.89 3.77
N LEU D 286 11.64 7.18 4.02
CA LEU D 286 12.10 8.13 3.00
C LEU D 286 11.16 8.14 1.79
N SER D 287 9.86 8.23 2.08
CA SER D 287 8.86 8.29 1.02
C SER D 287 8.96 9.62 0.28
N VAL D 288 8.38 9.64 -0.93
CA VAL D 288 8.40 10.84 -1.75
C VAL D 288 7.66 11.98 -1.05
N ALA D 289 6.49 11.67 -0.49
CA ALA D 289 5.72 12.70 0.19
C ALA D 289 6.47 13.25 1.39
N GLU D 290 7.11 12.37 2.18
CA GLU D 290 7.82 12.83 3.36
C GLU D 290 9.00 13.73 2.99
N ILE D 291 9.81 13.30 2.02
CA ILE D 291 10.98 14.10 1.64
C ILE D 291 10.54 15.42 1.01
N THR D 292 9.46 15.40 0.24
CA THR D 292 8.95 16.64 -0.34
C THR D 292 8.46 17.59 0.75
N ASN D 293 7.79 17.06 1.75
CA ASN D 293 7.32 17.89 2.86
C ASN D 293 8.49 18.50 3.63
N MET D 294 9.52 17.69 3.88
CA MET D 294 10.64 18.21 4.67
C MET D 294 11.62 19.01 3.82
N CYS D 295 11.42 19.06 2.50
CA CYS D 295 12.15 20.03 1.69
C CYS D 295 11.89 21.45 2.14
N PHE D 296 10.65 21.74 2.54
CA PHE D 296 10.22 23.10 2.87
C PHE D 296 10.44 23.43 4.34
N GLU D 297 11.20 22.63 5.06
CA GLU D 297 11.51 22.95 6.45
C GLU D 297 12.30 24.26 6.50
N PRO D 298 11.91 25.21 7.35
CA PRO D 298 12.63 26.50 7.37
C PRO D 298 14.10 26.37 7.69
N HIS D 299 14.47 25.43 8.54
CA HIS D 299 15.86 25.22 8.92
C HIS D 299 16.61 24.32 7.94
N ASN D 300 15.93 23.80 6.91
CA ASN D 300 16.55 22.92 5.93
C ASN D 300 17.02 23.65 4.69
N GLN D 301 16.90 24.97 4.65
CA GLN D 301 17.35 25.77 3.53
C GLN D 301 18.76 26.28 3.80
N MET D 302 19.65 26.14 2.82
CA MET D 302 21.04 26.51 3.02
C MET D 302 21.30 28.00 2.80
N VAL D 303 20.26 28.83 2.87
CA VAL D 303 20.41 30.27 2.95
C VAL D 303 19.79 30.71 4.27
N LYS D 304 20.54 31.48 5.06
CA LYS D 304 20.09 31.83 6.40
C LYS D 304 18.97 32.85 6.34
N CYS D 305 17.79 32.40 5.90
CA CYS D 305 16.60 33.24 5.87
C CYS D 305 15.37 32.35 5.95
N ASP D 306 14.39 32.78 6.73
CA ASP D 306 13.19 31.97 6.92
C ASP D 306 12.28 32.11 5.71
N PRO D 307 11.95 31.02 5.02
CA PRO D 307 11.03 31.12 3.88
C PRO D 307 9.66 31.65 4.26
N ARG D 308 9.20 31.39 5.49
CA ARG D 308 7.92 31.91 5.92
C ARG D 308 7.92 33.44 5.97
N HIS D 309 9.09 34.05 6.18
CA HIS D 309 9.17 35.51 6.16
C HIS D 309 8.80 36.06 4.80
N GLY D 310 9.28 35.44 3.73
CA GLY D 310 8.94 35.83 2.38
C GLY D 310 7.83 34.97 1.80
N LYS D 311 7.74 34.99 0.47
CA LYS D 311 6.76 34.19 -0.24
C LYS D 311 7.44 33.46 -1.39
N TYR D 312 7.11 32.18 -1.56
CA TYR D 312 7.63 31.42 -2.68
C TYR D 312 7.05 31.93 -3.99
N MET D 313 7.89 32.05 -5.01
CA MET D 313 7.47 32.58 -6.29
C MET D 313 7.69 31.61 -7.45
N ALA D 314 8.72 30.79 -7.39
CA ALA D 314 8.96 29.79 -8.43
C ALA D 314 9.84 28.70 -7.85
N VAL D 315 9.34 27.45 -7.86
CA VAL D 315 9.99 26.33 -7.19
C VAL D 315 10.24 25.24 -8.22
N CYS D 316 11.46 24.69 -8.21
CA CYS D 316 11.83 23.59 -9.09
C CYS D 316 12.28 22.41 -8.24
N LEU D 317 11.73 21.23 -8.52
CA LEU D 317 12.09 20.00 -7.84
C LEU D 317 12.75 19.06 -8.82
N LEU D 318 13.87 18.46 -8.41
CA LEU D 318 14.62 17.51 -9.24
C LEU D 318 14.70 16.19 -8.50
N PHE D 319 13.68 15.35 -8.67
CA PHE D 319 13.67 14.05 -8.02
C PHE D 319 14.66 13.10 -8.70
N ARG D 320 15.28 12.25 -7.89
CA ARG D 320 16.26 11.29 -8.37
C ARG D 320 16.00 9.94 -7.72
N GLY D 321 16.39 8.88 -8.43
CA GLY D 321 16.23 7.54 -7.89
C GLY D 321 14.83 6.98 -8.15
N ASP D 322 14.38 6.13 -7.22
CA ASP D 322 13.08 5.49 -7.34
C ASP D 322 11.97 6.50 -7.10
N VAL D 323 11.45 7.10 -8.17
CA VAL D 323 10.44 8.14 -8.09
C VAL D 323 9.32 7.81 -9.07
N VAL D 324 8.08 7.96 -8.62
CA VAL D 324 6.91 7.73 -9.47
C VAL D 324 6.15 9.04 -9.62
N PRO D 325 5.73 9.41 -10.83
CA PRO D 325 5.07 10.71 -11.01
C PRO D 325 3.81 10.89 -10.19
N LYS D 326 3.03 9.82 -9.94
CA LYS D 326 1.82 9.98 -9.15
C LYS D 326 2.14 10.39 -7.72
N ASP D 327 3.21 9.84 -7.15
CA ASP D 327 3.64 10.27 -5.82
C ASP D 327 4.07 11.73 -5.84
N VAL D 328 4.71 12.16 -6.92
CA VAL D 328 5.10 13.56 -7.05
C VAL D 328 3.86 14.46 -7.08
N ASN D 329 2.84 14.05 -7.84
CA ASN D 329 1.62 14.84 -7.90
C ASN D 329 0.94 14.92 -6.54
N ALA D 330 0.89 13.79 -5.83
CA ALA D 330 0.30 13.81 -4.48
C ALA D 330 1.09 14.74 -3.55
N ALA D 331 2.42 14.68 -3.63
CA ALA D 331 3.24 15.56 -2.79
C ALA D 331 3.01 17.02 -3.13
N ILE D 332 2.92 17.35 -4.43
CA ILE D 332 2.68 18.72 -4.84
C ILE D 332 1.33 19.21 -4.33
N ALA D 333 0.30 18.36 -4.44
CA ALA D 333 -1.01 18.73 -3.94
C ALA D 333 -0.99 18.97 -2.44
N THR D 334 -0.31 18.09 -1.70
CA THR D 334 -0.23 18.27 -0.24
C THR D 334 0.50 19.55 0.11
N ILE D 335 1.59 19.85 -0.62
CA ILE D 335 2.33 21.09 -0.36
C ILE D 335 1.46 22.29 -0.64
N LYS D 336 0.72 22.27 -1.74
CA LYS D 336 -0.15 23.39 -2.09
C LYS D 336 -1.25 23.58 -1.04
N THR D 337 -1.79 22.47 -0.51
CA THR D 337 -2.79 22.59 0.54
C THR D 337 -2.24 23.24 1.80
N LYS D 338 -0.93 23.10 2.03
CA LYS D 338 -0.29 23.71 3.20
C LYS D 338 -0.23 25.22 2.99
N ARG D 339 -1.09 25.95 3.69
CA ARG D 339 -1.14 27.40 3.52
C ARG D 339 0.10 28.08 4.09
N SER D 340 0.81 27.41 5.00
CA SER D 340 2.02 28.00 5.55
C SER D 340 3.07 28.27 4.49
N ILE D 341 3.15 27.40 3.48
CA ILE D 341 4.06 27.62 2.36
C ILE D 341 3.37 28.55 1.36
N GLN D 342 3.55 29.86 1.55
CA GLN D 342 2.82 30.84 0.77
C GLN D 342 3.40 30.96 -0.64
N PHE D 343 2.54 31.33 -1.59
CA PHE D 343 2.92 31.52 -2.97
C PHE D 343 2.36 32.83 -3.49
N VAL D 344 3.03 33.38 -4.50
CA VAL D 344 2.55 34.59 -5.14
C VAL D 344 1.24 34.30 -5.87
N ASP D 345 0.31 35.26 -5.82
CA ASP D 345 -1.01 35.05 -6.40
C ASP D 345 -0.99 35.00 -7.92
N TRP D 346 0.05 35.55 -8.56
CA TRP D 346 0.12 35.64 -10.01
C TRP D 346 0.87 34.48 -10.66
N CYS D 347 1.30 33.50 -9.86
CA CYS D 347 1.97 32.31 -10.38
C CYS D 347 1.35 31.07 -9.73
N PRO D 348 0.14 30.69 -10.17
CA PRO D 348 -0.55 29.55 -9.52
C PRO D 348 0.13 28.21 -9.75
N THR D 349 0.99 28.09 -10.75
CA THR D 349 1.58 26.81 -11.14
C THR D 349 3.10 26.91 -11.16
N GLY D 350 3.67 27.49 -10.11
CA GLY D 350 5.11 27.71 -10.05
C GLY D 350 5.94 26.47 -9.82
N PHE D 351 5.33 25.30 -9.67
CA PHE D 351 6.08 24.08 -9.40
C PHE D 351 6.63 23.50 -10.69
N LYS D 352 7.95 23.36 -10.76
CA LYS D 352 8.63 22.77 -11.91
C LYS D 352 9.15 21.40 -11.49
N VAL D 353 8.40 20.35 -11.84
CA VAL D 353 8.75 19.01 -11.42
C VAL D 353 9.79 18.42 -12.37
N GLY D 354 10.82 17.82 -11.80
CA GLY D 354 11.81 17.10 -12.58
C GLY D 354 12.16 15.77 -11.95
N ILE D 355 12.27 14.72 -12.76
CA ILE D 355 12.53 13.38 -12.29
C ILE D 355 13.70 12.80 -13.09
N ASN D 356 14.61 12.14 -12.39
CA ASN D 356 15.73 11.45 -13.01
C ASN D 356 15.85 10.05 -12.43
N TYR D 357 16.15 9.08 -13.30
CA TYR D 357 16.21 7.69 -12.88
C TYR D 357 17.50 7.33 -12.16
N GLN D 358 18.48 8.22 -12.15
CA GLN D 358 19.79 7.91 -11.57
C GLN D 358 19.79 8.25 -10.09
N PRO D 359 19.92 7.28 -9.20
CA PRO D 359 20.00 7.59 -7.76
C PRO D 359 21.32 8.26 -7.44
N PRO D 360 21.36 9.05 -6.37
CA PRO D 360 22.63 9.69 -5.99
C PRO D 360 23.62 8.67 -5.47
N THR D 361 24.90 9.01 -5.61
CA THR D 361 25.99 8.19 -5.08
C THR D 361 26.48 8.79 -3.77
N VAL D 362 27.12 7.95 -2.96
CA VAL D 362 27.65 8.36 -1.67
C VAL D 362 29.17 8.36 -1.75
N VAL D 363 29.77 9.46 -1.34
CA VAL D 363 31.24 9.56 -1.32
C VAL D 363 31.78 8.71 -0.18
N PRO D 364 32.71 7.80 -0.43
CA PRO D 364 33.32 7.04 0.66
C PRO D 364 33.95 7.98 1.68
N GLY D 365 33.61 7.77 2.94
CA GLY D 365 33.99 8.68 4.00
C GLY D 365 33.09 9.88 4.16
N GLY D 366 32.18 10.12 3.21
CA GLY D 366 31.26 11.22 3.34
C GLY D 366 30.15 10.93 4.33
N ASP D 367 29.56 12.01 4.86
CA ASP D 367 28.52 11.87 5.86
C ASP D 367 27.18 11.43 5.27
N LEU D 368 27.00 11.58 3.97
CA LEU D 368 25.72 11.23 3.34
C LEU D 368 25.50 9.72 3.36
N ALA D 369 24.25 9.33 3.54
CA ALA D 369 23.86 7.93 3.53
C ALA D 369 23.30 7.54 2.17
N LYS D 370 23.23 6.23 1.93
CA LYS D 370 22.78 5.69 0.64
C LYS D 370 21.25 5.62 0.62
N VAL D 371 20.65 6.80 0.46
CA VAL D 371 19.20 6.90 0.32
C VAL D 371 18.80 6.31 -1.03
N PRO D 372 17.60 5.72 -1.14
CA PRO D 372 17.20 5.14 -2.43
C PRO D 372 16.74 6.22 -3.42
N ARG D 373 16.13 7.27 -2.91
CA ARG D 373 15.64 8.37 -3.73
C ARG D 373 16.06 9.69 -3.11
N ALA D 374 16.29 10.69 -3.97
CA ALA D 374 16.72 12.00 -3.52
C ALA D 374 16.10 13.07 -4.42
N VAL D 375 16.02 14.28 -3.88
CA VAL D 375 15.47 15.41 -4.62
C VAL D 375 16.17 16.67 -4.16
N CYS D 376 16.47 17.55 -5.12
CA CYS D 376 17.08 18.85 -4.84
C CYS D 376 16.07 19.93 -5.18
N MET D 377 15.73 20.75 -4.20
CA MET D 377 14.70 21.77 -4.36
C MET D 377 15.35 23.13 -4.55
N LEU D 378 15.03 23.78 -5.66
CA LEU D 378 15.55 25.11 -5.98
C LEU D 378 14.36 26.04 -6.15
N SER D 379 14.21 26.98 -5.22
CA SER D 379 13.07 27.88 -5.19
C SER D 379 13.52 29.32 -5.27
N ASN D 380 12.78 30.11 -6.07
CA ASN D 380 12.97 31.55 -6.14
C ASN D 380 11.93 32.19 -5.23
N THR D 381 12.39 32.69 -4.09
CA THR D 381 11.49 33.25 -3.08
C THR D 381 11.95 34.66 -2.70
N THR D 382 11.02 35.44 -2.17
CA THR D 382 11.34 36.79 -1.70
C THR D 382 12.02 36.78 -0.34
N ALA D 383 12.05 35.64 0.35
CA ALA D 383 12.67 35.57 1.66
C ALA D 383 14.18 35.78 1.59
N ILE D 384 14.79 35.58 0.42
CA ILE D 384 16.22 35.78 0.25
C ILE D 384 16.63 37.23 0.43
N ALA D 385 15.68 38.16 0.41
CA ALA D 385 16.00 39.57 0.59
C ALA D 385 16.58 39.87 1.96
N GLU D 386 16.43 38.95 2.93
CA GLU D 386 17.03 39.16 4.24
C GLU D 386 18.56 39.23 4.16
N ALA D 387 19.16 38.40 3.30
CA ALA D 387 20.61 38.46 3.13
C ALA D 387 21.04 39.81 2.57
N TRP D 388 20.30 40.32 1.58
CA TRP D 388 20.61 41.63 1.04
C TRP D 388 20.44 42.71 2.09
N ALA D 389 19.40 42.60 2.93
CA ALA D 389 19.21 43.57 4.00
C ALA D 389 20.39 43.57 4.97
N ARG D 390 20.83 42.37 5.37
CA ARG D 390 21.97 42.28 6.28
C ARG D 390 23.23 42.87 5.66
N LEU D 391 23.50 42.53 4.40
CA LEU D 391 24.70 43.02 3.74
C LEU D 391 24.65 44.53 3.57
N ASP D 392 23.48 45.07 3.22
CA ASP D 392 23.35 46.52 3.08
C ASP D 392 23.55 47.23 4.40
N HIS D 393 22.99 46.68 5.49
CA HIS D 393 23.18 47.27 6.80
C HIS D 393 24.66 47.27 7.18
N LYS D 394 25.35 46.15 6.97
CA LYS D 394 26.76 46.06 7.29
C LYS D 394 27.58 47.04 6.47
N PHE D 395 27.30 47.11 5.16
CA PHE D 395 28.05 48.02 4.29
C PHE D 395 27.82 49.47 4.67
N ASP D 396 26.58 49.83 4.98
CA ASP D 396 26.29 51.20 5.38
C ASP D 396 27.02 51.55 6.68
N LEU D 397 26.99 50.64 7.66
CA LEU D 397 27.69 50.91 8.91
C LEU D 397 29.19 51.05 8.69
N MET D 398 29.77 50.20 7.84
CA MET D 398 31.21 50.24 7.63
C MET D 398 31.64 51.38 6.71
N TYR D 399 30.73 51.92 5.90
CA TYR D 399 31.07 52.96 4.95
C TYR D 399 30.67 54.36 5.41
N ALA D 400 29.85 54.47 6.46
CA ALA D 400 29.51 55.79 6.98
C ALA D 400 30.75 56.57 7.38
N LYS D 401 31.77 55.87 7.89
CA LYS D 401 33.02 56.50 8.30
C LYS D 401 34.17 56.22 7.34
N ARG D 402 33.91 55.53 6.23
CA ARG D 402 34.92 55.19 5.24
C ARG D 402 36.06 54.40 5.87
N ALA D 403 35.70 53.19 6.34
CA ALA D 403 36.62 52.40 7.16
C ALA D 403 37.87 52.00 6.37
N PHE D 404 37.69 51.39 5.20
CA PHE D 404 38.81 50.84 4.44
C PHE D 404 38.72 51.25 2.98
N VAL D 405 38.24 52.46 2.72
CA VAL D 405 38.10 52.92 1.34
C VAL D 405 39.46 53.22 0.72
N HIS D 406 40.47 53.50 1.54
CA HIS D 406 41.75 53.97 1.02
C HIS D 406 42.44 52.91 0.17
N TRP D 407 42.38 51.64 0.60
CA TRP D 407 42.97 50.57 -0.21
C TRP D 407 42.34 50.52 -1.60
N TYR D 408 41.00 50.53 -1.64
CA TYR D 408 40.30 50.42 -2.91
C TYR D 408 40.60 51.61 -3.81
N VAL D 409 40.55 52.82 -3.27
CA VAL D 409 40.80 53.99 -4.11
C VAL D 409 42.25 54.02 -4.58
N GLY D 410 43.17 53.53 -3.75
CA GLY D 410 44.56 53.45 -4.17
C GLY D 410 44.85 52.36 -5.18
N GLU D 411 43.98 51.35 -5.27
CA GLU D 411 44.17 50.28 -6.24
C GLU D 411 43.42 50.51 -7.55
N GLY D 412 43.11 51.77 -7.88
CA GLY D 412 42.64 52.10 -9.21
C GLY D 412 41.17 52.44 -9.33
N MET D 413 40.34 51.98 -8.41
CA MET D 413 38.91 52.22 -8.54
C MET D 413 38.53 53.55 -7.90
N GLU D 414 37.40 54.10 -8.33
CA GLU D 414 36.97 55.42 -7.92
C GLU D 414 36.07 55.34 -6.69
N GLU D 415 36.01 56.45 -5.95
CA GLU D 415 35.19 56.49 -4.75
C GLU D 415 33.71 56.30 -5.08
N GLY D 416 33.24 56.92 -6.17
CA GLY D 416 31.83 56.86 -6.52
C GLY D 416 31.32 55.47 -6.84
N GLU D 417 32.23 54.52 -7.10
CA GLU D 417 31.81 53.16 -7.41
C GLU D 417 31.09 52.52 -6.24
N PHE D 418 31.54 52.83 -5.02
CA PHE D 418 30.88 52.27 -3.83
C PHE D 418 29.45 52.78 -3.72
N SER D 419 29.24 54.07 -3.95
CA SER D 419 27.90 54.63 -3.92
C SER D 419 27.03 54.05 -5.02
N GLU D 420 27.61 53.86 -6.22
CA GLU D 420 26.85 53.26 -7.31
C GLU D 420 26.44 51.82 -6.97
N ALA D 421 27.34 51.06 -6.37
CA ALA D 421 27.00 49.70 -5.95
C ALA D 421 25.91 49.72 -4.89
N ARG D 422 26.00 50.65 -3.93
CA ARG D 422 24.98 50.72 -2.88
C ARG D 422 23.62 51.07 -3.46
N GLU D 423 23.56 52.02 -4.39
CA GLU D 423 22.28 52.38 -4.97
C GLU D 423 21.73 51.26 -5.85
N ASP D 424 22.61 50.52 -6.53
CA ASP D 424 22.17 49.34 -7.28
C ASP D 424 21.58 48.30 -6.34
N LEU D 425 22.22 48.08 -5.19
CA LEU D 425 21.68 47.16 -4.20
C LEU D 425 20.32 47.63 -3.69
N ALA D 426 20.17 48.92 -3.45
CA ALA D 426 18.88 49.47 -3.03
C ALA D 426 17.82 49.24 -4.10
N ALA D 427 18.18 49.44 -5.37
CA ALA D 427 17.23 49.20 -6.45
C ALA D 427 16.84 47.73 -6.53
N LEU D 428 17.81 46.83 -6.35
CA LEU D 428 17.51 45.40 -6.39
C LEU D 428 16.58 45.01 -5.23
N GLU D 429 16.83 45.53 -4.04
CA GLU D 429 15.96 45.26 -2.91
C GLU D 429 14.57 45.82 -3.15
N LYS D 430 14.48 47.00 -3.78
CA LYS D 430 13.18 47.57 -4.13
C LYS D 430 12.45 46.68 -5.12
N ASP D 431 13.17 46.14 -6.11
CA ASP D 431 12.55 45.24 -7.07
C ASP D 431 12.03 43.98 -6.39
N TYR D 432 12.81 43.43 -5.44
CA TYR D 432 12.36 42.27 -4.69
C TYR D 432 11.11 42.57 -3.88
N GLU D 433 11.07 43.75 -3.24
CA GLU D 433 9.89 44.13 -2.49
C GLU D 433 8.68 44.31 -3.39
N GLU D 434 8.90 44.88 -4.58
CA GLU D 434 7.78 45.21 -5.47
C GLU D 434 7.23 43.96 -6.16
N VAL D 435 8.10 43.02 -6.52
CA VAL D 435 7.63 41.83 -7.25
C VAL D 435 6.77 40.96 -6.35
N GLY D 436 6.96 41.02 -5.04
CA GLY D 436 6.22 40.18 -4.12
C GLY D 436 4.83 40.64 -3.77
N VAL D 437 4.42 41.84 -4.22
CA VAL D 437 3.10 42.34 -3.86
C VAL D 437 2.04 41.63 -4.68
N ASP D 438 0.83 41.58 -4.14
CA ASP D 438 -0.28 40.94 -4.83
C ASP D 438 -0.73 41.79 -6.01
N SER D 439 -1.42 41.14 -6.95
CA SER D 439 -1.93 41.82 -8.14
C SER D 439 -3.41 42.15 -8.00
N MET E 1 -4.97 2.54 -49.67
CA MET E 1 -5.99 3.29 -50.39
C MET E 1 -6.35 4.57 -49.65
N ARG E 2 -6.28 4.51 -48.33
CA ARG E 2 -6.60 5.63 -47.45
C ARG E 2 -5.52 5.79 -46.38
N GLU E 3 -4.27 5.81 -46.82
CA GLU E 3 -3.14 5.82 -45.90
C GLU E 3 -3.12 7.11 -45.08
N ILE E 4 -2.45 7.02 -43.93
CA ILE E 4 -2.40 8.11 -42.96
C ILE E 4 -0.95 8.41 -42.62
N VAL E 5 -0.60 9.68 -42.60
CA VAL E 5 0.74 10.14 -42.23
C VAL E 5 0.75 10.41 -40.74
N HIS E 6 1.74 9.85 -40.04
CA HIS E 6 1.83 9.94 -38.59
C HIS E 6 3.10 10.71 -38.22
N ILE E 7 2.95 11.74 -37.41
CA ILE E 7 4.06 12.59 -36.99
C ILE E 7 4.04 12.72 -35.47
N GLN E 8 5.22 12.64 -34.85
CA GLN E 8 5.36 12.74 -33.41
C GLN E 8 6.28 13.90 -33.08
N ALA E 9 5.78 14.88 -32.34
CA ALA E 9 6.53 16.06 -31.96
C ALA E 9 6.51 16.23 -30.45
N GLY E 10 7.66 16.57 -29.88
CA GLY E 10 7.80 16.67 -28.45
C GLY E 10 8.00 15.32 -27.79
N GLN E 11 8.60 15.34 -26.60
CA GLN E 11 8.90 14.10 -25.88
C GLN E 11 7.64 13.28 -25.65
N CYS E 12 6.58 13.93 -25.15
CA CYS E 12 5.33 13.22 -24.90
C CYS E 12 4.76 12.67 -26.20
N GLY E 13 4.83 13.45 -27.27
CA GLY E 13 4.35 12.97 -28.56
C GLY E 13 5.11 11.75 -29.04
N ASN E 14 6.44 11.77 -28.93
CA ASN E 14 7.24 10.64 -29.37
C ASN E 14 6.95 9.40 -28.54
N GLN E 15 6.80 9.56 -27.22
CA GLN E 15 6.51 8.41 -26.37
C GLN E 15 5.15 7.81 -26.73
N ILE E 16 4.13 8.67 -26.88
CA ILE E 16 2.81 8.18 -27.23
C ILE E 16 2.83 7.49 -28.59
N GLY E 17 3.55 8.07 -29.55
CA GLY E 17 3.64 7.45 -30.87
C GLY E 17 4.36 6.12 -30.86
N SER E 18 5.43 6.01 -30.05
CA SER E 18 6.13 4.74 -29.93
C SER E 18 5.21 3.68 -29.34
N LYS E 19 4.47 4.02 -28.29
CA LYS E 19 3.53 3.07 -27.71
C LYS E 19 2.45 2.70 -28.71
N PHE E 20 1.97 3.67 -29.49
CA PHE E 20 0.93 3.40 -30.47
C PHE E 20 1.43 2.46 -31.55
N TRP E 21 2.66 2.66 -32.03
CA TRP E 21 3.21 1.77 -33.05
C TRP E 21 3.42 0.37 -32.49
N GLU E 22 3.84 0.28 -31.23
CA GLU E 22 3.94 -1.03 -30.60
C GLU E 22 2.58 -1.72 -30.54
N VAL E 23 1.54 -0.98 -30.17
CA VAL E 23 0.20 -1.55 -30.08
C VAL E 23 -0.28 -1.99 -31.47
N ILE E 24 -0.03 -1.18 -32.49
CA ILE E 24 -0.47 -1.52 -33.84
C ILE E 24 0.26 -2.76 -34.33
N SER E 25 1.57 -2.84 -34.08
CA SER E 25 2.32 -4.04 -34.46
C SER E 25 1.77 -5.28 -33.75
N ASP E 26 1.39 -5.12 -32.48
CA ASP E 26 0.75 -6.23 -31.77
C ASP E 26 -0.56 -6.62 -32.45
N GLU E 27 -1.36 -5.63 -32.84
CA GLU E 27 -2.63 -5.92 -33.52
C GLU E 27 -2.39 -6.58 -34.86
N HIS E 28 -1.41 -6.10 -35.61
CA HIS E 28 -1.14 -6.60 -36.96
C HIS E 28 -0.18 -7.78 -36.97
N GLY E 29 0.33 -8.21 -35.82
CA GLY E 29 1.25 -9.33 -35.77
C GLY E 29 2.54 -9.06 -36.51
N ILE E 30 3.12 -7.89 -36.27
CA ILE E 30 4.34 -7.46 -36.95
C ILE E 30 5.52 -7.59 -35.99
N ASP E 31 6.58 -8.23 -36.45
CA ASP E 31 7.78 -8.37 -35.65
C ASP E 31 8.42 -7.00 -35.43
N PRO E 32 9.07 -6.78 -34.28
CA PRO E 32 9.78 -5.51 -34.07
C PRO E 32 10.81 -5.20 -35.13
N SER E 33 11.40 -6.22 -35.75
CA SER E 33 12.29 -6.00 -36.88
C SER E 33 11.56 -5.55 -38.13
N GLY E 34 10.23 -5.59 -38.13
CA GLY E 34 9.44 -5.19 -39.27
C GLY E 34 8.86 -6.34 -40.08
N GLN E 35 9.26 -7.58 -39.80
CA GLN E 35 8.73 -8.72 -40.52
C GLN E 35 7.32 -9.04 -40.06
N TYR E 36 6.54 -9.64 -40.96
CA TYR E 36 5.18 -10.06 -40.61
C TYR E 36 5.20 -11.47 -40.03
N VAL E 37 4.63 -11.62 -38.84
CA VAL E 37 4.56 -12.92 -38.19
C VAL E 37 3.14 -13.18 -37.73
N GLY E 38 2.16 -12.53 -38.37
CA GLY E 38 0.78 -12.74 -38.01
C GLY E 38 0.26 -14.09 -38.48
N ASP E 39 -0.84 -14.51 -37.86
CA ASP E 39 -1.45 -15.80 -38.15
C ASP E 39 -2.74 -15.67 -38.96
N SER E 40 -3.10 -14.48 -39.40
CA SER E 40 -4.32 -14.25 -40.14
C SER E 40 -4.03 -13.45 -41.40
N ASP E 41 -4.73 -13.79 -42.48
CA ASP E 41 -4.58 -13.07 -43.74
C ASP E 41 -5.35 -11.76 -43.78
N LEU E 42 -6.28 -11.56 -42.83
CA LEU E 42 -7.05 -10.32 -42.81
C LEU E 42 -6.21 -9.13 -42.39
N GLN E 43 -5.16 -9.36 -41.59
CA GLN E 43 -4.30 -8.26 -41.15
C GLN E 43 -3.60 -7.61 -42.34
N LEU E 44 -3.09 -8.41 -43.27
CA LEU E 44 -2.35 -7.88 -44.40
C LEU E 44 -3.25 -7.28 -45.48
N GLU E 45 -4.57 -7.44 -45.35
CA GLU E 45 -5.48 -6.87 -46.35
C GLU E 45 -5.38 -5.35 -46.39
N ARG E 46 -5.31 -4.71 -45.22
CA ARG E 46 -5.27 -3.26 -45.13
C ARG E 46 -4.11 -2.79 -44.26
N ILE E 47 -2.98 -3.49 -44.31
CA ILE E 47 -1.82 -3.06 -43.55
C ILE E 47 -1.17 -1.83 -44.17
N ASN E 48 -1.46 -1.58 -45.46
CA ASN E 48 -0.82 -0.47 -46.16
C ASN E 48 -1.26 0.89 -45.62
N VAL E 49 -2.35 0.94 -44.87
CA VAL E 49 -2.85 2.23 -44.38
C VAL E 49 -1.85 2.87 -43.43
N TYR E 50 -1.14 2.07 -42.65
CA TYR E 50 -0.20 2.57 -41.66
C TYR E 50 1.26 2.25 -41.97
N TYR E 51 1.52 1.21 -42.75
CA TYR E 51 2.88 0.76 -43.01
C TYR E 51 3.19 0.84 -44.49
N ASN E 52 4.48 0.91 -44.80
CA ASN E 52 4.98 0.92 -46.17
C ASN E 52 5.72 -0.38 -46.43
N GLU E 53 5.44 -0.98 -47.59
CA GLU E 53 6.07 -2.26 -47.93
C GLU E 53 7.58 -2.09 -48.11
N ALA E 54 8.33 -3.04 -47.56
CA ALA E 54 9.77 -3.08 -47.73
C ALA E 54 10.22 -4.25 -48.60
N GLY E 55 9.28 -4.92 -49.27
CA GLY E 55 9.62 -6.00 -50.18
C GLY E 55 9.70 -7.36 -49.54
N SER E 56 10.75 -7.61 -48.75
CA SER E 56 11.01 -8.93 -48.19
C SER E 56 10.16 -9.18 -46.94
N ASN E 57 8.85 -9.07 -47.11
CA ASN E 57 7.88 -9.33 -46.07
C ASN E 57 8.08 -8.41 -44.87
N LYS E 58 8.87 -7.36 -45.04
CA LYS E 58 9.13 -6.41 -43.98
C LYS E 58 8.23 -5.19 -44.14
N TYR E 59 7.77 -4.66 -43.02
CA TYR E 59 6.90 -3.49 -43.03
C TYR E 59 7.46 -2.45 -42.08
N VAL E 60 7.42 -1.19 -42.52
CA VAL E 60 7.92 -0.08 -41.70
C VAL E 60 6.79 0.93 -41.53
N PRO E 61 6.67 1.54 -40.35
CA PRO E 61 5.57 2.50 -40.14
C PRO E 61 5.75 3.74 -40.99
N ARG E 62 4.62 4.34 -41.37
CA ARG E 62 4.63 5.63 -42.06
C ARG E 62 4.62 6.76 -41.03
N ALA E 63 5.70 6.80 -40.25
CA ALA E 63 5.83 7.73 -39.14
C ALA E 63 7.03 8.65 -39.36
N VAL E 64 6.88 9.89 -38.92
CA VAL E 64 7.96 10.89 -38.96
C VAL E 64 8.28 11.26 -37.52
N LEU E 65 9.53 11.02 -37.13
CA LEU E 65 9.98 11.28 -35.77
C LEU E 65 10.72 12.61 -35.74
N VAL E 66 10.18 13.58 -35.00
CA VAL E 66 10.81 14.88 -34.85
C VAL E 66 10.82 15.26 -33.37
N ASP E 67 11.96 15.76 -32.91
CA ASP E 67 12.13 16.22 -31.53
C ASP E 67 13.44 16.99 -31.45
N LEU E 68 13.43 18.11 -30.73
CA LEU E 68 14.63 18.93 -30.62
C LEU E 68 15.63 18.39 -29.62
N GLU E 69 15.23 17.44 -28.78
CA GLU E 69 16.14 16.85 -27.81
C GLU E 69 16.54 15.47 -28.31
N PRO E 70 17.80 15.26 -28.71
CA PRO E 70 18.20 13.95 -29.26
C PRO E 70 18.11 12.83 -28.25
N GLY E 71 18.03 13.12 -26.96
CA GLY E 71 17.93 12.06 -25.97
C GLY E 71 16.67 11.22 -26.13
N THR E 72 15.54 11.87 -26.40
CA THR E 72 14.30 11.14 -26.62
C THR E 72 14.40 10.25 -27.84
N MET E 73 14.98 10.76 -28.93
CA MET E 73 15.16 9.95 -30.13
C MET E 73 16.05 8.75 -29.86
N ASP E 74 17.14 8.97 -29.12
CA ASP E 74 18.03 7.86 -28.77
C ASP E 74 17.30 6.82 -27.92
N SER E 75 16.50 7.28 -26.96
CA SER E 75 15.75 6.36 -26.13
C SER E 75 14.76 5.54 -26.95
N VAL E 76 14.06 6.19 -27.88
CA VAL E 76 13.11 5.49 -28.73
C VAL E 76 13.82 4.47 -29.61
N ARG E 77 14.96 4.87 -30.21
CA ARG E 77 15.71 3.95 -31.06
C ARG E 77 16.22 2.75 -30.26
N SER E 78 16.67 2.99 -29.02
CA SER E 78 17.11 1.91 -28.16
C SER E 78 15.95 1.19 -27.48
N GLY E 79 14.72 1.65 -27.68
CA GLY E 79 13.59 1.04 -27.05
C GLY E 79 13.23 -0.29 -27.70
N PRO E 80 12.15 -0.91 -27.19
CA PRO E 80 11.77 -2.23 -27.72
C PRO E 80 11.45 -2.23 -29.20
N PHE E 81 10.86 -1.14 -29.71
CA PHE E 81 10.46 -1.06 -31.11
C PHE E 81 11.23 0.03 -31.85
N GLY E 82 12.48 0.26 -31.47
CA GLY E 82 13.29 1.26 -32.15
C GLY E 82 13.60 0.89 -33.58
N GLN E 83 13.93 -0.38 -33.81
CA GLN E 83 14.31 -0.83 -35.15
C GLN E 83 13.11 -0.93 -36.09
N LEU E 84 11.88 -0.80 -35.58
CA LEU E 84 10.73 -0.85 -36.46
C LEU E 84 10.74 0.30 -37.46
N PHE E 85 11.07 1.50 -37.01
CA PHE E 85 11.13 2.65 -37.90
C PHE E 85 12.38 2.58 -38.77
N ARG E 86 12.42 3.43 -39.78
CA ARG E 86 13.64 3.46 -40.57
C ARG E 86 14.44 4.71 -40.24
N PRO E 87 15.78 4.59 -40.28
CA PRO E 87 16.62 5.74 -39.86
C PRO E 87 16.41 6.98 -40.70
N ASP E 88 15.93 6.84 -41.94
CA ASP E 88 15.69 8.01 -42.78
C ASP E 88 14.61 8.90 -42.18
N ASN E 89 13.57 8.31 -41.59
CA ASN E 89 12.43 9.06 -41.09
C ASN E 89 12.76 9.89 -39.85
N TYR E 90 13.87 9.60 -39.17
CA TYR E 90 14.21 10.31 -37.94
C TYR E 90 14.64 11.74 -38.26
N VAL E 91 14.10 12.69 -37.49
CA VAL E 91 14.46 14.10 -37.61
C VAL E 91 14.71 14.62 -36.20
N PHE E 92 15.80 15.36 -36.02
CA PHE E 92 16.11 15.89 -34.70
C PHE E 92 16.99 17.13 -34.86
N GLY E 93 17.03 17.93 -33.80
CA GLY E 93 17.85 19.12 -33.73
C GLY E 93 19.01 18.96 -32.78
N GLN E 94 19.56 20.10 -32.36
CA GLN E 94 20.71 20.10 -31.47
C GLN E 94 20.29 20.15 -30.00
N SER E 95 19.46 21.13 -29.63
CA SER E 95 19.00 21.30 -28.27
C SER E 95 17.51 21.58 -28.26
N GLY E 96 16.88 21.25 -27.13
CA GLY E 96 15.45 21.49 -27.00
C GLY E 96 15.13 22.96 -26.91
N ALA E 97 13.86 23.28 -27.16
CA ALA E 97 13.40 24.66 -27.15
C ALA E 97 13.34 25.24 -25.74
N GLY E 98 13.53 24.42 -24.70
CA GLY E 98 13.53 24.92 -23.34
C GLY E 98 12.18 25.42 -22.88
N ASN E 99 11.10 24.70 -23.20
CA ASN E 99 9.74 25.07 -22.81
C ASN E 99 9.36 26.46 -23.31
N ASN E 100 10.05 26.96 -24.33
CA ASN E 100 9.84 28.28 -24.87
C ASN E 100 9.13 28.14 -26.21
N TRP E 101 7.87 28.57 -26.26
CA TRP E 101 7.11 28.46 -27.51
C TRP E 101 7.74 29.29 -28.61
N ALA E 102 8.16 30.51 -28.27
CA ALA E 102 8.80 31.36 -29.28
C ALA E 102 10.07 30.72 -29.80
N LYS E 103 10.88 30.14 -28.92
CA LYS E 103 12.11 29.48 -29.35
C LYS E 103 11.81 28.33 -30.31
N GLY E 104 10.79 27.53 -30.01
CA GLY E 104 10.44 26.40 -30.84
C GLY E 104 9.53 26.71 -32.00
N HIS E 105 9.16 27.97 -32.19
CA HIS E 105 8.27 28.36 -33.28
C HIS E 105 8.83 29.39 -34.24
N TYR E 106 9.74 30.26 -33.78
CA TYR E 106 10.19 31.40 -34.59
C TYR E 106 11.60 31.25 -35.11
N THR E 107 12.53 30.69 -34.32
CA THR E 107 13.89 30.52 -34.78
C THR E 107 14.28 29.06 -34.92
N GLU E 108 14.23 28.28 -33.83
CA GLU E 108 14.64 26.88 -33.92
C GLU E 108 13.61 26.05 -34.67
N GLY E 109 12.33 26.26 -34.36
CA GLY E 109 11.28 25.59 -35.12
C GLY E 109 11.27 26.00 -36.58
N ALA E 110 11.53 27.29 -36.85
CA ALA E 110 11.58 27.76 -38.23
C ALA E 110 12.74 27.13 -38.98
N GLU E 111 13.87 26.93 -38.31
CA GLU E 111 15.02 26.30 -38.94
C GLU E 111 14.80 24.80 -39.16
N LEU E 112 14.12 24.12 -38.25
CA LEU E 112 13.93 22.68 -38.40
C LEU E 112 12.74 22.33 -39.31
N VAL E 113 11.76 23.22 -39.43
CA VAL E 113 10.54 22.90 -40.17
C VAL E 113 10.81 22.67 -41.64
N ASP E 114 11.90 23.22 -42.17
CA ASP E 114 12.24 22.95 -43.57
C ASP E 114 12.50 21.46 -43.78
N ASN E 115 13.38 20.88 -42.96
CA ASN E 115 13.62 19.44 -43.05
C ASN E 115 12.39 18.65 -42.68
N VAL E 116 11.63 19.12 -41.68
CA VAL E 116 10.43 18.39 -41.27
C VAL E 116 9.44 18.31 -42.43
N LEU E 117 9.18 19.43 -43.08
CA LEU E 117 8.25 19.45 -44.20
C LEU E 117 8.81 18.66 -45.38
N ASP E 118 10.12 18.71 -45.59
CA ASP E 118 10.71 17.94 -46.69
C ASP E 118 10.47 16.44 -46.50
N VAL E 119 10.76 15.93 -45.31
CA VAL E 119 10.57 14.50 -45.07
C VAL E 119 9.09 14.14 -45.08
N VAL E 120 8.24 15.03 -44.54
CA VAL E 120 6.80 14.77 -44.55
C VAL E 120 6.27 14.69 -45.97
N ARG E 121 6.71 15.62 -46.83
CA ARG E 121 6.28 15.61 -48.22
C ARG E 121 6.81 14.39 -48.96
N LYS E 122 8.06 14.00 -48.67
CA LYS E 122 8.61 12.80 -49.29
C LYS E 122 7.80 11.56 -48.92
N GLU E 123 7.41 11.46 -47.65
CA GLU E 123 6.56 10.35 -47.23
C GLU E 123 5.18 10.44 -47.89
N ALA E 124 4.63 11.65 -47.98
CA ALA E 124 3.27 11.82 -48.51
C ALA E 124 3.19 11.46 -49.99
N GLU E 125 4.20 11.85 -50.77
CA GLU E 125 4.17 11.58 -52.20
C GLU E 125 4.25 10.09 -52.50
N SER E 126 4.71 9.28 -51.54
CA SER E 126 4.84 7.85 -51.76
C SER E 126 3.54 7.09 -51.56
N THR E 127 2.48 7.74 -51.09
CA THR E 127 1.24 7.04 -50.82
C THR E 127 0.43 6.85 -52.11
N ASP E 128 -0.60 6.01 -52.02
CA ASP E 128 -1.52 5.85 -53.13
C ASP E 128 -2.59 6.95 -53.10
N CYS E 129 -3.18 7.18 -51.94
CA CYS E 129 -4.14 8.27 -51.76
C CYS E 129 -4.12 8.65 -50.29
N LEU E 130 -3.54 9.80 -49.98
CA LEU E 130 -3.32 10.21 -48.59
C LEU E 130 -4.66 10.59 -47.96
N GLN E 131 -5.14 9.75 -47.04
CA GLN E 131 -6.40 10.05 -46.36
C GLN E 131 -6.27 11.29 -45.49
N GLY E 132 -5.18 11.41 -44.75
CA GLY E 132 -5.00 12.56 -43.89
C GLY E 132 -3.75 12.43 -43.03
N PHE E 133 -3.61 13.41 -42.14
CA PHE E 133 -2.47 13.52 -41.23
C PHE E 133 -2.94 13.33 -39.80
N GLN E 134 -2.13 12.61 -39.02
CA GLN E 134 -2.33 12.51 -37.58
C GLN E 134 -1.04 12.88 -36.88
N LEU E 135 -1.14 13.62 -35.78
CA LEU E 135 0.03 14.12 -35.07
C LEU E 135 -0.17 13.98 -33.58
N THR E 136 0.89 13.59 -32.88
CA THR E 136 0.88 13.43 -31.44
C THR E 136 1.78 14.47 -30.80
N HIS E 137 1.24 15.22 -29.85
CA HIS E 137 1.96 16.32 -29.23
C HIS E 137 1.31 16.66 -27.90
N SER E 138 1.97 17.54 -27.14
CA SER E 138 1.47 17.99 -25.85
C SER E 138 1.43 19.51 -25.83
N LEU E 139 0.30 20.05 -25.34
CA LEU E 139 0.16 21.50 -25.30
C LEU E 139 0.99 22.14 -24.21
N GLY E 140 1.25 21.41 -23.12
CA GLY E 140 1.96 21.98 -21.99
C GLY E 140 3.41 22.34 -22.28
N GLY E 141 4.11 21.54 -23.06
CA GLY E 141 5.50 21.79 -23.32
C GLY E 141 5.72 22.93 -24.30
N GLY E 142 6.99 23.25 -24.51
CA GLY E 142 7.34 24.29 -25.47
C GLY E 142 7.65 23.75 -26.84
N THR E 143 8.56 22.77 -26.91
CA THR E 143 8.95 22.20 -28.20
C THR E 143 7.75 21.60 -28.91
N GLY E 144 7.02 20.72 -28.24
CA GLY E 144 5.87 20.07 -28.83
C GLY E 144 4.82 21.06 -29.28
N SER E 145 4.45 22.01 -28.43
CA SER E 145 3.37 22.95 -28.81
C SER E 145 3.84 23.82 -29.97
N GLY E 146 5.01 24.43 -29.88
CA GLY E 146 5.41 25.32 -30.97
C GLY E 146 5.58 24.59 -32.28
N MET E 147 6.25 23.44 -32.26
CA MET E 147 6.47 22.69 -33.48
C MET E 147 5.16 22.17 -34.04
N GLY E 148 4.24 21.73 -33.16
CA GLY E 148 2.95 21.28 -33.65
C GLY E 148 2.16 22.39 -34.30
N THR E 149 2.15 23.58 -33.70
CA THR E 149 1.43 24.70 -34.31
C THR E 149 2.02 25.06 -35.66
N LEU E 150 3.36 25.20 -35.71
CA LEU E 150 3.99 25.57 -36.96
C LEU E 150 3.76 24.52 -38.04
N LEU E 151 3.92 23.25 -37.69
CA LEU E 151 3.79 22.18 -38.68
C LEU E 151 2.34 22.03 -39.14
N ILE E 152 1.37 22.19 -38.24
CA ILE E 152 -0.03 22.05 -38.64
C ILE E 152 -0.42 23.21 -39.54
N SER E 153 0.08 24.41 -39.25
CA SER E 153 -0.17 25.54 -40.14
C SER E 153 0.43 25.28 -41.51
N LYS E 154 1.67 24.78 -41.54
CA LYS E 154 2.33 24.51 -42.83
C LYS E 154 1.60 23.43 -43.62
N ILE E 155 1.15 22.38 -42.94
CA ILE E 155 0.47 21.29 -43.64
C ILE E 155 -0.91 21.75 -44.13
N ARG E 156 -1.61 22.56 -43.34
CA ARG E 156 -2.88 23.11 -43.80
C ARG E 156 -2.68 23.99 -45.02
N GLU E 157 -1.60 24.77 -45.03
CA GLU E 157 -1.28 25.56 -46.22
C GLU E 157 -0.98 24.66 -47.42
N GLU E 158 -0.27 23.55 -47.18
CA GLU E 158 0.13 22.68 -48.28
C GLU E 158 -0.95 21.67 -48.64
N TYR E 159 -1.81 21.28 -47.69
CA TYR E 159 -2.85 20.28 -47.92
C TYR E 159 -4.18 20.86 -47.47
N PRO E 160 -4.81 21.69 -48.30
CA PRO E 160 -6.04 22.37 -47.88
C PRO E 160 -7.26 21.47 -47.80
N ASP E 161 -7.17 20.22 -48.23
CA ASP E 161 -8.34 19.35 -48.30
C ASP E 161 -8.27 18.12 -47.40
N ARG E 162 -7.08 17.64 -47.08
CA ARG E 162 -6.97 16.39 -46.32
C ARG E 162 -7.38 16.58 -44.87
N ILE E 163 -7.77 15.48 -44.23
CA ILE E 163 -8.13 15.52 -42.82
C ILE E 163 -6.89 15.66 -41.97
N MET E 164 -6.95 16.54 -40.98
CA MET E 164 -5.87 16.69 -40.00
C MET E 164 -6.45 16.50 -38.60
N ASN E 165 -6.03 15.44 -37.93
CA ASN E 165 -6.39 15.22 -36.55
C ASN E 165 -5.12 15.22 -35.69
N THR E 166 -5.21 15.85 -34.53
CA THR E 166 -4.10 15.92 -33.59
C THR E 166 -4.53 15.32 -32.27
N PHE E 167 -3.69 14.46 -31.72
CA PHE E 167 -3.93 13.83 -30.43
C PHE E 167 -3.08 14.58 -29.41
N SER E 168 -3.62 15.68 -28.90
CA SER E 168 -2.89 16.57 -28.01
C SER E 168 -3.19 16.23 -26.56
N VAL E 169 -2.18 16.44 -25.71
CA VAL E 169 -2.31 16.24 -24.27
C VAL E 169 -2.52 17.63 -23.66
N VAL E 170 -3.72 17.86 -23.15
CA VAL E 170 -4.08 19.16 -22.59
C VAL E 170 -3.61 19.23 -21.14
N PRO E 171 -2.79 20.21 -20.78
CA PRO E 171 -2.36 20.34 -19.39
C PRO E 171 -3.51 20.71 -18.47
N SER E 172 -3.41 20.24 -17.23
CA SER E 172 -4.38 20.54 -16.19
C SER E 172 -3.66 21.01 -14.94
N PRO E 173 -4.32 21.86 -14.13
CA PRO E 173 -3.63 22.39 -12.93
C PRO E 173 -3.23 21.33 -11.92
N LYS E 174 -4.01 20.25 -11.80
CA LYS E 174 -3.76 19.27 -10.75
C LYS E 174 -2.44 18.55 -10.96
N VAL E 175 -2.11 18.20 -12.19
CA VAL E 175 -0.87 17.48 -12.48
C VAL E 175 0.09 18.41 -13.23
N SER E 176 -0.03 19.71 -12.99
CA SER E 176 0.85 20.67 -13.64
C SER E 176 2.29 20.46 -13.21
N ASP E 177 3.20 20.54 -14.18
CA ASP E 177 4.63 20.38 -13.92
C ASP E 177 5.50 21.46 -14.55
N THR E 178 4.95 22.34 -15.39
CA THR E 178 5.69 23.41 -16.01
C THR E 178 5.09 24.74 -15.60
N VAL E 179 5.96 25.69 -15.24
CA VAL E 179 5.48 26.99 -14.78
C VAL E 179 4.83 27.76 -15.92
N VAL E 180 5.39 27.67 -17.12
CA VAL E 180 4.99 28.51 -18.23
C VAL E 180 4.07 27.76 -19.20
N GLU E 181 3.59 26.58 -18.81
CA GLU E 181 2.77 25.78 -19.72
C GLU E 181 1.44 26.42 -20.10
N PRO E 182 0.77 27.21 -19.24
CA PRO E 182 -0.44 27.89 -19.73
C PRO E 182 -0.19 28.81 -20.90
N TYR E 183 0.98 29.48 -20.93
CA TYR E 183 1.31 30.31 -22.08
C TYR E 183 1.39 29.48 -23.35
N ASN E 184 2.05 28.32 -23.27
CA ASN E 184 2.16 27.45 -24.44
C ASN E 184 0.79 26.96 -24.89
N ALA E 185 -0.07 26.59 -23.93
CA ALA E 185 -1.41 26.12 -24.29
C ALA E 185 -2.21 27.24 -24.95
N THR E 186 -2.12 28.46 -24.42
CA THR E 186 -2.83 29.57 -25.02
C THR E 186 -2.34 29.87 -26.42
N LEU E 187 -1.02 29.76 -26.64
CA LEU E 187 -0.48 30.00 -27.97
C LEU E 187 -0.78 28.87 -28.94
N SER E 188 -1.05 27.67 -28.44
CA SER E 188 -1.31 26.55 -29.34
C SER E 188 -2.77 26.35 -29.68
N VAL E 189 -3.69 26.64 -28.75
CA VAL E 189 -5.10 26.47 -29.04
C VAL E 189 -5.53 27.37 -30.19
N HIS E 190 -4.87 28.51 -30.36
CA HIS E 190 -5.19 29.38 -31.50
C HIS E 190 -5.01 28.65 -32.82
N GLN E 191 -3.83 28.05 -33.03
CA GLN E 191 -3.59 27.35 -34.29
C GLN E 191 -4.42 26.08 -34.38
N LEU E 192 -4.66 25.41 -33.25
CA LEU E 192 -5.49 24.22 -33.27
C LEU E 192 -6.90 24.55 -33.75
N VAL E 193 -7.48 25.64 -33.25
CA VAL E 193 -8.78 26.09 -33.73
C VAL E 193 -8.70 26.47 -35.20
N GLU E 194 -7.63 27.14 -35.60
CA GLU E 194 -7.54 27.65 -36.97
C GLU E 194 -7.49 26.51 -37.99
N ASN E 195 -6.60 25.54 -37.79
CA ASN E 195 -6.21 24.66 -38.88
C ASN E 195 -6.15 23.20 -38.45
N THR E 196 -7.17 22.71 -37.74
CA THR E 196 -7.21 21.27 -37.39
C THR E 196 -8.64 20.76 -37.49
N ASP E 197 -8.86 19.71 -38.26
CA ASP E 197 -10.19 19.15 -38.45
C ASP E 197 -10.74 18.52 -37.18
N SER E 198 -9.86 18.04 -36.29
CA SER E 198 -10.29 17.43 -35.05
C SER E 198 -9.12 17.31 -34.08
N THR E 199 -9.29 17.78 -32.85
CA THR E 199 -8.26 17.72 -31.83
C THR E 199 -8.80 16.96 -30.63
N PHE E 200 -8.14 15.87 -30.27
CA PHE E 200 -8.58 15.01 -29.18
C PHE E 200 -7.86 15.44 -27.90
N CYS E 201 -8.60 16.02 -26.96
CA CYS E 201 -8.02 16.51 -25.73
C CYS E 201 -7.75 15.35 -24.77
N ILE E 202 -6.56 15.32 -24.20
CA ILE E 202 -6.16 14.29 -23.24
C ILE E 202 -5.60 15.00 -22.00
N ASP E 203 -6.06 14.59 -20.83
CA ASP E 203 -5.60 15.14 -19.56
C ASP E 203 -4.91 14.04 -18.77
N ASN E 204 -3.68 14.33 -18.30
CA ASN E 204 -2.95 13.36 -17.50
C ASN E 204 -3.65 13.10 -16.17
N GLU E 205 -4.30 14.12 -15.60
CA GLU E 205 -5.01 13.94 -14.35
C GLU E 205 -6.12 12.92 -14.49
N ALA E 206 -6.89 13.01 -15.58
CA ALA E 206 -7.98 12.07 -15.81
C ALA E 206 -7.45 10.67 -16.02
N LEU E 207 -6.35 10.52 -16.76
CA LEU E 207 -5.77 9.20 -16.96
C LEU E 207 -5.30 8.59 -15.65
N TYR E 208 -4.65 9.40 -14.80
CA TYR E 208 -4.22 8.91 -13.49
C TYR E 208 -5.42 8.51 -12.64
N ASP E 209 -6.49 9.31 -12.68
CA ASP E 209 -7.68 9.00 -11.91
C ASP E 209 -8.31 7.69 -12.38
N ILE E 210 -8.37 7.48 -13.70
CA ILE E 210 -8.91 6.23 -14.23
C ILE E 210 -8.05 5.05 -13.79
N CYS E 211 -6.73 5.19 -13.91
CA CYS E 211 -5.83 4.11 -13.54
C CYS E 211 -5.95 3.78 -12.05
N PHE E 212 -6.15 4.80 -11.22
CA PHE E 212 -6.26 4.57 -9.79
C PHE E 212 -7.61 3.96 -9.40
N ARG E 213 -8.70 4.42 -10.02
CA ARG E 213 -10.03 4.00 -9.60
C ARG E 213 -10.49 2.74 -10.34
N THR E 214 -10.60 2.81 -11.66
CA THR E 214 -11.14 1.69 -12.42
C THR E 214 -10.10 0.59 -12.59
N LEU E 215 -8.91 0.95 -13.03
CA LEU E 215 -7.86 -0.04 -13.24
C LEU E 215 -7.31 -0.58 -11.93
N LYS E 216 -7.39 0.21 -10.85
CA LYS E 216 -6.84 -0.15 -9.55
C LYS E 216 -5.36 -0.50 -9.66
N LEU E 217 -4.63 0.26 -10.47
CA LEU E 217 -3.19 0.06 -10.58
C LEU E 217 -2.50 0.50 -9.29
N THR E 218 -1.52 -0.30 -8.86
CA THR E 218 -0.79 0.02 -7.63
C THR E 218 -0.01 1.32 -7.78
N THR E 219 0.66 1.49 -8.92
CA THR E 219 1.47 2.68 -9.16
C THR E 219 1.62 2.92 -10.66
N PRO E 220 0.69 3.67 -11.24
CA PRO E 220 0.71 3.88 -12.70
C PRO E 220 1.96 4.65 -13.14
N THR E 221 2.42 4.30 -14.33
CA THR E 221 3.56 4.96 -14.97
C THR E 221 3.12 5.58 -16.29
N TYR E 222 4.05 6.33 -16.90
CA TYR E 222 3.77 6.94 -18.20
C TYR E 222 3.51 5.88 -19.27
N GLY E 223 4.09 4.70 -19.11
CA GLY E 223 3.82 3.63 -20.05
C GLY E 223 2.35 3.24 -20.09
N ASP E 224 1.71 3.17 -18.92
CA ASP E 224 0.30 2.80 -18.87
C ASP E 224 -0.58 3.86 -19.52
N LEU E 225 -0.30 5.13 -19.25
CA LEU E 225 -1.08 6.20 -19.86
C LEU E 225 -0.90 6.20 -21.37
N ASN E 226 0.34 6.03 -21.83
CA ASN E 226 0.60 5.95 -23.27
C ASN E 226 -0.11 4.75 -23.88
N HIS E 227 -0.17 3.63 -23.16
CA HIS E 227 -0.88 2.46 -23.66
C HIS E 227 -2.37 2.73 -23.78
N LEU E 228 -2.96 3.43 -22.80
CA LEU E 228 -4.37 3.77 -22.89
C LEU E 228 -4.64 4.67 -24.09
N VAL E 229 -3.82 5.69 -24.27
CA VAL E 229 -3.99 6.59 -25.41
C VAL E 229 -3.82 5.84 -26.72
N SER E 230 -2.85 4.93 -26.77
CA SER E 230 -2.59 4.15 -27.98
C SER E 230 -3.78 3.25 -28.30
N ALA E 231 -4.34 2.60 -27.29
CA ALA E 231 -5.51 1.75 -27.51
C ALA E 231 -6.68 2.57 -28.04
N THR E 232 -6.90 3.75 -27.46
CA THR E 232 -7.99 4.60 -27.95
C THR E 232 -7.75 5.04 -29.38
N MET E 233 -6.52 5.43 -29.71
CA MET E 233 -6.20 5.85 -31.07
C MET E 233 -6.39 4.71 -32.07
N SER E 234 -5.95 3.51 -31.70
CA SER E 234 -6.16 2.35 -32.56
C SER E 234 -7.64 2.06 -32.75
N GLY E 235 -8.42 2.18 -31.67
CA GLY E 235 -9.86 1.97 -31.79
C GLY E 235 -10.52 2.98 -32.70
N VAL E 236 -10.02 4.21 -32.71
CA VAL E 236 -10.63 5.26 -33.54
C VAL E 236 -10.53 4.91 -35.02
N THR E 237 -9.37 4.42 -35.45
CA THR E 237 -9.11 4.18 -36.86
C THR E 237 -9.24 2.71 -37.24
N THR E 238 -10.07 1.96 -36.53
CA THR E 238 -10.20 0.53 -36.82
C THR E 238 -11.02 0.28 -38.08
N CYS E 239 -11.82 1.25 -38.51
CA CYS E 239 -12.64 1.05 -39.71
C CYS E 239 -11.79 1.02 -40.97
N LEU E 240 -10.69 1.76 -40.98
CA LEU E 240 -9.84 1.79 -42.17
C LEU E 240 -9.07 0.50 -42.38
N ARG E 241 -8.73 -0.21 -41.31
CA ARG E 241 -7.85 -1.36 -41.40
C ARG E 241 -8.57 -2.70 -41.40
N PHE E 242 -9.80 -2.77 -40.91
CA PHE E 242 -10.50 -4.04 -40.78
C PHE E 242 -11.95 -3.85 -41.21
N PRO E 243 -12.56 -4.91 -41.73
CA PRO E 243 -13.96 -4.81 -42.15
C PRO E 243 -14.89 -4.74 -40.95
N GLY E 244 -16.13 -4.37 -41.23
CA GLY E 244 -17.14 -4.29 -40.19
C GLY E 244 -18.52 -4.15 -40.78
N GLN E 245 -19.52 -4.34 -39.92
CA GLN E 245 -20.91 -4.19 -40.36
C GLN E 245 -21.22 -2.76 -40.78
N LEU E 246 -20.72 -1.77 -40.03
CA LEU E 246 -20.93 -0.37 -40.34
C LEU E 246 -19.58 0.33 -40.33
N ASN E 247 -19.10 0.73 -41.50
CA ASN E 247 -17.81 1.39 -41.60
C ASN E 247 -17.94 2.87 -41.27
N ALA E 248 -17.01 3.36 -40.45
CA ALA E 248 -16.98 4.78 -40.08
C ALA E 248 -15.52 5.21 -40.05
N ASP E 249 -15.03 5.71 -41.17
CA ASP E 249 -13.65 6.15 -41.29
C ASP E 249 -13.51 7.57 -40.76
N LEU E 250 -12.34 8.18 -40.99
CA LEU E 250 -12.07 9.51 -40.44
C LEU E 250 -13.01 10.55 -41.02
N ARG E 251 -13.26 10.49 -42.33
CA ARG E 251 -14.07 11.53 -42.97
C ARG E 251 -15.52 11.46 -42.51
N LYS E 252 -16.09 10.25 -42.47
CA LYS E 252 -17.47 10.11 -42.03
C LYS E 252 -17.64 10.56 -40.57
N LEU E 253 -16.70 10.18 -39.71
CA LEU E 253 -16.73 10.64 -38.34
C LEU E 253 -16.65 12.16 -38.27
N ALA E 254 -15.71 12.75 -39.01
CA ALA E 254 -15.54 14.20 -38.97
C ALA E 254 -16.82 14.91 -39.42
N VAL E 255 -17.48 14.37 -40.45
CA VAL E 255 -18.75 14.94 -40.88
C VAL E 255 -19.81 14.81 -39.79
N ASN E 256 -19.87 13.65 -39.14
CA ASN E 256 -20.96 13.38 -38.21
C ASN E 256 -20.77 14.01 -36.84
N MET E 257 -19.56 14.45 -36.49
CA MET E 257 -19.33 15.04 -35.17
C MET E 257 -19.50 16.56 -35.16
N VAL E 258 -18.72 17.29 -35.94
CA VAL E 258 -18.68 18.74 -35.81
C VAL E 258 -19.96 19.35 -36.37
N PRO E 259 -20.66 20.17 -35.59
CA PRO E 259 -21.80 20.92 -36.14
C PRO E 259 -21.32 22.14 -36.91
N PHE E 260 -20.22 22.72 -36.46
CA PHE E 260 -19.66 23.93 -37.04
C PHE E 260 -18.16 23.73 -37.23
N PRO E 261 -17.56 24.42 -38.20
CA PRO E 261 -16.17 24.11 -38.57
C PRO E 261 -15.17 24.25 -37.43
N ARG E 262 -15.34 25.24 -36.55
CA ARG E 262 -14.34 25.49 -35.53
C ARG E 262 -14.58 24.73 -34.23
N LEU E 263 -15.73 24.07 -34.08
CA LEU E 263 -16.01 23.26 -32.90
C LEU E 263 -15.56 21.82 -33.15
N HIS E 264 -14.24 21.63 -33.09
CA HIS E 264 -13.62 20.37 -33.48
C HIS E 264 -12.69 19.86 -32.40
N PHE E 265 -13.17 19.86 -31.15
CA PHE E 265 -12.41 19.36 -30.02
C PHE E 265 -13.18 18.24 -29.36
N PHE E 266 -12.67 17.02 -29.46
CA PHE E 266 -13.38 15.84 -28.99
C PHE E 266 -12.73 15.30 -27.72
N MET E 267 -13.51 14.50 -27.00
CA MET E 267 -13.10 13.95 -25.70
C MET E 267 -13.29 12.45 -25.71
N PRO E 268 -12.20 11.68 -25.78
CA PRO E 268 -12.33 10.23 -26.06
C PRO E 268 -12.55 9.38 -24.83
N GLY E 269 -12.69 8.07 -25.04
CA GLY E 269 -12.88 7.13 -23.95
C GLY E 269 -12.77 5.72 -24.49
N PHE E 270 -12.55 4.78 -23.57
CA PHE E 270 -12.37 3.37 -23.92
C PHE E 270 -13.12 2.49 -22.94
N ALA E 271 -13.81 1.48 -23.47
CA ALA E 271 -14.75 0.66 -22.70
C ALA E 271 -14.11 -0.42 -21.81
N PRO E 272 -13.36 -1.39 -22.37
CA PRO E 272 -13.14 -2.64 -21.62
C PRO E 272 -12.14 -2.53 -20.49
N LEU E 273 -11.82 -1.31 -20.05
CA LEU E 273 -10.93 -1.12 -18.91
C LEU E 273 -11.49 -1.79 -17.67
N THR E 274 -10.81 -2.84 -17.21
CA THR E 274 -11.27 -3.63 -16.07
C THR E 274 -10.08 -3.99 -15.19
N SER E 275 -10.31 -4.00 -13.88
CA SER E 275 -9.24 -4.31 -12.92
C SER E 275 -8.80 -5.76 -13.07
N ARG E 276 -7.74 -6.15 -12.36
CA ARG E 276 -7.23 -7.52 -12.53
C ARG E 276 -8.26 -8.50 -12.02
N SER E 277 -8.76 -8.27 -10.80
CA SER E 277 -9.64 -9.28 -10.24
C SER E 277 -10.95 -9.35 -11.00
N ASN E 278 -11.50 -8.19 -11.40
CA ASN E 278 -12.81 -8.16 -12.03
C ASN E 278 -12.80 -8.66 -13.47
N GLN E 279 -11.61 -8.88 -14.04
CA GLN E 279 -11.55 -9.31 -15.44
C GLN E 279 -12.25 -10.64 -15.64
N GLN E 280 -12.01 -11.61 -14.75
CA GLN E 280 -12.61 -12.93 -14.88
C GLN E 280 -14.05 -12.98 -14.41
N TYR E 281 -14.52 -11.94 -13.70
CA TYR E 281 -15.88 -12.01 -13.09
C TYR E 281 -16.83 -10.93 -13.61
N ARG E 282 -16.46 -10.27 -14.69
CA ARG E 282 -17.31 -9.26 -15.31
C ARG E 282 -17.84 -9.80 -16.62
N ALA E 283 -19.16 -9.86 -16.76
CA ALA E 283 -19.80 -10.32 -17.98
C ALA E 283 -19.76 -9.18 -18.99
N ILE E 284 -18.70 -9.16 -19.80
CA ILE E 284 -18.52 -8.09 -20.78
C ILE E 284 -19.62 -8.20 -21.82
N THR E 285 -20.51 -7.20 -21.85
CA THR E 285 -21.62 -7.19 -22.78
C THR E 285 -21.74 -5.79 -23.37
N VAL E 286 -22.45 -5.70 -24.49
CA VAL E 286 -22.71 -4.41 -25.12
C VAL E 286 -23.34 -3.41 -24.15
N PRO E 287 -24.36 -3.76 -23.36
CA PRO E 287 -24.83 -2.81 -22.34
C PRO E 287 -23.73 -2.39 -21.37
N GLU E 288 -22.91 -3.32 -20.91
CA GLU E 288 -21.81 -2.96 -20.02
C GLU E 288 -20.81 -2.04 -20.72
N LEU E 289 -20.50 -2.36 -21.98
CA LEU E 289 -19.55 -1.56 -22.73
C LEU E 289 -20.04 -0.12 -22.88
N THR E 290 -21.31 0.05 -23.26
CA THR E 290 -21.81 1.41 -23.45
C THR E 290 -22.00 2.13 -22.12
N GLN E 291 -22.35 1.39 -21.06
CA GLN E 291 -22.46 2.01 -19.74
C GLN E 291 -21.12 2.58 -19.29
N GLN E 292 -20.04 1.82 -19.50
CA GLN E 292 -18.74 2.32 -19.07
C GLN E 292 -18.21 3.37 -20.05
N CYS E 293 -18.60 3.31 -21.32
CA CYS E 293 -18.25 4.37 -22.26
C CYS E 293 -18.86 5.70 -21.83
N PHE E 294 -20.13 5.69 -21.45
CA PHE E 294 -20.79 6.92 -21.02
C PHE E 294 -20.56 7.23 -19.55
N ASP E 295 -19.79 6.40 -18.84
CA ASP E 295 -19.45 6.70 -17.45
C ASP E 295 -18.55 7.93 -17.40
N ALA E 296 -18.82 8.80 -16.43
CA ALA E 296 -18.03 10.02 -16.29
C ALA E 296 -16.58 9.70 -15.93
N LYS E 297 -16.38 8.70 -15.06
CA LYS E 297 -15.03 8.39 -14.61
C LYS E 297 -14.15 7.90 -15.76
N ASN E 298 -14.70 7.04 -16.62
CA ASN E 298 -13.92 6.48 -17.72
C ASN E 298 -13.47 7.54 -18.72
N MET E 299 -14.10 8.71 -18.69
CA MET E 299 -13.79 9.76 -19.65
C MET E 299 -12.43 10.37 -19.34
N MET E 300 -11.65 10.65 -20.39
CA MET E 300 -10.26 11.08 -20.25
C MET E 300 -10.11 12.59 -20.16
N ALA E 301 -11.21 13.32 -20.02
CA ALA E 301 -11.16 14.76 -19.79
C ALA E 301 -11.49 15.02 -18.32
N ALA E 302 -10.62 15.79 -17.65
CA ALA E 302 -10.84 16.09 -16.25
C ALA E 302 -12.15 16.84 -16.02
N CYS E 303 -12.67 17.52 -17.04
CA CYS E 303 -13.97 18.17 -16.93
C CYS E 303 -15.07 17.12 -16.79
N ASP E 304 -16.03 17.40 -15.93
CA ASP E 304 -17.16 16.49 -15.74
C ASP E 304 -18.09 16.59 -16.94
N PRO E 305 -18.40 15.46 -17.61
CA PRO E 305 -19.34 15.53 -18.73
C PRO E 305 -20.71 16.03 -18.34
N ARG E 306 -21.15 15.77 -17.11
CA ARG E 306 -22.45 16.25 -16.66
C ARG E 306 -22.48 17.77 -16.54
N HIS E 307 -21.33 18.42 -16.46
CA HIS E 307 -21.27 19.88 -16.43
C HIS E 307 -21.35 20.43 -17.85
N GLY E 308 -22.34 20.00 -18.60
CA GLY E 308 -22.48 20.42 -19.99
C GLY E 308 -23.47 19.53 -20.71
N ARG E 309 -23.54 19.71 -22.02
CA ARG E 309 -24.45 18.94 -22.85
C ARG E 309 -23.69 18.40 -24.06
N TYR E 310 -23.94 17.13 -24.38
CA TYR E 310 -23.30 16.49 -25.53
C TYR E 310 -23.90 17.03 -26.82
N LEU E 311 -23.05 17.59 -27.69
CA LEU E 311 -23.52 17.94 -29.03
C LEU E 311 -23.66 16.69 -29.89
N THR E 312 -22.55 16.00 -30.13
CA THR E 312 -22.53 14.75 -30.88
C THR E 312 -21.59 13.78 -30.20
N ALA E 313 -21.97 12.51 -30.17
CA ALA E 313 -21.18 11.46 -29.54
C ALA E 313 -21.11 10.26 -30.47
N ALA E 314 -19.93 9.66 -30.59
CA ALA E 314 -19.70 8.50 -31.44
C ALA E 314 -19.08 7.38 -30.60
N ALA E 315 -19.62 6.18 -30.73
CA ALA E 315 -19.07 4.99 -30.10
C ALA E 315 -18.71 4.00 -31.18
N ILE E 316 -17.44 3.62 -31.24
CA ILE E 316 -16.93 2.69 -32.24
C ILE E 316 -16.69 1.36 -31.56
N PHE E 317 -17.37 0.32 -32.03
CA PHE E 317 -17.28 -1.01 -31.44
C PHE E 317 -16.41 -1.91 -32.29
N ARG E 318 -15.80 -2.90 -31.64
CA ARG E 318 -14.96 -3.88 -32.31
C ARG E 318 -15.42 -5.27 -31.90
N GLY E 319 -15.47 -6.18 -32.87
CA GLY E 319 -15.88 -7.55 -32.63
C GLY E 319 -17.29 -7.82 -33.13
N ARG E 320 -17.65 -9.10 -33.11
CA ARG E 320 -18.95 -9.53 -33.60
C ARG E 320 -20.03 -9.22 -32.57
N MET E 321 -21.10 -8.55 -33.03
CA MET E 321 -22.21 -8.17 -32.17
C MET E 321 -23.38 -7.73 -33.04
N SER E 322 -24.59 -8.03 -32.60
CA SER E 322 -25.78 -7.70 -33.38
C SER E 322 -26.00 -6.20 -33.41
N MET E 323 -26.43 -5.70 -34.57
CA MET E 323 -26.67 -4.26 -34.73
C MET E 323 -27.79 -3.78 -33.81
N LYS E 324 -28.87 -4.58 -33.69
CA LYS E 324 -30.00 -4.17 -32.87
C LYS E 324 -29.60 -4.02 -31.40
N GLU E 325 -28.72 -4.90 -30.92
CA GLU E 325 -28.26 -4.81 -29.54
C GLU E 325 -27.54 -3.48 -29.29
N VAL E 326 -26.85 -2.95 -30.28
CA VAL E 326 -26.18 -1.66 -30.13
C VAL E 326 -27.16 -0.51 -30.27
N ASP E 327 -28.07 -0.60 -31.25
CA ASP E 327 -29.03 0.49 -31.46
C ASP E 327 -29.95 0.67 -30.26
N GLU E 328 -30.43 -0.43 -29.68
CA GLU E 328 -31.28 -0.33 -28.50
C GLU E 328 -30.54 0.29 -27.34
N GLN E 329 -29.26 -0.08 -27.16
CA GLN E 329 -28.47 0.52 -26.10
C GLN E 329 -28.28 2.02 -26.32
N MET E 330 -28.04 2.43 -27.57
CA MET E 330 -27.90 3.86 -27.85
C MET E 330 -29.20 4.61 -27.56
N LEU E 331 -30.34 4.03 -27.95
CA LEU E 331 -31.61 4.67 -27.65
C LEU E 331 -31.84 4.76 -26.14
N ASN E 332 -31.49 3.70 -25.42
CA ASN E 332 -31.65 3.72 -23.96
C ASN E 332 -30.78 4.81 -23.33
N ILE E 333 -29.54 4.95 -23.83
CA ILE E 333 -28.65 5.98 -23.30
C ILE E 333 -29.20 7.36 -23.59
N GLN E 334 -29.68 7.57 -24.81
CA GLN E 334 -30.20 8.89 -25.18
C GLN E 334 -31.49 9.21 -24.45
N ASN E 335 -32.25 8.18 -24.04
CA ASN E 335 -33.49 8.44 -23.32
C ASN E 335 -33.24 8.70 -21.84
N LYS E 336 -32.45 7.84 -21.20
CA LYS E 336 -32.19 8.00 -19.78
C LYS E 336 -31.43 9.30 -19.49
N ASN E 337 -30.43 9.61 -20.32
CA ASN E 337 -29.60 10.79 -20.13
C ASN E 337 -29.94 11.90 -21.11
N SER E 338 -31.23 12.08 -21.40
CA SER E 338 -31.65 13.08 -22.38
C SER E 338 -31.22 14.48 -21.98
N SER E 339 -31.13 14.75 -20.67
CA SER E 339 -30.71 16.07 -20.22
C SER E 339 -29.26 16.38 -20.58
N TYR E 340 -28.45 15.36 -20.87
CA TYR E 340 -27.05 15.54 -21.21
C TYR E 340 -26.81 15.70 -22.70
N PHE E 341 -27.85 15.61 -23.52
CA PHE E 341 -27.74 15.75 -24.96
C PHE E 341 -28.54 16.95 -25.42
N VAL E 342 -28.01 17.66 -26.42
CA VAL E 342 -28.68 18.86 -26.92
C VAL E 342 -29.90 18.47 -27.73
N ASP E 343 -30.99 19.22 -27.57
CA ASP E 343 -32.24 18.92 -28.25
C ASP E 343 -32.23 19.30 -29.72
N TRP E 344 -31.48 20.34 -30.09
CA TRP E 344 -31.56 20.86 -31.45
C TRP E 344 -30.95 19.91 -32.48
N ILE E 345 -30.25 18.87 -32.06
CA ILE E 345 -29.75 17.83 -32.96
C ILE E 345 -30.67 16.63 -32.83
N PRO E 346 -31.35 16.20 -33.91
CA PRO E 346 -32.34 15.11 -33.76
C PRO E 346 -31.75 13.80 -33.27
N ASN E 347 -30.53 13.47 -33.69
CA ASN E 347 -29.90 12.21 -33.29
C ASN E 347 -28.48 12.53 -32.83
N ASN E 348 -28.27 12.59 -31.52
CA ASN E 348 -27.00 13.02 -30.96
C ASN E 348 -25.93 11.95 -31.03
N VAL E 349 -26.31 10.70 -31.25
CA VAL E 349 -25.39 9.57 -31.11
C VAL E 349 -24.98 9.07 -32.48
N LYS E 350 -23.70 8.69 -32.60
CA LYS E 350 -23.16 8.03 -33.78
C LYS E 350 -22.65 6.65 -33.40
N THR E 351 -22.89 5.66 -34.26
CA THR E 351 -22.53 4.29 -33.98
C THR E 351 -21.59 3.76 -35.06
N ALA E 352 -20.79 2.76 -34.69
CA ALA E 352 -19.88 2.11 -35.61
C ALA E 352 -19.53 0.74 -35.05
N VAL E 353 -19.45 -0.25 -35.94
CA VAL E 353 -19.16 -1.63 -35.57
C VAL E 353 -18.06 -2.16 -36.46
N CYS E 354 -17.09 -2.84 -35.85
CA CYS E 354 -16.01 -3.49 -36.58
C CYS E 354 -15.97 -4.97 -36.19
N ASP E 355 -15.74 -5.82 -37.18
CA ASP E 355 -15.80 -7.26 -36.96
C ASP E 355 -14.58 -7.83 -36.26
N ILE E 356 -13.46 -7.12 -36.25
CA ILE E 356 -12.21 -7.66 -35.71
C ILE E 356 -11.88 -6.91 -34.42
N PRO E 357 -11.87 -7.59 -33.28
CA PRO E 357 -11.58 -6.91 -32.01
C PRO E 357 -10.09 -6.72 -31.84
N PRO E 358 -9.67 -5.96 -30.83
CA PRO E 358 -8.24 -5.90 -30.51
C PRO E 358 -7.72 -7.29 -30.12
N ARG E 359 -6.45 -7.53 -30.41
CA ARG E 359 -5.85 -8.83 -30.16
C ARG E 359 -5.95 -9.20 -28.67
N GLY E 360 -6.40 -10.42 -28.42
CA GLY E 360 -6.57 -10.89 -27.06
C GLY E 360 -7.80 -10.37 -26.35
N LEU E 361 -8.70 -9.68 -27.06
CA LEU E 361 -9.90 -9.11 -26.48
C LEU E 361 -11.12 -9.61 -27.23
N LYS E 362 -12.17 -9.98 -26.49
CA LYS E 362 -13.38 -10.50 -27.11
C LYS E 362 -14.09 -9.43 -27.93
N MET E 363 -14.28 -8.25 -27.34
CA MET E 363 -14.89 -7.13 -28.05
C MET E 363 -14.62 -5.86 -27.26
N SER E 364 -14.47 -4.74 -27.98
CA SER E 364 -14.11 -3.47 -27.37
C SER E 364 -14.96 -2.37 -27.97
N ALA E 365 -15.12 -1.29 -27.21
CA ALA E 365 -15.84 -0.11 -27.65
C ALA E 365 -15.01 1.14 -27.40
N THR E 366 -14.89 1.98 -28.41
CA THR E 366 -14.17 3.24 -28.33
C THR E 366 -15.16 4.39 -28.41
N PHE E 367 -15.13 5.26 -27.42
CA PHE E 367 -16.08 6.36 -27.32
C PHE E 367 -15.36 7.69 -27.51
N ILE E 368 -15.95 8.56 -28.32
CA ILE E 368 -15.52 9.94 -28.46
C ILE E 368 -16.74 10.84 -28.32
N GLY E 369 -16.64 11.88 -27.49
CA GLY E 369 -17.77 12.74 -27.25
C GLY E 369 -17.46 14.21 -27.43
N ASN E 370 -18.18 14.87 -28.33
CA ASN E 370 -18.03 16.31 -28.55
C ASN E 370 -19.06 17.02 -27.69
N SER E 371 -18.70 17.24 -26.43
CA SER E 371 -19.56 17.90 -25.46
C SER E 371 -19.03 19.28 -25.12
N THR E 372 -19.95 20.17 -24.73
CA THR E 372 -19.58 21.51 -24.31
C THR E 372 -18.78 21.51 -23.01
N ALA E 373 -18.71 20.37 -22.32
CA ALA E 373 -17.94 20.29 -21.08
C ALA E 373 -16.46 20.57 -21.30
N ILE E 374 -15.97 20.47 -22.53
CA ILE E 374 -14.57 20.77 -22.81
C ILE E 374 -14.24 22.22 -22.53
N GLN E 375 -15.24 23.09 -22.45
CA GLN E 375 -14.96 24.50 -22.22
C GLN E 375 -14.37 24.76 -20.84
N GLU E 376 -14.49 23.81 -19.91
CA GLU E 376 -13.92 24.01 -18.58
C GLU E 376 -12.40 24.04 -18.63
N LEU E 377 -11.79 23.17 -19.45
CA LEU E 377 -10.33 23.19 -19.60
C LEU E 377 -9.86 24.53 -20.16
N PHE E 378 -10.55 25.03 -21.19
CA PHE E 378 -10.18 26.31 -21.76
C PHE E 378 -10.42 27.44 -20.78
N LYS E 379 -11.46 27.34 -19.95
CA LYS E 379 -11.71 28.35 -18.94
C LYS E 379 -10.57 28.40 -17.93
N ARG E 380 -10.14 27.24 -17.46
CA ARG E 380 -9.01 27.20 -16.52
C ARG E 380 -7.74 27.73 -17.16
N ILE E 381 -7.48 27.35 -18.41
CA ILE E 381 -6.28 27.83 -19.10
C ILE E 381 -6.33 29.34 -19.25
N SER E 382 -7.49 29.89 -19.62
CA SER E 382 -7.63 31.32 -19.77
C SER E 382 -7.46 32.05 -18.45
N GLU E 383 -8.00 31.48 -17.37
CA GLU E 383 -7.83 32.09 -16.05
C GLU E 383 -6.36 32.15 -15.66
N GLN E 384 -5.63 31.03 -15.82
CA GLN E 384 -4.22 31.02 -15.50
C GLN E 384 -3.44 31.99 -16.39
N PHE E 385 -3.77 32.01 -17.68
CA PHE E 385 -3.06 32.90 -18.61
C PHE E 385 -3.29 34.36 -18.24
N THR E 386 -4.52 34.72 -17.90
CA THR E 386 -4.80 36.10 -17.51
C THR E 386 -4.09 36.44 -16.20
N ALA E 387 -4.07 35.51 -15.25
CA ALA E 387 -3.39 35.77 -13.99
C ALA E 387 -1.90 36.02 -14.20
N MET E 388 -1.28 35.25 -15.11
CA MET E 388 0.15 35.46 -15.36
C MET E 388 0.40 36.71 -16.21
N PHE E 389 -0.49 36.99 -17.16
CA PHE E 389 -0.29 38.12 -18.06
C PHE E 389 -0.58 39.46 -17.38
N ARG E 390 -1.36 39.44 -16.29
CA ARG E 390 -1.66 40.68 -15.59
C ARG E 390 -0.40 41.35 -15.06
N ARG E 391 0.56 40.56 -14.57
CA ARG E 391 1.80 41.08 -14.03
C ARG E 391 3.00 40.79 -14.92
N LYS E 392 2.79 40.40 -16.17
CA LYS E 392 3.86 40.05 -17.10
C LYS E 392 4.78 39.00 -16.48
N ALA E 393 4.20 37.82 -16.23
CA ALA E 393 4.88 36.80 -15.43
C ALA E 393 6.19 36.35 -16.07
N PHE E 394 6.15 35.97 -17.35
CA PHE E 394 7.33 35.45 -18.00
C PHE E 394 7.49 35.97 -19.42
N LEU E 395 6.93 37.15 -19.73
CA LEU E 395 6.88 37.61 -21.11
C LEU E 395 8.24 38.00 -21.65
N HIS E 396 9.22 38.29 -20.78
CA HIS E 396 10.52 38.75 -21.29
C HIS E 396 11.24 37.63 -22.05
N TRP E 397 11.10 36.38 -21.57
CA TRP E 397 11.72 35.25 -22.27
C TRP E 397 11.17 35.12 -23.69
N TYR E 398 9.87 35.28 -23.84
CA TYR E 398 9.26 35.12 -25.16
C TYR E 398 9.53 36.32 -26.05
N THR E 399 9.56 37.53 -25.47
CA THR E 399 9.86 38.70 -26.26
C THR E 399 11.33 38.74 -26.68
N GLY E 400 12.21 38.03 -25.95
CA GLY E 400 13.60 37.95 -26.35
C GLY E 400 13.81 37.30 -27.70
N GLU E 401 12.86 36.49 -28.14
CA GLU E 401 12.91 35.87 -29.47
C GLU E 401 12.26 36.74 -30.54
N GLY E 402 11.79 37.93 -30.19
CA GLY E 402 11.19 38.84 -31.13
C GLY E 402 9.69 38.76 -31.24
N MET E 403 9.04 37.80 -30.58
CA MET E 403 7.59 37.69 -30.63
C MET E 403 6.95 38.85 -29.88
N ASP E 404 5.97 39.49 -30.52
CA ASP E 404 5.36 40.69 -29.96
C ASP E 404 4.40 40.36 -28.84
N GLU E 405 4.24 41.30 -27.90
CA GLU E 405 3.29 41.13 -26.81
C GLU E 405 1.86 41.12 -27.32
N MET E 406 1.59 41.82 -28.42
CA MET E 406 0.22 41.90 -28.94
C MET E 406 -0.34 40.54 -29.31
N GLU E 407 0.53 39.59 -29.64
CA GLU E 407 0.05 38.25 -29.98
C GLU E 407 -0.64 37.60 -28.78
N PHE E 408 -0.13 37.84 -27.58
CA PHE E 408 -0.75 37.27 -26.38
C PHE E 408 -2.17 37.78 -26.21
N THR E 409 -2.38 39.09 -26.39
CA THR E 409 -3.71 39.66 -26.21
C THR E 409 -4.70 39.10 -27.23
N GLU E 410 -4.27 38.97 -28.49
CA GLU E 410 -5.16 38.42 -29.51
C GLU E 410 -5.52 36.98 -29.21
N ALA E 411 -4.54 36.17 -28.80
CA ALA E 411 -4.80 34.77 -28.50
C ALA E 411 -5.78 34.61 -27.35
N GLU E 412 -5.66 35.46 -26.33
CA GLU E 412 -6.59 35.40 -25.21
C GLU E 412 -8.02 35.71 -25.67
N SER E 413 -8.17 36.68 -26.56
CA SER E 413 -9.49 36.99 -27.10
C SER E 413 -10.06 35.82 -27.89
N ASN E 414 -9.23 35.20 -28.74
CA ASN E 414 -9.67 33.99 -29.44
C ASN E 414 -9.97 32.87 -28.46
N MET E 415 -9.22 32.80 -27.36
CA MET E 415 -9.57 31.87 -26.29
C MET E 415 -10.97 32.16 -25.76
N ASN E 416 -11.28 33.44 -25.55
CA ASN E 416 -12.63 33.81 -25.11
C ASN E 416 -13.65 33.45 -26.17
N ASP E 417 -13.33 33.68 -27.44
CA ASP E 417 -14.26 33.36 -28.52
C ASP E 417 -14.59 31.87 -28.56
N LEU E 418 -13.57 31.03 -28.40
CA LEU E 418 -13.81 29.58 -28.36
C LEU E 418 -14.69 29.21 -27.18
N VAL E 419 -14.42 29.79 -26.01
CA VAL E 419 -15.25 29.52 -24.83
C VAL E 419 -16.65 30.07 -25.05
N SER E 420 -16.76 31.28 -25.60
CA SER E 420 -18.06 31.93 -25.76
C SER E 420 -18.97 31.12 -26.67
N GLU E 421 -18.44 30.66 -27.80
CA GLU E 421 -19.26 29.87 -28.72
C GLU E 421 -19.64 28.52 -28.10
N TYR E 422 -18.72 27.91 -27.36
CA TYR E 422 -19.09 26.73 -26.59
C TYR E 422 -20.12 27.09 -25.53
N GLN E 423 -19.96 28.23 -24.88
CA GLN E 423 -20.97 28.71 -23.95
C GLN E 423 -22.24 29.16 -24.67
N GLN E 424 -22.10 29.56 -25.94
CA GLN E 424 -23.27 29.96 -26.71
C GLN E 424 -24.27 28.82 -26.85
N TYR E 425 -23.77 27.61 -27.11
CA TYR E 425 -24.62 26.43 -27.18
C TYR E 425 -24.74 25.71 -25.85
N GLN E 426 -23.99 26.13 -24.84
CA GLN E 426 -24.16 25.57 -23.50
C GLN E 426 -25.43 26.13 -22.88
N GLU E 427 -26.28 25.23 -22.39
CA GLU E 427 -27.54 25.63 -21.76
C GLU E 427 -27.81 24.79 -20.53
N THR F 214 31.70 2.21 -11.36
CA THR F 214 30.46 1.54 -11.73
C THR F 214 29.84 2.16 -12.98
N SER F 215 28.52 2.22 -13.01
CA SER F 215 27.79 2.76 -14.15
C SER F 215 26.42 3.21 -13.67
N PRO F 216 25.77 4.14 -14.37
CA PRO F 216 24.41 4.54 -13.99
C PRO F 216 23.45 3.36 -14.04
N ILE F 217 22.50 3.36 -13.11
CA ILE F 217 21.54 2.27 -12.98
C ILE F 217 20.25 2.68 -13.69
N GLY F 218 19.91 1.96 -14.76
CA GLY F 218 18.68 2.20 -15.48
C GLY F 218 17.56 1.32 -14.94
N ARG F 219 16.44 1.95 -14.59
CA ARG F 219 15.32 1.25 -14.00
C ARG F 219 14.26 0.97 -15.07
N ASN F 220 13.87 -0.30 -15.19
CA ASN F 220 12.82 -0.66 -16.14
C ASN F 220 11.42 -0.48 -15.55
N ARG F 221 11.31 -0.26 -14.25
CA ARG F 221 9.99 -0.05 -13.64
C ARG F 221 9.26 1.15 -14.23
N PRO F 222 9.87 2.32 -14.40
CA PRO F 222 9.16 3.40 -15.11
C PRO F 222 8.80 3.04 -16.54
N ARG F 223 9.61 2.23 -17.20
CA ARG F 223 9.32 1.80 -18.56
C ARG F 223 8.39 0.60 -18.61
N HIS F 224 8.03 0.03 -17.46
CA HIS F 224 7.17 -1.13 -17.43
C HIS F 224 5.76 -0.78 -17.91
N ASP F 225 5.13 -1.74 -18.60
CA ASP F 225 3.77 -1.61 -19.11
C ASP F 225 2.94 -2.73 -18.49
N SER F 226 2.23 -2.39 -17.41
CA SER F 226 1.41 -3.37 -16.70
C SER F 226 -0.01 -3.44 -17.20
N VAL F 227 -0.52 -2.35 -17.79
CA VAL F 227 -1.90 -2.35 -18.29
C VAL F 227 -2.01 -3.22 -19.53
N ALA F 228 -0.89 -3.51 -20.19
CA ALA F 228 -0.92 -4.36 -21.38
C ALA F 228 -1.55 -5.71 -21.09
N ASP F 229 -1.15 -6.34 -19.99
CA ASP F 229 -1.85 -7.54 -19.53
C ASP F 229 -3.25 -7.20 -19.07
N LEU F 230 -3.40 -6.07 -18.37
CA LEU F 230 -4.68 -5.70 -17.79
C LEU F 230 -5.73 -5.42 -18.85
N MET F 231 -5.34 -4.69 -19.92
CA MET F 231 -6.29 -4.39 -20.98
C MET F 231 -6.63 -5.64 -21.78
N ARG F 232 -5.70 -6.58 -21.87
CA ARG F 232 -5.91 -7.83 -22.60
C ARG F 232 -6.83 -8.73 -21.78
N GLN F 233 -8.01 -9.04 -22.33
CA GLN F 233 -8.97 -9.87 -21.61
C GLN F 233 -8.40 -11.25 -21.32
N ASP F 234 -7.52 -11.76 -22.17
CA ASP F 234 -6.84 -13.02 -21.90
C ASP F 234 -5.99 -12.87 -20.65
N MET F 235 -6.11 -13.82 -19.73
CA MET F 235 -5.40 -13.78 -18.46
C MET F 235 -4.67 -15.10 -18.25
N LEU F 236 -3.39 -15.00 -17.88
CA LEU F 236 -2.63 -16.18 -17.49
C LEU F 236 -2.95 -16.63 -16.07
N ALA F 237 -3.85 -15.93 -15.39
CA ALA F 237 -4.25 -16.28 -14.02
C ALA F 237 -5.26 -17.43 -14.06
N GLY F 238 -5.90 -17.70 -12.93
CA GLY F 238 -6.78 -18.83 -12.79
C GLY F 238 -6.16 -20.02 -12.10
N VAL F 239 -4.89 -19.92 -11.68
CA VAL F 239 -4.20 -20.97 -10.95
C VAL F 239 -3.67 -20.38 -9.65
N ARG F 240 -3.80 -21.17 -8.58
CA ARG F 240 -3.36 -20.69 -7.26
C ARG F 240 -2.37 -21.68 -6.66
N ALA F 241 -1.43 -21.19 -5.88
CA ALA F 241 -0.44 -22.02 -5.19
C ALA F 241 -1.05 -22.59 -3.92
N GLU F 242 -0.90 -23.90 -3.72
CA GLU F 242 -1.45 -24.54 -2.54
C GLU F 242 -0.72 -24.07 -1.29
N VAL F 243 -1.48 -23.78 -0.25
CA VAL F 243 -0.91 -23.32 1.01
C VAL F 243 -0.29 -24.50 1.73
N ASP F 244 0.84 -24.26 2.40
CA ASP F 244 1.54 -25.32 3.10
C ASP F 244 0.68 -25.86 4.24
N PRO F 245 0.46 -27.18 4.31
CA PRO F 245 -0.38 -27.71 5.39
C PRO F 245 0.13 -27.40 6.78
N ASN F 246 1.46 -27.40 6.97
CA ASN F 246 2.01 -27.10 8.29
C ASN F 246 1.86 -25.63 8.65
N SER F 247 1.70 -24.76 7.65
CA SER F 247 1.52 -23.35 7.92
C SER F 247 0.18 -23.10 8.60
N PRO F 248 0.08 -22.05 9.43
CA PRO F 248 -1.20 -21.78 10.09
C PRO F 248 -2.35 -21.57 9.11
N THR F 249 -2.08 -20.92 7.97
CA THR F 249 -3.10 -20.79 6.95
C THR F 249 -3.50 -22.16 6.40
N GLY F 250 -2.53 -23.02 6.15
CA GLY F 250 -2.84 -24.37 5.69
C GLY F 250 -3.58 -25.17 6.74
N LEU F 251 -3.17 -25.07 8.00
CA LEU F 251 -3.89 -25.75 9.07
C LEU F 251 -5.34 -25.30 9.13
N LYS F 252 -5.58 -23.99 9.07
CA LYS F 252 -6.94 -23.48 9.12
C LYS F 252 -7.74 -23.96 7.92
N ASN F 253 -7.15 -23.89 6.73
CA ASN F 253 -7.86 -24.29 5.52
C ASN F 253 -8.22 -25.78 5.55
N ALA F 254 -7.31 -26.61 6.06
CA ALA F 254 -7.55 -28.04 6.07
C ALA F 254 -8.53 -28.46 7.17
N ARG F 255 -8.57 -27.69 8.26
CA ARG F 255 -9.42 -28.15 9.38
C ARG F 255 -10.71 -27.37 9.45
N ASP F 256 -10.61 -26.06 9.66
CA ASP F 256 -11.83 -25.30 9.91
C ASP F 256 -12.64 -25.14 8.62
N PHE F 257 -11.97 -24.80 7.51
CA PHE F 257 -12.64 -24.77 6.21
C PHE F 257 -12.92 -26.17 5.68
N GLY F 258 -11.96 -27.08 5.79
CA GLY F 258 -12.09 -28.39 5.17
C GLY F 258 -12.94 -29.34 5.98
N HIS F 259 -13.34 -30.46 5.37
CA HIS F 259 -14.13 -31.53 6.06
C HIS F 259 -13.82 -32.88 5.39
N ARG F 260 -13.50 -33.94 6.16
CA ARG F 260 -13.19 -35.25 5.61
C ARG F 260 -14.47 -35.96 5.17
N ARG F 261 -14.46 -36.55 3.98
CA ARG F 261 -15.74 -37.13 3.47
C ARG F 261 -16.36 -38.06 4.51
N ILE F 262 -17.69 -38.08 4.61
CA ILE F 262 -18.34 -39.03 5.57
C ILE F 262 -19.55 -39.69 4.93
N TRP F 263 -19.96 -39.25 3.74
CA TRP F 263 -21.05 -39.95 3.02
C TRP F 263 -20.81 -39.93 1.51
PG GTP G . 15.60 3.22 37.60
O1G GTP G . 16.83 3.56 38.38
O2G GTP G . 15.56 1.78 37.20
O3G GTP G . 15.36 4.16 36.45
O3B GTP G . 14.35 3.43 38.58
PB GTP G . 12.90 2.83 38.29
O1B GTP G . 11.88 3.46 39.15
O2B GTP G . 12.73 2.77 36.82
O3A GTP G . 13.07 1.33 38.79
PA GTP G . 12.08 0.16 38.33
O1A GTP G . 12.93 -0.98 37.88
O2A GTP G . 11.08 0.72 37.38
O5' GTP G . 11.36 -0.20 39.71
C5' GTP G . 11.92 -1.23 40.55
C4' GTP G . 11.13 -2.50 40.37
O4' GTP G . 11.43 -3.08 39.08
C3' GTP G . 11.37 -3.61 41.40
O3' GTP G . 10.13 -4.01 41.97
C2' GTP G . 12.01 -4.74 40.56
O2' GTP G . 11.74 -6.04 41.03
C1' GTP G . 11.37 -4.48 39.22
N9 GTP G . 12.10 -5.08 38.12
C8 GTP G . 13.26 -4.62 37.56
N7 GTP G . 13.69 -5.36 36.56
C5 GTP G . 12.74 -6.37 36.46
C6 GTP G . 12.67 -7.46 35.56
O6 GTP G . 13.46 -7.76 34.66
N1 GTP G . 11.54 -8.24 35.80
C2 GTP G . 10.60 -8.00 36.77
N2 GTP G . 9.59 -8.87 36.83
N3 GTP G . 10.66 -6.98 37.62
C4 GTP G . 11.75 -6.21 37.41
N1A ACO H . 2.64 -30.46 -5.43
C2A ACO H . 2.86 -31.78 -5.59
N3A ACO H . 3.64 -32.39 -6.46
C4A ACO H . 4.28 -31.51 -7.25
C5A ACO H . 4.16 -30.14 -7.21
C6A ACO H . 3.29 -29.59 -6.24
N6A ACO H . 3.08 -28.29 -6.08
N7A ACO H . 4.96 -29.56 -8.17
C8A ACO H . 5.54 -30.57 -8.77
N9A ACO H . 5.16 -31.78 -8.25
C1B ACO H . 5.58 -33.08 -8.67
C2B ACO H . 4.82 -33.68 -9.84
O2B ACO H . 3.53 -34.13 -9.49
C3B ACO H . 5.80 -34.80 -10.20
O3B ACO H . 5.71 -35.76 -9.17
P3B ACO H . 6.91 -36.86 -9.13
O7A ACO H . 7.33 -37.14 -10.55
O8A ACO H . 6.29 -38.07 -8.47
O9A ACO H . 8.04 -36.29 -8.30
C4B ACO H . 7.12 -34.04 -10.10
O4B ACO H . 6.90 -32.99 -9.13
C5B ACO H . 7.63 -33.44 -11.38
O5B ACO H . 8.83 -34.14 -11.78
P1A ACO H . 10.21 -33.84 -11.02
O1A ACO H . 11.34 -34.32 -11.86
O2A ACO H . 10.15 -34.32 -9.61
O3A ACO H . 10.21 -32.24 -11.04
P2A ACO H . 10.58 -31.28 -12.27
O4A ACO H . 12.07 -31.22 -12.38
O5A ACO H . 9.75 -31.65 -13.44
O6A ACO H . 10.01 -29.86 -11.83
CBP ACO H . 8.53 -28.00 -12.02
CCP ACO H . 9.20 -29.13 -12.78
CDP ACO H . 8.09 -26.91 -13.00
CEP ACO H . 7.29 -28.54 -11.30
CAP ACO H . 9.55 -27.44 -11.02
OAP ACO H . 10.71 -26.97 -11.68
C9P ACO H . 9.13 -26.50 -9.91
O9P ACO H . 8.44 -26.89 -8.97
N8P ACO H . 9.55 -25.24 -10.00
C7P ACO H . 8.76 -24.10 -9.57
C6P ACO H . 7.43 -24.04 -10.29
C5P ACO H . 6.31 -24.49 -9.38
O5P ACO H . 5.74 -25.55 -9.55
N4P ACO H . 5.95 -23.64 -8.41
C3P ACO H . 5.64 -24.06 -7.05
C2P ACO H . 6.40 -23.25 -6.04
S1P ACO H . 8.18 -23.55 -6.06
C ACO H . 8.65 -22.73 -4.58
O ACO H . 7.86 -22.21 -3.83
CH3 ACO H . 10.11 -22.75 -4.34
PG G2P I . -16.61 -11.47 14.42
O1G G2P I . -16.62 -10.16 15.15
O2G G2P I . -15.76 -12.51 15.09
O3G G2P I . -16.31 -11.33 12.96
O3B G2P I . -18.11 -12.02 14.45
PB G2P I . -19.04 -12.20 15.69
O1B G2P I . -20.43 -12.47 15.24
O2B G2P I . -18.84 -11.02 16.59
C3A G2P I . -18.37 -13.68 16.51
PA G2P I . -18.93 -15.23 15.76
O1A G2P I . -19.41 -14.95 14.36
O2A G2P I . -17.82 -16.24 15.88
O5' G2P I . -20.05 -15.82 16.71
C5' G2P I . -19.70 -16.62 17.87
C4' G2P I . -20.15 -18.04 17.66
O4' G2P I . -19.66 -18.53 16.39
C3' G2P I . -19.68 -19.07 18.70
O3' G2P I . -20.80 -19.62 19.36
C2' G2P I . -18.91 -20.11 17.87
O2' G2P I . -19.08 -21.44 18.30
C1' G2P I . -19.52 -19.92 16.49
N9 G2P I . -18.65 -20.33 15.41
C8 G2P I . -17.51 -19.69 14.99
N7 G2P I . -16.93 -20.27 13.98
C5 G2P I . -17.75 -21.35 13.69
C6 G2P I . -17.62 -22.33 12.68
O6 G2P I . -16.75 -22.44 11.81
N1 G2P I . -18.68 -23.24 12.72
C2 G2P I . -19.70 -23.23 13.63
N2 G2P I . -20.61 -24.20 13.52
N3 G2P I . -19.81 -22.30 14.59
C4 G2P I . -18.81 -21.41 14.57
PG GTP J . 42.42 33.49 -2.01
O1G GTP J . 43.17 34.71 -1.60
O2G GTP J . 43.19 32.62 -2.97
O3G GTP J . 41.89 32.71 -0.84
O3B GTP J . 41.14 34.02 -2.79
PB GTP J . 40.14 35.16 -2.30
O1B GTP J . 40.95 36.38 -1.99
O2B GTP J . 39.01 35.26 -3.24
O3A GTP J . 39.60 34.53 -0.95
PA GTP J . 38.43 33.47 -0.67
O1A GTP J . 37.40 33.58 -1.73
O2A GTP J . 39.02 32.13 -0.40
O5' GTP J . 37.86 34.10 0.68
C5' GTP J . 37.42 33.25 1.75
C4' GTP J . 35.94 32.98 1.59
O4' GTP J . 35.80 31.70 0.95
C3' GTP J . 35.15 32.88 2.88
O3' GTP J . 33.78 33.20 2.67
C2' GTP J . 35.30 31.40 3.20
O2' GTP J . 34.35 30.91 4.11
C1' GTP J . 35.08 30.83 1.81
N9 GTP J . 35.60 29.49 1.63
C8 GTP J . 36.92 29.13 1.50
N7 GTP J . 37.09 27.85 1.35
C5 GTP J . 35.81 27.33 1.35
C6 GTP J . 35.37 25.99 1.22
O6 GTP J . 36.04 24.98 1.06
N1 GTP J . 33.98 25.91 1.28
C2 GTP J . 33.12 26.97 1.45
N2 GTP J . 31.82 26.68 1.47
N3 GTP J . 33.53 28.23 1.58
C4 GTP J . 34.88 28.33 1.53
PG G2P K . 11.01 18.61 -24.83
O1G G2P K . 10.93 18.32 -23.37
O2G G2P K . 11.28 17.38 -25.64
O3G G2P K . 11.92 19.75 -25.16
O3B G2P K . 9.56 19.10 -25.28
PB G2P K . 8.69 20.26 -24.65
O1B G2P K . 7.58 20.61 -25.58
O2B G2P K . 9.59 21.39 -24.23
C3A G2P K . 7.97 19.49 -23.18
PA G2P K . 7.07 18.01 -23.69
O1A G2P K . 6.16 18.40 -24.81
O2A G2P K . 8.09 16.96 -24.00
O5' G2P K . 6.16 17.59 -22.47
C5' G2P K . 5.01 18.36 -22.09
C4' G2P K . 4.31 17.70 -20.95
O4' G2P K . 3.69 16.47 -21.39
C3' G2P K . 5.18 17.24 -19.79
O3' G2P K . 5.62 18.34 -19.01
C2' G2P K . 4.22 16.27 -19.09
O2' G2P K . 3.22 16.94 -18.36
C1' G2P K . 3.59 15.59 -20.29
N9 G2P K . 4.20 14.31 -20.66
C8 G2P K . 5.53 14.04 -20.77
N7 G2P K . 5.77 12.79 -21.13
C5 G2P K . 4.51 12.23 -21.27
C6 G2P K . 4.15 10.92 -21.63
O6 G2P K . 4.89 9.97 -21.93
N1 G2P K . 2.76 10.76 -21.64
C2 G2P K . 1.85 11.74 -21.33
N2 G2P K . 0.57 11.40 -21.39
N3 G2P K . 2.19 12.98 -20.99
C4 G2P K . 3.54 13.15 -20.97
#